data_4Z7U
#
_entry.id   4Z7U
#
_cell.length_a   83.454
_cell.length_b   123.813
_cell.length_c   223.086
_cell.angle_alpha   90.00
_cell.angle_beta   90.00
_cell.angle_gamma   90.00
#
_symmetry.space_group_name_H-M   'P 21 21 21'
#
loop_
_entity.id
_entity.type
_entity.pdbx_description
1 polymer 'MHC class II HLA-DQ-alpha chain'
2 polymer 'MHC class II HLA-DQ-beta-1'
3 polymer 'T-CELL RECEPTOR, S13 ALPHA CHAIN'
4 polymer 'T-CELL RECEPTOR, S13 BETA CHAIN'
5 polymer 'deamidated DQ8-glia-alpha1 peptide'
6 branched alpha-L-fucopyranose-(1-3)-[2-acetamido-2-deoxy-beta-D-glucopyranose-(1-4)][alpha-L-fucopyranose-(1-6)]2-acetamido-2-deoxy-beta-D-glucopyranose
7 non-polymer 2-acetamido-2-deoxy-beta-D-glucopyranose
8 water water
#
loop_
_entity_poly.entity_id
_entity_poly.type
_entity_poly.pdbx_seq_one_letter_code
_entity_poly.pdbx_strand_id
1 'polypeptide(L)'
;EDIVADHVASYGVNLYQSYGPSGQYSHEFDGDEEFYVDLERKETVWQLPLFRRFRRFDPQFALTNIAVLKHNLNIVIKRS
NSTAATNEVPEVTVFSKSPVTLGQPNTLICLVDNIFPPVVNITWLSNGHSVTEGVSETSFLSKSDHSFFKISYLTFLPSA
DEIYDCKVEHWGLDEPLLKHWEPETSGDDDDK
;
A,C
2 'polypeptide(L)'
;GGSIEGRGGSGASRDSPEDFVYQFKGMCYFTNGTERVRLVTRYIYNREEYARFDSDVGVYRAVTPLGPPAAEYWNSQKEV
LERTRAELDTVCRHNYQLELRTTLQRRVEPTVTISPSRTEALNHHNLLVCSVTDFYPAQIKVRWFRNDQEETTGVVSTPL
IRNGDWTFQILVMLEMTPQRGDVYTCHVEHPSLQNPIIVEWRAQSTGGDDDDK
;
B,D
3 'polypeptide(L)'
;DAKTTQPNSMESNEEEPVHLPCNHSTISGTDYIHWYRQLPSQGPEYVIHGLTSNVNNRMASLAIAEDRKSSTLILHRATL
RDAAVYYCILRDRSNQFYFGTGTSLTVIPNIQNPDPAVYQLRDSKSSDKSVCLFTDFDSQTNVSQSKDSDVYITDKCVLD
MRSMDFKSNSAVAWSNKSDFACANAFNNSIIPEDTFFPSPESS
;
E,G
4 'polypeptide(L)'
;DSGVTQTPKHLITATGQRVTLRCSPRSGDLSVYWYQQSLDQGLQFLIQYYNGEERAKGNILERFSAQQFPDLHSELNLSS
LELGDSALYFCASSTTPGTGTETQYFGPGTRLLVLEDLKNVFPPEVAVFEPSEAEISHTQKATLVCLATGFYPDHVELSW
WVNGKEVHSGVCTDPQPLKEQPALNDSRYALSSRLRVSATFWQNPRNHFRCQVQFYGLSENDEWTQDRAKPVTQIVSAEA
WGRAD
;
F,H
5 'polypeptide(L)' APSGEGSFQPSQENPQGS I,J
#
# COMPACT_ATOMS: atom_id res chain seq x y z
N ASP A 2 14.23 -36.61 -30.99
CA ASP A 2 14.75 -37.54 -29.99
C ASP A 2 15.64 -38.64 -30.62
N ILE A 3 16.68 -39.08 -29.85
CA ILE A 3 17.66 -40.12 -30.20
C ILE A 3 17.58 -41.30 -29.20
N VAL A 4 17.51 -42.55 -29.72
CA VAL A 4 17.45 -43.77 -28.90
C VAL A 4 18.80 -44.56 -28.98
N ALA A 5 19.23 -45.11 -27.82
CA ALA A 5 20.51 -45.81 -27.62
C ALA A 5 20.50 -46.68 -26.37
N ASP A 6 21.47 -47.62 -26.25
CA ASP A 6 21.60 -48.46 -25.07
C ASP A 6 22.11 -47.64 -23.91
N HIS A 7 22.92 -46.61 -24.23
CA HIS A 7 23.59 -45.70 -23.30
C HIS A 7 23.68 -44.28 -23.81
N VAL A 8 23.44 -43.35 -22.88
CA VAL A 8 23.54 -41.93 -23.13
C VAL A 8 24.43 -41.33 -22.06
N ALA A 9 25.45 -40.63 -22.55
CA ALA A 9 26.40 -39.91 -21.73
C ALA A 9 26.57 -38.50 -22.22
N SER A 10 26.69 -37.59 -21.26
CA SER A 10 26.97 -36.19 -21.46
C SER A 10 28.40 -35.97 -20.93
N TYR A 11 29.33 -35.66 -21.84
CA TYR A 11 30.76 -35.47 -21.56
C TYR A 11 31.27 -34.08 -22.03
N GLY A 12 30.72 -32.98 -21.52
CA GLY A 12 29.70 -33.01 -20.49
C GLY A 12 28.67 -31.91 -20.54
N VAL A 13 28.11 -31.64 -19.35
CA VAL A 13 27.08 -30.64 -19.12
C VAL A 13 27.79 -29.36 -18.70
N ASN A 14 27.68 -28.35 -19.56
CA ASN A 14 28.32 -27.05 -19.37
C ASN A 14 27.24 -26.03 -19.18
N LEU A 15 27.25 -25.37 -18.04
CA LEU A 15 26.25 -24.39 -17.71
C LEU A 15 26.92 -23.08 -17.27
N TYR A 16 26.40 -21.94 -17.75
CA TYR A 16 26.85 -20.60 -17.37
C TYR A 16 25.69 -19.65 -17.49
N GLN A 17 25.45 -18.87 -16.43
CA GLN A 17 24.35 -17.94 -16.36
C GLN A 17 24.76 -16.61 -15.74
N SER A 18 24.10 -15.53 -16.19
CA SER A 18 24.30 -14.14 -15.75
C SER A 18 24.07 -13.93 -14.22
N TYR A 19 23.11 -14.65 -13.61
CA TYR A 19 22.81 -14.53 -12.18
C TYR A 19 23.94 -15.14 -11.36
N GLY A 20 24.69 -14.25 -10.72
CA GLY A 20 25.87 -14.56 -9.92
C GLY A 20 27.01 -13.66 -10.37
N PRO A 21 27.63 -13.92 -11.56
CA PRO A 21 27.37 -15.01 -12.51
C PRO A 21 27.80 -16.35 -11.93
N SER A 22 27.22 -17.43 -12.47
CA SER A 22 27.52 -18.79 -12.00
C SER A 22 27.58 -19.80 -13.15
N GLY A 23 28.40 -20.84 -12.93
CA GLY A 23 28.60 -21.92 -13.87
C GLY A 23 28.60 -23.29 -13.22
N GLN A 24 28.42 -24.32 -14.04
CA GLN A 24 28.47 -25.70 -13.59
C GLN A 24 29.09 -26.52 -14.67
N TYR A 25 30.03 -27.42 -14.29
CA TYR A 25 30.65 -28.39 -15.20
C TYR A 25 30.58 -29.76 -14.56
N SER A 26 30.01 -30.72 -15.30
CA SER A 26 29.81 -32.10 -14.88
C SER A 26 29.74 -33.08 -16.08
N HIS A 27 29.95 -34.37 -15.80
CA HIS A 27 29.78 -35.48 -16.74
C HIS A 27 28.71 -36.42 -16.17
N GLU A 28 27.82 -36.89 -17.03
CA GLU A 28 26.75 -37.80 -16.67
C GLU A 28 26.81 -39.07 -17.49
N PHE A 29 26.30 -40.18 -16.94
CA PHE A 29 26.20 -41.44 -17.67
C PHE A 29 24.92 -42.14 -17.27
N ASP A 30 24.04 -42.39 -18.27
CA ASP A 30 22.75 -43.06 -18.11
C ASP A 30 21.88 -42.39 -17.04
N GLY A 31 21.95 -41.06 -16.98
CA GLY A 31 21.18 -40.18 -16.11
C GLY A 31 21.74 -39.88 -14.73
N ASP A 32 22.92 -40.44 -14.42
CA ASP A 32 23.58 -40.25 -13.13
C ASP A 32 24.87 -39.48 -13.33
N GLU A 33 25.18 -38.59 -12.40
CA GLU A 33 26.36 -37.72 -12.44
C GLU A 33 27.58 -38.49 -11.99
N GLU A 34 28.60 -38.54 -12.86
CA GLU A 34 29.88 -39.19 -12.56
C GLU A 34 30.73 -38.29 -11.67
N PHE A 35 30.88 -37.01 -12.07
CA PHE A 35 31.64 -36.01 -11.35
C PHE A 35 31.16 -34.62 -11.66
N TYR A 36 31.67 -33.65 -10.90
CA TYR A 36 31.50 -32.23 -11.13
C TYR A 36 32.85 -31.54 -10.85
N VAL A 37 33.07 -30.37 -11.45
CA VAL A 37 34.26 -29.58 -11.19
C VAL A 37 33.86 -28.39 -10.31
N ASP A 38 34.56 -28.25 -9.18
CA ASP A 38 34.41 -27.13 -8.27
C ASP A 38 35.20 -26.01 -8.97
N LEU A 39 34.49 -25.11 -9.64
CA LEU A 39 35.09 -24.06 -10.47
C LEU A 39 35.85 -23.00 -9.64
N GLU A 40 35.61 -22.95 -8.31
CA GLU A 40 36.30 -22.02 -7.42
C GLU A 40 37.55 -22.65 -6.90
N ARG A 41 37.47 -23.92 -6.54
CA ARG A 41 38.61 -24.66 -6.02
C ARG A 41 39.46 -25.29 -7.14
N LYS A 42 38.97 -25.25 -8.40
CA LYS A 42 39.62 -25.85 -9.60
C LYS A 42 39.96 -27.33 -9.29
N GLU A 43 38.93 -28.11 -8.89
CA GLU A 43 39.03 -29.49 -8.42
C GLU A 43 37.89 -30.36 -8.95
N THR A 44 38.23 -31.58 -9.38
CA THR A 44 37.28 -32.57 -9.88
C THR A 44 36.77 -33.38 -8.70
N VAL A 45 35.45 -33.42 -8.55
CA VAL A 45 34.84 -34.17 -7.46
C VAL A 45 34.05 -35.35 -8.05
N TRP A 46 34.60 -36.57 -7.92
CA TRP A 46 33.95 -37.80 -8.42
C TRP A 46 32.92 -38.27 -7.41
N GLN A 47 31.79 -38.79 -7.92
CA GLN A 47 30.61 -39.17 -7.13
C GLN A 47 30.60 -40.63 -6.61
N LEU A 48 31.61 -41.45 -6.93
CA LEU A 48 31.68 -42.83 -6.44
C LEU A 48 33.09 -43.17 -6.02
N PRO A 49 33.28 -44.03 -4.97
CA PRO A 49 34.64 -44.43 -4.57
C PRO A 49 35.45 -45.07 -5.68
N LEU A 50 34.77 -45.82 -6.57
CA LEU A 50 35.36 -46.51 -7.73
C LEU A 50 35.98 -45.52 -8.69
N PHE A 51 35.22 -44.46 -9.05
CA PHE A 51 35.62 -43.37 -9.93
C PHE A 51 36.81 -42.62 -9.33
N ARG A 52 36.73 -42.30 -8.02
CA ARG A 52 37.81 -41.64 -7.29
C ARG A 52 39.09 -42.48 -7.39
N ARG A 53 38.96 -43.84 -7.31
CA ARG A 53 40.11 -44.78 -7.33
C ARG A 53 40.63 -45.13 -8.74
N PHE A 54 39.82 -44.99 -9.79
CA PHE A 54 40.30 -45.42 -11.11
C PHE A 54 40.15 -44.42 -12.25
N ARG A 55 39.52 -43.28 -12.01
CA ARG A 55 39.30 -42.32 -13.08
C ARG A 55 39.93 -40.97 -12.79
N ARG A 56 40.19 -40.18 -13.86
CA ARG A 56 40.80 -38.86 -13.71
C ARG A 56 40.34 -37.86 -14.81
N PHE A 57 39.93 -36.65 -14.41
CA PHE A 57 39.58 -35.59 -15.36
C PHE A 57 40.36 -34.34 -15.00
N ASP A 58 41.07 -33.70 -15.99
CA ASP A 58 41.84 -32.47 -15.74
C ASP A 58 40.87 -31.31 -15.59
N PRO A 59 40.73 -30.73 -14.37
CA PRO A 59 39.70 -29.69 -14.15
C PRO A 59 39.89 -28.48 -15.01
N GLN A 60 41.11 -28.29 -15.53
CA GLN A 60 41.53 -27.14 -16.33
C GLN A 60 40.65 -27.00 -17.63
N PHE A 61 40.11 -28.12 -18.14
CA PHE A 61 39.25 -28.20 -19.32
C PHE A 61 37.83 -27.73 -19.04
N ALA A 62 37.37 -27.87 -17.80
CA ALA A 62 36.05 -27.40 -17.39
C ALA A 62 36.06 -25.90 -17.38
N LEU A 63 37.07 -25.33 -16.72
CA LEU A 63 37.23 -23.91 -16.55
C LEU A 63 37.33 -23.20 -17.87
N THR A 64 38.11 -23.78 -18.80
CA THR A 64 38.31 -23.22 -20.14
C THR A 64 37.00 -23.29 -20.89
N ASN A 65 36.25 -24.39 -20.75
CA ASN A 65 34.96 -24.54 -21.42
C ASN A 65 33.99 -23.48 -20.97
N ILE A 66 33.87 -23.25 -19.64
CA ILE A 66 32.95 -22.30 -19.05
C ILE A 66 33.34 -20.89 -19.51
N ALA A 67 34.65 -20.62 -19.71
CA ALA A 67 35.15 -19.32 -20.18
C ALA A 67 34.59 -18.99 -21.58
N VAL A 68 34.46 -20.01 -22.44
CA VAL A 68 33.93 -19.90 -23.81
C VAL A 68 32.43 -19.70 -23.74
N LEU A 69 31.76 -20.38 -22.79
CA LEU A 69 30.30 -20.23 -22.57
C LEU A 69 29.97 -18.81 -22.22
N LYS A 70 30.81 -18.20 -21.35
CA LYS A 70 30.68 -16.83 -20.88
C LYS A 70 30.76 -15.88 -22.06
N HIS A 71 31.70 -16.14 -22.98
CA HIS A 71 31.87 -15.34 -24.21
C HIS A 71 30.63 -15.52 -25.12
N ASN A 72 30.19 -16.79 -25.32
CA ASN A 72 29.05 -17.13 -26.16
C ASN A 72 27.79 -16.48 -25.66
N LEU A 73 27.50 -16.57 -24.34
CA LEU A 73 26.29 -15.99 -23.72
C LEU A 73 26.16 -14.51 -24.04
N ASN A 74 27.29 -13.78 -23.92
CA ASN A 74 27.38 -12.34 -24.17
C ASN A 74 26.93 -11.97 -25.60
N ILE A 75 27.32 -12.75 -26.59
CA ILE A 75 27.02 -12.61 -28.02
C ILE A 75 25.54 -12.89 -28.27
N VAL A 76 25.06 -14.06 -27.76
CA VAL A 76 23.69 -14.51 -27.98
C VAL A 76 22.70 -13.57 -27.26
N ILE A 77 23.06 -12.96 -26.11
CA ILE A 77 22.17 -11.99 -25.46
C ILE A 77 21.87 -10.87 -26.45
N LYS A 78 22.92 -10.34 -27.13
CA LYS A 78 22.77 -9.28 -28.15
C LYS A 78 21.92 -9.76 -29.32
N ARG A 79 22.20 -10.98 -29.85
CA ARG A 79 21.47 -11.59 -30.97
C ARG A 79 19.96 -11.79 -30.67
N SER A 80 19.62 -12.24 -29.44
CA SER A 80 18.23 -12.49 -29.02
C SER A 80 17.51 -11.20 -28.58
N ASN A 81 18.17 -10.03 -28.70
CA ASN A 81 17.66 -8.71 -28.28
C ASN A 81 17.29 -8.76 -26.77
N SER A 82 18.20 -9.33 -25.96
CA SER A 82 18.14 -9.49 -24.51
C SER A 82 16.87 -10.23 -24.01
N THR A 83 16.62 -11.43 -24.55
CA THR A 83 15.50 -12.30 -24.15
C THR A 83 15.91 -13.07 -22.89
N ALA A 84 15.26 -12.75 -21.77
CA ALA A 84 15.55 -13.41 -20.50
C ALA A 84 14.88 -14.79 -20.42
N ALA A 85 15.33 -15.59 -19.42
CA ALA A 85 14.77 -16.90 -19.14
C ALA A 85 13.39 -16.76 -18.49
N THR A 86 12.52 -17.73 -18.80
CA THR A 86 11.17 -17.89 -18.26
C THR A 86 11.29 -18.80 -17.04
N ASN A 87 10.59 -18.46 -15.95
CA ASN A 87 10.63 -19.24 -14.73
C ASN A 87 9.62 -20.37 -14.78
N GLU A 88 10.08 -21.59 -14.52
CA GLU A 88 9.26 -22.81 -14.55
C GLU A 88 8.80 -23.18 -13.15
N VAL A 89 7.69 -23.95 -13.05
CA VAL A 89 7.21 -24.38 -11.74
C VAL A 89 7.82 -25.73 -11.43
N PRO A 90 8.63 -25.86 -10.37
CA PRO A 90 9.27 -27.15 -10.09
C PRO A 90 8.29 -28.13 -9.45
N GLU A 91 8.57 -29.43 -9.57
CA GLU A 91 7.78 -30.55 -9.02
C GLU A 91 8.62 -31.26 -7.94
N VAL A 92 8.17 -31.17 -6.68
CA VAL A 92 8.87 -31.71 -5.52
C VAL A 92 8.19 -33.00 -5.02
N THR A 93 9.01 -34.04 -4.77
CA THR A 93 8.63 -35.38 -4.28
C THR A 93 9.56 -35.83 -3.15
N VAL A 94 9.01 -36.25 -2.00
CA VAL A 94 9.80 -36.77 -0.87
C VAL A 94 9.45 -38.24 -0.70
N PHE A 95 10.50 -39.08 -0.58
CA PHE A 95 10.41 -40.52 -0.40
C PHE A 95 11.68 -41.05 0.27
N SER A 96 11.60 -42.18 0.96
CA SER A 96 12.74 -42.79 1.63
C SER A 96 13.61 -43.59 0.66
N LYS A 97 14.90 -43.75 1.01
CA LYS A 97 15.92 -44.49 0.26
C LYS A 97 15.68 -45.98 0.31
N SER A 98 15.21 -46.50 1.45
CA SER A 98 14.92 -47.90 1.72
C SER A 98 13.70 -48.01 2.65
N PRO A 99 13.11 -49.23 2.91
CA PRO A 99 11.93 -49.32 3.79
C PRO A 99 12.18 -48.81 5.23
N VAL A 100 11.21 -48.05 5.74
CA VAL A 100 11.24 -47.37 7.05
C VAL A 100 11.07 -48.37 8.21
N THR A 101 12.10 -48.43 9.06
CA THR A 101 12.15 -49.24 10.28
C THR A 101 12.51 -48.29 11.40
N LEU A 102 11.66 -48.23 12.43
CA LEU A 102 11.82 -47.36 13.60
C LEU A 102 13.10 -47.70 14.37
N GLY A 103 14.00 -46.72 14.42
CA GLY A 103 15.30 -46.83 15.08
C GLY A 103 16.41 -47.34 14.17
N GLN A 104 16.19 -47.30 12.84
CA GLN A 104 17.17 -47.77 11.87
C GLN A 104 17.51 -46.67 10.86
N PRO A 105 18.76 -46.16 10.92
CA PRO A 105 19.20 -45.07 10.01
C PRO A 105 18.80 -45.27 8.55
N ASN A 106 18.15 -44.24 8.01
CA ASN A 106 17.62 -44.20 6.65
C ASN A 106 18.00 -42.86 5.99
N THR A 107 17.48 -42.60 4.78
CA THR A 107 17.73 -41.36 4.03
C THR A 107 16.44 -40.91 3.36
N LEU A 108 16.09 -39.66 3.60
CA LEU A 108 14.96 -39.06 2.94
C LEU A 108 15.47 -38.42 1.67
N ILE A 109 14.86 -38.77 0.53
CA ILE A 109 15.23 -38.25 -0.78
C ILE A 109 14.17 -37.23 -1.23
N CYS A 110 14.62 -36.01 -1.59
CA CYS A 110 13.76 -34.92 -2.08
C CYS A 110 14.10 -34.60 -3.51
N LEU A 111 13.28 -35.05 -4.45
CA LEU A 111 13.49 -34.81 -5.87
C LEU A 111 12.80 -33.53 -6.30
N VAL A 112 13.57 -32.58 -6.87
CA VAL A 112 13.05 -31.30 -7.37
C VAL A 112 13.24 -31.31 -8.88
N ASP A 113 12.14 -31.41 -9.61
CA ASP A 113 12.19 -31.54 -11.06
C ASP A 113 11.54 -30.35 -11.75
N ASN A 114 11.96 -30.07 -12.99
CA ASN A 114 11.54 -28.99 -13.87
C ASN A 114 12.14 -27.67 -13.37
N ILE A 115 13.38 -27.72 -12.92
CA ILE A 115 14.09 -26.53 -12.46
C ILE A 115 14.52 -25.72 -13.67
N PHE A 116 14.05 -24.47 -13.74
CA PHE A 116 14.42 -23.49 -14.76
C PHE A 116 13.99 -22.07 -14.35
N PRO A 117 14.97 -21.16 -14.22
CA PRO A 117 16.42 -21.32 -14.47
C PRO A 117 17.10 -22.16 -13.39
N PRO A 118 18.35 -22.65 -13.64
CA PRO A 118 19.05 -23.46 -12.60
C PRO A 118 19.56 -22.66 -11.38
N VAL A 119 18.61 -22.10 -10.58
CA VAL A 119 18.82 -21.34 -9.33
C VAL A 119 17.77 -21.86 -8.33
N VAL A 120 18.20 -22.53 -7.25
CA VAL A 120 17.24 -23.11 -6.32
C VAL A 120 17.82 -23.18 -4.90
N ASN A 121 16.93 -23.13 -3.90
CA ASN A 121 17.24 -23.29 -2.49
C ASN A 121 16.41 -24.45 -1.97
N ILE A 122 17.06 -25.59 -1.66
CA ILE A 122 16.42 -26.77 -1.10
C ILE A 122 16.92 -26.94 0.33
N THR A 123 15.99 -26.95 1.31
CA THR A 123 16.31 -27.10 2.73
C THR A 123 15.38 -28.09 3.42
N TRP A 124 15.79 -28.58 4.60
CA TRP A 124 14.96 -29.54 5.33
C TRP A 124 14.46 -28.99 6.67
N LEU A 125 13.35 -29.55 7.14
CA LEU A 125 12.78 -29.20 8.42
C LEU A 125 12.39 -30.45 9.18
N SER A 126 12.71 -30.48 10.48
CA SER A 126 12.33 -31.54 11.43
C SER A 126 11.52 -30.89 12.53
N ASN A 127 10.22 -31.22 12.60
CA ASN A 127 9.24 -30.66 13.54
C ASN A 127 9.19 -29.12 13.37
N GLY A 128 9.20 -28.67 12.11
CA GLY A 128 9.09 -27.28 11.73
C GLY A 128 10.35 -26.43 11.72
N HIS A 129 11.42 -26.89 12.38
CA HIS A 129 12.70 -26.16 12.46
C HIS A 129 13.71 -26.67 11.44
N SER A 130 14.55 -25.76 10.93
CA SER A 130 15.58 -26.03 9.94
C SER A 130 16.56 -27.12 10.37
N VAL A 131 17.09 -27.88 9.38
CA VAL A 131 18.05 -28.97 9.57
C VAL A 131 19.17 -28.81 8.56
N THR A 132 20.41 -28.75 9.07
CA THR A 132 21.63 -28.64 8.27
C THR A 132 22.48 -29.91 8.44
N GLU A 133 22.42 -30.53 9.64
CA GLU A 133 23.12 -31.76 9.99
C GLU A 133 22.62 -32.93 9.12
N GLY A 134 23.53 -33.60 8.43
CA GLY A 134 23.22 -34.75 7.57
C GLY A 134 22.53 -34.43 6.26
N VAL A 135 22.71 -33.19 5.75
CA VAL A 135 22.10 -32.77 4.50
C VAL A 135 23.19 -32.71 3.44
N SER A 136 22.83 -33.13 2.22
CA SER A 136 23.69 -33.12 1.03
C SER A 136 22.83 -33.13 -0.20
N GLU A 137 23.35 -32.68 -1.34
CA GLU A 137 22.59 -32.69 -2.59
C GLU A 137 23.44 -32.93 -3.82
N THR A 138 22.80 -33.33 -4.92
CA THR A 138 23.43 -33.54 -6.22
C THR A 138 23.64 -32.18 -6.87
N SER A 139 24.27 -32.14 -8.03
CA SER A 139 24.41 -30.91 -8.80
C SER A 139 23.15 -30.82 -9.63
N PHE A 140 23.01 -29.80 -10.50
CA PHE A 140 21.86 -29.74 -11.39
C PHE A 140 22.08 -30.80 -12.44
N LEU A 141 21.10 -31.71 -12.60
CA LEU A 141 21.20 -32.80 -13.57
C LEU A 141 20.34 -32.44 -14.76
N SER A 142 20.88 -32.60 -15.97
CA SER A 142 20.23 -32.18 -17.20
C SER A 142 19.00 -33.00 -17.56
N LYS A 143 18.18 -32.44 -18.45
CA LYS A 143 17.00 -33.03 -19.01
C LYS A 143 16.95 -32.72 -20.50
N SER A 144 16.33 -33.60 -21.27
CA SER A 144 16.16 -33.47 -22.72
C SER A 144 15.46 -32.16 -23.10
N ASP A 145 14.50 -31.68 -22.24
CA ASP A 145 13.72 -30.45 -22.44
C ASP A 145 14.52 -29.17 -22.09
N HIS A 146 15.76 -29.34 -21.62
CA HIS A 146 16.74 -28.31 -21.25
C HIS A 146 16.41 -27.62 -19.92
N SER A 147 15.62 -28.29 -19.10
CA SER A 147 15.39 -27.90 -17.74
C SER A 147 16.31 -28.83 -16.90
N PHE A 148 16.31 -28.69 -15.58
CA PHE A 148 17.18 -29.51 -14.76
C PHE A 148 16.42 -30.21 -13.68
N PHE A 149 17.12 -31.07 -12.94
CA PHE A 149 16.57 -31.69 -11.73
C PHE A 149 17.69 -31.80 -10.70
N LYS A 150 17.35 -31.54 -9.44
CA LYS A 150 18.26 -31.66 -8.31
C LYS A 150 17.66 -32.60 -7.29
N ILE A 151 18.52 -33.40 -6.64
CA ILE A 151 18.05 -34.31 -5.60
C ILE A 151 18.76 -33.92 -4.30
N SER A 152 17.99 -33.80 -3.20
CA SER A 152 18.51 -33.46 -1.88
C SER A 152 18.29 -34.63 -0.94
N TYR A 153 19.26 -34.90 -0.06
CA TYR A 153 19.20 -36.01 0.87
C TYR A 153 19.27 -35.54 2.30
N LEU A 154 18.68 -36.33 3.21
CA LEU A 154 18.70 -36.09 4.66
C LEU A 154 18.79 -37.42 5.40
N THR A 155 19.91 -37.65 6.09
CA THR A 155 20.10 -38.86 6.90
C THR A 155 19.32 -38.64 8.22
N PHE A 156 18.50 -39.61 8.61
CA PHE A 156 17.66 -39.49 9.78
C PHE A 156 17.42 -40.85 10.47
N LEU A 157 17.01 -40.81 11.75
CA LEU A 157 16.66 -41.99 12.55
C LEU A 157 15.13 -41.99 12.69
N PRO A 158 14.43 -42.89 11.95
CA PRO A 158 12.95 -42.91 11.99
C PRO A 158 12.36 -43.08 13.38
N SER A 159 11.44 -42.18 13.76
CA SER A 159 10.82 -42.19 15.09
C SER A 159 9.44 -41.57 15.11
N ALA A 160 8.62 -41.98 16.08
CA ALA A 160 7.32 -41.39 16.34
C ALA A 160 7.60 -40.01 16.95
N ASP A 161 6.71 -39.02 16.70
CA ASP A 161 6.79 -37.60 17.10
C ASP A 161 7.95 -36.88 16.34
N GLU A 162 8.27 -37.35 15.11
CA GLU A 162 9.32 -36.74 14.28
C GLU A 162 8.84 -36.55 12.81
N ILE A 163 8.09 -35.45 12.55
CA ILE A 163 7.56 -35.09 11.22
C ILE A 163 8.65 -34.36 10.42
N TYR A 164 8.75 -34.65 9.10
CA TYR A 164 9.76 -34.07 8.20
C TYR A 164 9.14 -33.26 7.05
N ASP A 165 9.89 -32.26 6.55
CA ASP A 165 9.50 -31.38 5.45
C ASP A 165 10.67 -31.06 4.52
N CYS A 166 10.36 -30.83 3.23
CA CYS A 166 11.37 -30.43 2.26
C CYS A 166 10.97 -29.07 1.71
N LYS A 167 11.68 -28.01 2.11
CA LYS A 167 11.39 -26.64 1.70
C LYS A 167 12.16 -26.28 0.43
N VAL A 168 11.40 -25.93 -0.62
CA VAL A 168 11.95 -25.54 -1.91
C VAL A 168 11.58 -24.07 -2.19
N GLU A 169 12.61 -23.25 -2.57
CA GLU A 169 12.49 -21.85 -2.98
C GLU A 169 13.02 -21.72 -4.41
N HIS A 170 12.19 -21.17 -5.28
CA HIS A 170 12.48 -20.92 -6.70
C HIS A 170 11.60 -19.75 -7.14
N TRP A 171 12.07 -18.94 -8.11
CA TRP A 171 11.36 -17.79 -8.65
C TRP A 171 10.11 -18.19 -9.44
N GLY A 172 10.04 -19.46 -9.85
CA GLY A 172 8.90 -20.01 -10.56
C GLY A 172 7.71 -20.21 -9.66
N LEU A 173 7.96 -20.28 -8.33
CA LEU A 173 6.93 -20.43 -7.28
C LEU A 173 6.46 -19.06 -6.73
N ASP A 174 5.22 -19.02 -6.23
CA ASP A 174 4.62 -17.84 -5.65
C ASP A 174 4.89 -17.78 -4.13
N GLU A 175 5.29 -18.93 -3.56
CA GLU A 175 5.59 -19.13 -2.14
C GLU A 175 6.46 -20.39 -2.00
N PRO A 176 7.32 -20.50 -0.94
CA PRO A 176 8.18 -21.69 -0.81
C PRO A 176 7.40 -23.00 -0.64
N LEU A 177 7.62 -23.94 -1.57
CA LEU A 177 6.97 -25.26 -1.59
C LEU A 177 7.45 -26.10 -0.42
N LEU A 178 6.49 -26.65 0.31
CA LEU A 178 6.76 -27.52 1.45
C LEU A 178 6.20 -28.90 1.16
N LYS A 179 7.10 -29.86 0.91
CA LYS A 179 6.69 -31.24 0.66
C LYS A 179 6.94 -32.02 1.95
N HIS A 180 5.84 -32.40 2.59
CA HIS A 180 5.79 -33.10 3.87
C HIS A 180 6.04 -34.61 3.70
N TRP A 181 6.54 -35.22 4.79
CA TRP A 181 6.81 -36.65 4.93
C TRP A 181 6.83 -37.05 6.40
N GLU A 182 6.09 -38.10 6.71
CA GLU A 182 6.05 -38.70 8.05
C GLU A 182 5.90 -40.23 7.90
N PRO A 183 6.46 -41.03 8.84
CA PRO A 183 6.38 -42.49 8.71
C PRO A 183 5.19 -43.07 9.51
N ASP B 15 7.97 -9.46 -9.41
CA ASP B 15 9.18 -9.22 -8.62
C ASP B 15 10.04 -10.50 -8.58
N SER B 16 11.04 -10.59 -9.49
CA SER B 16 11.97 -11.70 -9.64
C SER B 16 13.22 -11.23 -10.41
N PRO B 17 14.44 -11.75 -10.09
CA PRO B 17 15.66 -11.35 -10.83
C PRO B 17 15.69 -11.79 -12.28
N GLU B 18 16.37 -11.00 -13.13
CA GLU B 18 16.56 -11.29 -14.56
C GLU B 18 17.70 -12.29 -14.72
N ASP B 19 17.47 -13.36 -15.52
CA ASP B 19 18.52 -14.37 -15.70
C ASP B 19 18.63 -14.81 -17.13
N PHE B 20 19.85 -14.82 -17.63
CA PHE B 20 20.20 -15.28 -18.95
C PHE B 20 21.04 -16.54 -18.77
N VAL B 21 20.56 -17.67 -19.30
CA VAL B 21 21.21 -18.97 -19.16
C VAL B 21 21.73 -19.45 -20.49
N TYR B 22 22.90 -20.10 -20.46
CA TYR B 22 23.54 -20.75 -21.58
C TYR B 22 23.99 -22.15 -21.13
N GLN B 23 23.67 -23.16 -21.94
CA GLN B 23 24.06 -24.54 -21.73
C GLN B 23 24.75 -25.11 -22.97
N PHE B 24 25.93 -25.76 -22.80
CA PHE B 24 26.61 -26.50 -23.87
C PHE B 24 26.60 -27.96 -23.47
N LYS B 25 25.99 -28.81 -24.30
CA LYS B 25 25.82 -30.22 -23.99
C LYS B 25 26.47 -31.09 -25.06
N GLY B 26 27.51 -31.81 -24.67
CA GLY B 26 28.22 -32.71 -25.57
C GLY B 26 27.81 -34.12 -25.24
N MET B 27 26.85 -34.69 -26.04
CA MET B 27 26.32 -36.01 -25.79
C MET B 27 26.80 -37.13 -26.73
N CYS B 28 26.94 -38.35 -26.14
CA CYS B 28 27.34 -39.61 -26.78
C CYS B 28 26.25 -40.66 -26.62
N TYR B 29 25.88 -41.32 -27.71
CA TYR B 29 24.85 -42.37 -27.72
C TYR B 29 25.48 -43.71 -28.14
N PHE B 30 25.50 -44.70 -27.22
CA PHE B 30 26.11 -46.00 -27.48
C PHE B 30 25.08 -47.12 -27.60
N THR B 31 25.18 -47.91 -28.67
CA THR B 31 24.26 -49.03 -28.93
C THR B 31 25.04 -50.22 -29.43
N ASN B 32 24.71 -51.43 -28.92
CA ASN B 32 25.32 -52.72 -29.26
C ASN B 32 26.85 -52.67 -29.08
N GLY B 33 27.27 -52.45 -27.83
CA GLY B 33 28.68 -52.38 -27.47
C GLY B 33 29.37 -51.17 -28.07
N THR B 34 30.47 -51.41 -28.79
CA THR B 34 31.27 -50.37 -29.43
C THR B 34 30.91 -50.20 -30.94
N GLU B 35 29.95 -51.02 -31.46
CA GLU B 35 29.49 -51.06 -32.86
C GLU B 35 28.88 -49.74 -33.30
N ARG B 36 27.79 -49.30 -32.63
CA ARG B 36 27.10 -48.07 -32.99
C ARG B 36 27.44 -46.96 -32.00
N VAL B 37 27.95 -45.83 -32.50
CA VAL B 37 28.32 -44.63 -31.74
C VAL B 37 27.89 -43.39 -32.53
N ARG B 38 27.16 -42.49 -31.86
CA ARG B 38 26.65 -41.26 -32.45
C ARG B 38 26.83 -40.13 -31.45
N LEU B 39 27.31 -38.95 -31.93
CA LEU B 39 27.46 -37.78 -31.04
C LEU B 39 26.51 -36.63 -31.44
N VAL B 40 26.05 -35.89 -30.43
CA VAL B 40 25.25 -34.69 -30.67
C VAL B 40 25.73 -33.61 -29.69
N THR B 41 26.16 -32.46 -30.23
CA THR B 41 26.56 -31.31 -29.43
C THR B 41 25.39 -30.32 -29.53
N ARG B 42 24.98 -29.76 -28.39
CA ARG B 42 23.84 -28.85 -28.33
C ARG B 42 24.24 -27.55 -27.73
N TYR B 43 23.94 -26.45 -28.43
CA TYR B 43 24.23 -25.08 -27.98
C TYR B 43 22.90 -24.46 -27.64
N ILE B 44 22.63 -24.21 -26.34
CA ILE B 44 21.31 -23.78 -25.86
C ILE B 44 21.31 -22.39 -25.23
N TYR B 45 20.43 -21.51 -25.73
CA TYR B 45 20.22 -20.19 -25.13
C TYR B 45 18.93 -20.28 -24.35
N ASN B 46 19.04 -20.17 -23.01
CA ASN B 46 18.01 -20.38 -22.00
C ASN B 46 17.58 -21.86 -22.10
N ARG B 47 16.45 -22.18 -22.72
CA ARG B 47 15.99 -23.57 -22.88
C ARG B 47 15.90 -23.92 -24.39
N GLU B 48 16.27 -22.94 -25.25
CA GLU B 48 16.18 -23.05 -26.70
C GLU B 48 17.49 -23.51 -27.32
N GLU B 49 17.50 -24.71 -27.91
CA GLU B 49 18.66 -25.21 -28.65
C GLU B 49 18.66 -24.48 -30.00
N TYR B 50 19.67 -23.64 -30.27
CA TYR B 50 19.69 -22.85 -31.51
C TYR B 50 20.61 -23.47 -32.61
N ALA B 51 21.56 -24.33 -32.22
CA ALA B 51 22.46 -24.99 -33.17
C ALA B 51 22.91 -26.32 -32.63
N ARG B 52 23.31 -27.23 -33.51
CA ARG B 52 23.81 -28.54 -33.10
C ARG B 52 24.63 -29.21 -34.18
N PHE B 53 25.57 -30.04 -33.74
CA PHE B 53 26.34 -30.87 -34.62
C PHE B 53 25.98 -32.31 -34.30
N ASP B 54 25.35 -33.02 -35.26
CA ASP B 54 25.05 -34.46 -35.19
C ASP B 54 26.07 -35.21 -36.12
N SER B 55 26.79 -36.21 -35.56
CA SER B 55 27.84 -36.94 -36.29
C SER B 55 27.28 -37.64 -37.52
N ASP B 56 25.97 -38.03 -37.46
CA ASP B 56 25.23 -38.67 -38.56
C ASP B 56 24.94 -37.67 -39.68
N VAL B 57 24.92 -36.37 -39.36
CA VAL B 57 24.75 -35.33 -40.35
C VAL B 57 26.17 -34.94 -40.79
N GLY B 58 27.02 -34.60 -39.82
CA GLY B 58 28.43 -34.31 -40.07
C GLY B 58 28.75 -32.87 -40.36
N VAL B 59 27.85 -31.96 -39.98
CA VAL B 59 27.95 -30.50 -40.14
C VAL B 59 27.04 -29.82 -39.09
N TYR B 60 27.44 -28.61 -38.65
CA TYR B 60 26.64 -27.80 -37.71
C TYR B 60 25.38 -27.34 -38.38
N ARG B 61 24.25 -27.55 -37.73
CA ARG B 61 22.97 -27.14 -38.28
C ARG B 61 22.29 -26.18 -37.36
N ALA B 62 21.60 -25.18 -37.95
CA ALA B 62 20.84 -24.18 -37.23
C ALA B 62 19.50 -24.78 -36.88
N VAL B 63 19.11 -24.74 -35.61
CA VAL B 63 17.85 -25.32 -35.19
C VAL B 63 16.76 -24.23 -35.19
N THR B 64 17.09 -23.01 -34.68
CA THR B 64 16.19 -21.85 -34.61
C THR B 64 16.81 -20.63 -35.37
N PRO B 65 16.09 -19.50 -35.66
CA PRO B 65 16.73 -18.41 -36.40
C PRO B 65 17.84 -17.66 -35.63
N LEU B 66 18.19 -18.19 -34.45
CA LEU B 66 19.27 -17.71 -33.59
C LEU B 66 20.58 -18.43 -33.97
N GLY B 67 20.46 -19.57 -34.67
CA GLY B 67 21.52 -20.45 -35.11
C GLY B 67 22.31 -20.14 -36.38
N PRO B 68 21.70 -19.66 -37.52
CA PRO B 68 22.50 -19.38 -38.73
C PRO B 68 23.82 -18.61 -38.51
N PRO B 69 23.95 -17.53 -37.67
CA PRO B 69 25.26 -16.86 -37.53
C PRO B 69 26.35 -17.72 -36.87
N ALA B 70 25.97 -18.79 -36.16
CA ALA B 70 26.95 -19.65 -35.47
C ALA B 70 27.29 -20.92 -36.29
N ALA B 71 26.27 -21.66 -36.78
CA ALA B 71 26.47 -22.88 -37.56
C ALA B 71 27.19 -22.61 -38.90
N GLU B 72 26.82 -21.54 -39.64
CA GLU B 72 27.45 -21.17 -40.92
C GLU B 72 28.92 -20.79 -40.68
N TYR B 73 29.19 -20.05 -39.56
CA TYR B 73 30.55 -19.64 -39.18
C TYR B 73 31.42 -20.85 -38.85
N TRP B 74 30.91 -21.76 -38.00
CA TRP B 74 31.63 -22.97 -37.56
C TRP B 74 31.91 -23.89 -38.73
N ASN B 75 30.98 -24.00 -39.70
CA ASN B 75 31.12 -24.81 -40.92
C ASN B 75 32.14 -24.21 -41.92
N SER B 76 32.44 -22.93 -41.82
CA SER B 76 33.38 -22.27 -42.69
C SER B 76 34.81 -22.44 -42.21
N GLN B 77 35.02 -22.90 -40.95
CA GLN B 77 36.36 -23.09 -40.34
C GLN B 77 36.72 -24.56 -40.28
N LYS B 78 37.66 -25.00 -41.14
CA LYS B 78 38.11 -26.39 -41.24
C LYS B 78 38.46 -27.01 -39.90
N GLU B 79 39.26 -26.29 -39.06
CA GLU B 79 39.75 -26.76 -37.76
C GLU B 79 38.61 -27.04 -36.78
N VAL B 80 37.45 -26.32 -36.93
CA VAL B 80 36.27 -26.50 -36.07
C VAL B 80 35.57 -27.81 -36.51
N LEU B 81 35.34 -27.97 -37.82
CA LEU B 81 34.74 -29.17 -38.37
C LEU B 81 35.59 -30.42 -38.11
N GLU B 82 36.92 -30.31 -38.22
CA GLU B 82 37.80 -31.43 -38.00
C GLU B 82 37.75 -31.85 -36.52
N ARG B 83 37.76 -30.89 -35.56
CA ARG B 83 37.75 -31.29 -34.15
C ARG B 83 36.44 -31.98 -33.78
N THR B 84 35.30 -31.36 -34.14
CA THR B 84 33.97 -31.83 -33.84
C THR B 84 33.79 -33.23 -34.40
N ARG B 85 34.20 -33.47 -35.66
CA ARG B 85 34.17 -34.80 -36.28
C ARG B 85 35.01 -35.79 -35.50
N ALA B 86 36.25 -35.42 -35.19
CA ALA B 86 37.18 -36.30 -34.46
C ALA B 86 36.80 -36.54 -32.99
N GLU B 87 35.81 -35.81 -32.46
CA GLU B 87 35.39 -35.98 -31.08
C GLU B 87 34.67 -37.32 -30.87
N LEU B 88 34.27 -38.00 -31.96
CA LEU B 88 33.59 -39.30 -31.90
C LEU B 88 34.56 -40.32 -31.33
N ASP B 89 35.86 -40.13 -31.64
CA ASP B 89 37.00 -40.92 -31.21
C ASP B 89 37.67 -40.35 -29.94
N THR B 90 37.95 -39.03 -29.93
CA THR B 90 38.66 -38.39 -28.81
C THR B 90 37.73 -38.21 -27.58
N VAL B 91 36.40 -38.30 -27.77
CA VAL B 91 35.52 -38.22 -26.62
C VAL B 91 34.77 -39.54 -26.41
N CYS B 92 33.73 -39.80 -27.23
CA CYS B 92 32.84 -40.93 -27.14
C CYS B 92 33.55 -42.26 -27.03
N ARG B 93 34.31 -42.66 -28.06
CA ARG B 93 35.01 -43.94 -28.08
C ARG B 93 36.05 -44.06 -26.94
N HIS B 94 36.79 -42.98 -26.67
CA HIS B 94 37.84 -42.96 -25.67
C HIS B 94 37.24 -43.26 -24.31
N ASN B 95 36.23 -42.48 -23.92
CA ASN B 95 35.54 -42.60 -22.65
C ASN B 95 34.74 -43.90 -22.49
N TYR B 96 34.27 -44.52 -23.59
CA TYR B 96 33.50 -45.76 -23.46
C TYR B 96 34.39 -46.90 -22.95
N GLN B 97 35.69 -46.86 -23.28
CA GLN B 97 36.66 -47.85 -22.79
C GLN B 97 36.88 -47.66 -21.27
N LEU B 98 36.75 -46.40 -20.81
CA LEU B 98 36.92 -46.03 -19.41
C LEU B 98 35.69 -46.47 -18.59
N GLU B 99 34.50 -46.52 -19.25
CA GLU B 99 33.23 -46.96 -18.65
C GLU B 99 33.19 -48.47 -18.54
N LEU B 100 33.76 -49.15 -19.55
CA LEU B 100 33.86 -50.59 -19.65
C LEU B 100 34.55 -51.22 -18.43
N ARG B 101 35.63 -50.59 -17.97
CA ARG B 101 36.43 -50.99 -16.82
C ARG B 101 35.77 -50.57 -15.48
N THR B 102 34.94 -49.51 -15.46
CA THR B 102 34.33 -49.07 -14.20
C THR B 102 32.79 -49.25 -14.24
N THR B 103 32.06 -48.20 -14.68
CA THR B 103 30.60 -48.06 -14.73
C THR B 103 29.83 -49.27 -15.24
N LEU B 104 30.30 -49.87 -16.35
CA LEU B 104 29.61 -50.96 -16.99
C LEU B 104 29.85 -52.30 -16.27
N GLN B 105 30.84 -52.34 -15.37
CA GLN B 105 31.12 -53.52 -14.56
C GLN B 105 30.49 -53.35 -13.17
N ARG B 106 29.91 -52.17 -12.88
CA ARG B 106 29.24 -51.94 -11.61
C ARG B 106 27.93 -52.72 -11.55
N ARG B 107 27.84 -53.66 -10.58
CA ARG B 107 26.69 -54.53 -10.26
C ARG B 107 26.44 -54.53 -8.75
N VAL B 108 25.34 -53.87 -8.31
CA VAL B 108 24.90 -53.79 -6.90
C VAL B 108 23.63 -54.64 -6.76
N GLU B 109 23.68 -55.72 -5.96
CA GLU B 109 22.52 -56.58 -5.82
C GLU B 109 21.43 -55.92 -4.94
N PRO B 110 20.13 -56.13 -5.28
CA PRO B 110 19.07 -55.44 -4.52
C PRO B 110 18.81 -56.05 -3.14
N THR B 111 18.25 -55.22 -2.26
CA THR B 111 17.84 -55.63 -0.93
C THR B 111 16.35 -55.83 -1.06
N VAL B 112 15.89 -57.09 -0.91
CA VAL B 112 14.50 -57.47 -1.10
C VAL B 112 13.87 -57.86 0.23
N THR B 113 12.75 -57.22 0.57
CA THR B 113 11.98 -57.44 1.79
C THR B 113 10.48 -57.32 1.50
N ILE B 114 9.65 -58.05 2.27
CA ILE B 114 8.20 -57.97 2.17
C ILE B 114 7.68 -57.39 3.50
N SER B 115 6.73 -56.43 3.45
CA SER B 115 6.15 -55.80 4.63
C SER B 115 4.69 -55.43 4.38
N PRO B 116 3.73 -56.02 5.10
CA PRO B 116 2.31 -55.71 4.84
C PRO B 116 1.93 -54.30 5.27
N LEU B 127 -2.73 -55.18 1.71
CA LEU B 127 -1.76 -54.98 0.64
C LEU B 127 -0.34 -55.38 1.07
N LEU B 128 0.21 -56.41 0.39
CA LEU B 128 1.55 -56.94 0.61
C LEU B 128 2.53 -56.23 -0.36
N VAL B 129 3.53 -55.51 0.17
CA VAL B 129 4.47 -54.78 -0.68
C VAL B 129 5.91 -55.38 -0.60
N CYS B 130 6.44 -55.74 -1.78
CA CYS B 130 7.78 -56.25 -2.01
C CYS B 130 8.65 -55.08 -2.44
N SER B 131 9.54 -54.62 -1.54
CA SER B 131 10.41 -53.48 -1.79
C SER B 131 11.80 -53.95 -2.26
N VAL B 132 12.14 -53.62 -3.51
CA VAL B 132 13.41 -53.96 -4.15
C VAL B 132 14.22 -52.69 -4.17
N THR B 133 15.17 -52.55 -3.25
CA THR B 133 15.91 -51.29 -3.14
C THR B 133 17.43 -51.44 -3.32
N ASP B 134 18.07 -50.30 -3.67
CA ASP B 134 19.50 -50.05 -3.79
C ASP B 134 20.20 -51.03 -4.74
N PHE B 135 19.83 -50.99 -6.03
CA PHE B 135 20.42 -51.86 -7.05
C PHE B 135 20.93 -51.06 -8.24
N TYR B 136 21.90 -51.64 -8.98
CA TYR B 136 22.49 -51.06 -10.17
C TYR B 136 23.00 -52.15 -11.12
N PRO B 137 22.76 -52.07 -12.46
CA PRO B 137 22.03 -51.02 -13.23
C PRO B 137 20.50 -51.12 -13.12
N ALA B 138 19.79 -50.43 -14.03
CA ALA B 138 18.33 -50.27 -14.12
C ALA B 138 17.52 -51.57 -14.36
N GLN B 139 18.04 -52.49 -15.19
CA GLN B 139 17.42 -53.75 -15.66
C GLN B 139 16.90 -54.60 -14.49
N ILE B 140 15.58 -54.62 -14.31
CA ILE B 140 14.97 -55.37 -13.21
C ILE B 140 13.63 -55.97 -13.68
N LYS B 141 13.29 -57.15 -13.13
CA LYS B 141 12.06 -57.87 -13.37
C LYS B 141 11.62 -58.48 -12.05
N VAL B 142 10.40 -58.18 -11.61
CA VAL B 142 9.87 -58.72 -10.35
C VAL B 142 8.52 -59.42 -10.57
N ARG B 143 8.43 -60.65 -10.08
CA ARG B 143 7.24 -61.51 -10.15
C ARG B 143 6.79 -61.92 -8.74
N TRP B 144 5.51 -62.31 -8.60
CA TRP B 144 4.92 -62.75 -7.33
C TRP B 144 4.68 -64.27 -7.34
N GLN B 149 2.16 -71.69 -4.77
CA GLN B 149 1.32 -70.81 -5.60
C GLN B 149 1.95 -70.60 -7.00
N GLU B 150 1.35 -69.71 -7.81
CA GLU B 150 1.79 -69.33 -9.16
C GLU B 150 1.76 -67.79 -9.31
N GLU B 151 2.41 -67.23 -10.36
CA GLU B 151 2.46 -65.78 -10.63
C GLU B 151 1.04 -65.24 -10.88
N THR B 152 0.73 -64.04 -10.34
CA THR B 152 -0.60 -63.43 -10.46
C THR B 152 -0.67 -62.30 -11.51
N THR B 153 -1.90 -61.88 -11.85
CA THR B 153 -2.20 -60.82 -12.82
C THR B 153 -3.25 -59.87 -12.18
N GLY B 154 -2.75 -58.95 -11.37
CA GLY B 154 -3.51 -57.93 -10.64
C GLY B 154 -2.64 -57.16 -9.68
N VAL B 155 -1.34 -56.98 -10.03
CA VAL B 155 -0.32 -56.30 -9.21
C VAL B 155 -0.07 -54.87 -9.66
N VAL B 156 0.01 -53.95 -8.68
CA VAL B 156 0.29 -52.54 -8.93
C VAL B 156 1.75 -52.27 -8.60
N SER B 157 2.55 -51.87 -9.62
CA SER B 157 3.98 -51.57 -9.46
C SER B 157 4.31 -50.10 -9.66
N THR B 158 5.34 -49.62 -8.92
CA THR B 158 5.86 -48.25 -9.03
C THR B 158 6.69 -48.17 -10.28
N PRO B 159 6.93 -46.99 -10.89
CA PRO B 159 7.87 -46.95 -12.01
C PRO B 159 9.29 -47.07 -11.46
N LEU B 160 10.31 -47.27 -12.30
CA LEU B 160 11.67 -47.38 -11.78
C LEU B 160 12.06 -46.07 -11.09
N ILE B 161 12.47 -46.16 -9.81
CA ILE B 161 12.81 -45.01 -8.99
C ILE B 161 14.30 -44.78 -9.02
N ARG B 162 14.74 -43.63 -9.53
CA ARG B 162 16.16 -43.27 -9.58
C ARG B 162 16.47 -42.47 -8.31
N ASN B 163 17.24 -43.07 -7.38
CA ASN B 163 17.60 -42.42 -6.10
C ASN B 163 18.63 -41.28 -6.29
N GLY B 164 19.41 -41.36 -7.36
CA GLY B 164 20.41 -40.36 -7.70
C GLY B 164 21.78 -40.54 -7.09
N ASP B 165 21.99 -41.64 -6.35
CA ASP B 165 23.27 -41.96 -5.71
C ASP B 165 23.88 -43.26 -6.34
N TRP B 166 23.54 -43.50 -7.62
CA TRP B 166 23.89 -44.63 -8.51
C TRP B 166 23.16 -45.91 -8.08
N THR B 167 22.05 -45.79 -7.33
CA THR B 167 21.24 -46.94 -6.93
C THR B 167 19.80 -46.68 -7.31
N PHE B 168 19.07 -47.75 -7.63
CA PHE B 168 17.66 -47.65 -7.99
C PHE B 168 16.77 -48.21 -6.90
N GLN B 169 15.45 -48.12 -7.12
CA GLN B 169 14.42 -48.62 -6.25
C GLN B 169 13.21 -48.95 -7.13
N ILE B 170 12.45 -49.95 -6.70
CA ILE B 170 11.19 -50.38 -7.29
C ILE B 170 10.39 -51.05 -6.19
N LEU B 171 9.10 -50.70 -6.12
CA LEU B 171 8.21 -51.29 -5.13
C LEU B 171 7.03 -51.92 -5.85
N VAL B 172 6.77 -53.19 -5.53
CA VAL B 172 5.67 -53.94 -6.11
C VAL B 172 4.70 -54.33 -5.02
N MET B 173 3.46 -53.82 -5.13
CA MET B 173 2.35 -54.11 -4.22
C MET B 173 1.51 -55.26 -4.79
N LEU B 174 0.73 -55.94 -3.92
CA LEU B 174 -0.16 -57.06 -4.25
C LEU B 174 -1.31 -57.09 -3.24
N GLU B 175 -2.56 -57.23 -3.74
CA GLU B 175 -3.76 -57.30 -2.89
C GLU B 175 -3.92 -58.70 -2.29
N MET B 176 -4.37 -58.77 -1.02
CA MET B 176 -4.59 -60.01 -0.23
C MET B 176 -3.25 -60.76 -0.08
N ASP B 182 -1.61 -69.33 3.46
CA ASP B 182 -0.77 -69.83 2.37
C ASP B 182 0.55 -69.03 2.26
N VAL B 183 1.58 -69.60 1.59
CA VAL B 183 2.90 -69.00 1.44
C VAL B 183 3.00 -68.05 0.21
N TYR B 184 3.26 -66.76 0.50
CA TYR B 184 3.42 -65.68 -0.48
C TYR B 184 4.92 -65.49 -0.79
N THR B 185 5.30 -65.55 -2.08
CA THR B 185 6.70 -65.41 -2.47
C THR B 185 6.92 -64.32 -3.52
N CYS B 186 8.00 -63.53 -3.34
CA CYS B 186 8.42 -62.47 -4.26
C CYS B 186 9.69 -62.93 -5.01
N HIS B 187 9.65 -62.88 -6.35
CA HIS B 187 10.72 -63.31 -7.27
C HIS B 187 11.37 -62.08 -7.92
N VAL B 188 12.68 -61.89 -7.73
CA VAL B 188 13.40 -60.73 -8.26
C VAL B 188 14.57 -61.19 -9.13
N GLU B 189 14.66 -60.65 -10.35
CA GLU B 189 15.73 -60.92 -11.30
C GLU B 189 16.48 -59.63 -11.61
N HIS B 190 17.81 -59.66 -11.49
CA HIS B 190 18.71 -58.52 -11.71
C HIS B 190 20.04 -59.03 -12.28
N PRO B 191 20.77 -58.28 -13.16
CA PRO B 191 22.03 -58.79 -13.71
C PRO B 191 23.10 -59.20 -12.68
N SER B 192 23.11 -58.59 -11.48
CA SER B 192 24.09 -58.88 -10.43
C SER B 192 23.96 -60.29 -9.84
N LEU B 193 22.75 -60.88 -9.91
CA LEU B 193 22.42 -62.16 -9.34
C LEU B 193 22.68 -63.33 -10.28
N GLN B 194 23.30 -64.39 -9.73
CA GLN B 194 23.61 -65.66 -10.40
C GLN B 194 22.36 -66.52 -10.44
N ASN B 195 21.47 -66.29 -9.46
CA ASN B 195 20.18 -66.95 -9.29
C ASN B 195 19.18 -65.94 -8.72
N PRO B 196 17.90 -65.93 -9.17
CA PRO B 196 16.94 -64.95 -8.64
C PRO B 196 16.72 -65.08 -7.14
N ILE B 197 16.59 -63.94 -6.46
CA ILE B 197 16.40 -63.88 -5.01
C ILE B 197 14.92 -64.03 -4.71
N ILE B 198 14.58 -65.01 -3.85
CA ILE B 198 13.22 -65.30 -3.42
C ILE B 198 13.08 -64.93 -1.95
N VAL B 199 12.00 -64.19 -1.61
CA VAL B 199 11.65 -63.75 -0.26
C VAL B 199 10.26 -64.31 0.05
N GLU B 200 10.12 -65.05 1.16
CA GLU B 200 8.83 -65.67 1.52
C GLU B 200 8.13 -64.98 2.71
N TRP B 201 6.80 -65.20 2.78
CA TRP B 201 5.88 -64.72 3.80
C TRP B 201 5.07 -65.93 4.33
N ARG B 202 5.15 -66.20 5.66
CA ARG B 202 4.47 -67.33 6.34
C ARG B 202 4.80 -68.70 5.76
N ASP C 2 -79.96 13.24 24.05
CA ASP C 2 -79.85 12.56 25.35
C ASP C 2 -79.13 11.22 25.16
N ILE C 3 -77.78 11.28 25.10
CA ILE C 3 -76.84 10.19 24.84
C ILE C 3 -76.99 9.03 25.84
N VAL C 4 -76.81 7.79 25.32
CA VAL C 4 -76.89 6.51 26.04
C VAL C 4 -75.54 5.79 25.90
N ALA C 5 -74.86 5.54 27.03
CA ALA C 5 -73.55 4.90 27.12
C ALA C 5 -73.43 4.03 28.35
N ASP C 6 -72.48 3.07 28.37
CA ASP C 6 -72.21 2.25 29.55
C ASP C 6 -71.67 3.14 30.68
N HIS C 7 -70.82 4.12 30.32
CA HIS C 7 -70.22 5.07 31.24
C HIS C 7 -70.19 6.49 30.68
N VAL C 8 -70.42 7.43 31.60
CA VAL C 8 -70.38 8.87 31.39
C VAL C 8 -69.50 9.46 32.46
N ALA C 9 -68.50 10.20 31.98
CA ALA C 9 -67.57 10.96 32.78
C ALA C 9 -67.55 12.40 32.32
N SER C 10 -67.31 13.31 33.27
CA SER C 10 -67.08 14.74 33.01
C SER C 10 -65.62 15.02 33.33
N TYR C 11 -64.80 15.31 32.31
CA TYR C 11 -63.37 15.59 32.53
C TYR C 11 -62.94 17.03 32.02
N GLY C 12 -63.44 18.12 32.63
CA GLY C 12 -64.34 18.12 33.77
C GLY C 12 -65.47 19.12 33.79
N VAL C 13 -66.03 19.33 35.00
CA VAL C 13 -67.12 20.26 35.30
C VAL C 13 -66.44 21.59 35.71
N ASN C 14 -66.63 22.61 34.87
CA ASN C 14 -66.05 23.93 35.06
C ASN C 14 -67.15 24.90 35.32
N LEU C 15 -67.10 25.55 36.48
CA LEU C 15 -68.12 26.49 36.88
C LEU C 15 -67.47 27.82 37.31
N TYR C 16 -68.05 28.94 36.87
CA TYR C 16 -67.65 30.28 37.25
C TYR C 16 -68.85 31.20 37.19
N GLN C 17 -69.08 31.94 38.27
CA GLN C 17 -70.23 32.81 38.38
C GLN C 17 -69.85 34.15 38.99
N SER C 18 -70.59 35.21 38.59
CA SER C 18 -70.42 36.60 39.03
C SER C 18 -70.58 36.79 40.54
N TYR C 19 -71.51 36.03 41.19
CA TYR C 19 -71.76 36.15 42.63
C TYR C 19 -70.59 35.58 43.42
N GLY C 20 -69.85 36.48 44.02
CA GLY C 20 -68.66 36.20 44.80
C GLY C 20 -67.54 37.11 44.32
N PRO C 21 -66.94 36.88 43.11
CA PRO C 21 -67.20 35.78 42.17
C PRO C 21 -66.70 34.46 42.72
N SER C 22 -67.22 33.32 42.23
CA SER C 22 -66.80 31.99 42.68
C SER C 22 -66.77 31.01 41.52
N GLY C 23 -65.89 30.02 41.64
CA GLY C 23 -65.71 28.98 40.65
C GLY C 23 -65.60 27.60 41.27
N GLN C 24 -65.78 26.58 40.43
CA GLN C 24 -65.64 25.19 40.84
C GLN C 24 -65.04 24.42 39.71
N TYR C 25 -64.06 23.56 40.02
CA TYR C 25 -63.45 22.63 39.07
C TYR C 25 -63.44 21.24 39.69
N SER C 26 -64.02 20.28 38.96
CA SER C 26 -64.14 18.88 39.37
C SER C 26 -64.24 17.91 38.17
N HIS C 27 -63.98 16.61 38.43
CA HIS C 27 -64.15 15.50 37.49
C HIS C 27 -65.12 14.52 38.10
N GLU C 28 -66.05 14.02 37.28
CA GLU C 28 -67.09 13.06 37.70
C GLU C 28 -67.01 11.81 36.87
N PHE C 29 -67.45 10.68 37.44
CA PHE C 29 -67.56 9.42 36.71
C PHE C 29 -68.80 8.67 37.19
N ASP C 30 -69.73 8.40 36.24
CA ASP C 30 -70.98 7.67 36.48
C ASP C 30 -71.79 8.29 37.62
N GLY C 31 -71.77 9.64 37.67
CA GLY C 31 -72.53 10.49 38.58
C GLY C 31 -71.90 10.79 39.92
N ASP C 32 -70.69 10.28 40.16
CA ASP C 32 -69.96 10.48 41.41
C ASP C 32 -68.70 11.29 41.13
N GLU C 33 -68.38 12.20 42.04
CA GLU C 33 -67.24 13.11 41.94
C GLU C 33 -65.98 12.40 42.31
N GLU C 34 -65.01 12.39 41.39
CA GLU C 34 -63.70 11.78 41.63
C GLU C 34 -62.85 12.71 42.49
N PHE C 35 -62.76 13.99 42.09
CA PHE C 35 -62.01 15.02 42.79
C PHE C 35 -62.56 16.39 42.51
N TYR C 36 -62.06 17.38 43.26
CA TYR C 36 -62.26 18.80 43.04
C TYR C 36 -60.92 19.53 43.27
N VAL C 37 -60.79 20.72 42.68
CA VAL C 37 -59.61 21.55 42.89
C VAL C 37 -60.01 22.71 43.81
N ASP C 38 -59.26 22.87 44.90
CA ASP C 38 -59.42 23.98 45.84
C ASP C 38 -58.70 25.13 45.12
N LEU C 39 -59.48 26.01 44.49
CA LEU C 39 -58.96 27.10 43.66
C LEU C 39 -58.19 28.18 44.48
N GLU C 40 -58.38 28.21 45.81
CA GLU C 40 -57.67 29.16 46.66
C GLU C 40 -56.36 28.56 47.12
N ARG C 41 -56.38 27.28 47.47
CA ARG C 41 -55.20 26.58 47.93
C ARG C 41 -54.39 25.99 46.77
N LYS C 42 -54.93 26.04 45.52
CA LYS C 42 -54.34 25.46 44.29
C LYS C 42 -53.93 23.98 44.56
N GLU C 43 -54.91 23.18 45.00
CA GLU C 43 -54.73 21.80 45.45
C GLU C 43 -55.85 20.88 44.96
N THR C 44 -55.47 19.68 44.47
CA THR C 44 -56.41 18.66 44.00
C THR C 44 -56.83 17.81 45.21
N VAL C 45 -58.15 17.72 45.43
CA VAL C 45 -58.69 16.94 46.53
C VAL C 45 -59.45 15.74 45.97
N TRP C 46 -58.86 14.54 46.05
CA TRP C 46 -59.50 13.29 45.57
C TRP C 46 -60.47 12.77 46.63
N GLN C 47 -61.61 12.22 46.17
CA GLN C 47 -62.72 11.78 47.02
C GLN C 47 -62.68 10.33 47.52
N LEU C 48 -61.65 9.55 47.15
CA LEU C 48 -61.49 8.17 47.62
C LEU C 48 -60.05 7.88 47.98
N PRO C 49 -59.78 7.03 49.01
CA PRO C 49 -58.38 6.69 49.34
C PRO C 49 -57.61 6.09 48.19
N LEU C 50 -58.28 5.31 47.32
CA LEU C 50 -57.72 4.65 46.15
C LEU C 50 -57.18 5.68 45.17
N PHE C 51 -57.99 6.70 44.87
CA PHE C 51 -57.69 7.80 43.97
C PHE C 51 -56.51 8.60 44.52
N ARG C 52 -56.53 8.91 45.82
CA ARG C 52 -55.45 9.62 46.52
C ARG C 52 -54.15 8.87 46.35
N ARG C 53 -54.21 7.53 46.43
CA ARG C 53 -53.07 6.63 46.36
C ARG C 53 -52.55 6.34 44.96
N PHE C 54 -53.40 6.38 43.92
CA PHE C 54 -52.96 5.96 42.58
C PHE C 54 -53.21 6.94 41.46
N ARG C 55 -53.90 8.06 41.72
CA ARG C 55 -54.22 9.00 40.64
C ARG C 55 -53.64 10.38 40.91
N ARG C 56 -53.46 11.17 39.85
CA ARG C 56 -52.88 12.51 39.96
C ARG C 56 -53.41 13.49 38.89
N PHE C 57 -53.84 14.68 39.31
CA PHE C 57 -54.27 15.73 38.38
C PHE C 57 -53.52 17.01 38.74
N ASP C 58 -52.86 17.65 37.76
CA ASP C 58 -52.15 18.92 37.98
C ASP C 58 -53.18 20.07 38.19
N PRO C 59 -53.30 20.66 39.41
CA PRO C 59 -54.35 21.67 39.65
C PRO C 59 -54.22 22.98 38.85
N GLN C 60 -53.06 23.19 38.22
CA GLN C 60 -52.70 24.30 37.35
C GLN C 60 -53.73 24.43 36.19
N PHE C 61 -54.17 23.29 35.71
CA PHE C 61 -55.09 23.18 34.57
C PHE C 61 -56.50 23.61 34.92
N ALA C 62 -56.89 23.45 36.18
CA ALA C 62 -58.19 23.84 36.67
C ALA C 62 -58.26 25.35 36.70
N LEU C 63 -57.25 25.95 37.33
CA LEU C 63 -57.14 27.37 37.53
C LEU C 63 -57.11 28.12 36.22
N THR C 64 -56.36 27.58 35.24
CA THR C 64 -56.22 28.16 33.91
C THR C 64 -57.57 28.06 33.22
N ASN C 65 -58.27 26.92 33.38
CA ASN C 65 -59.59 26.73 32.77
C ASN C 65 -60.58 27.75 33.28
N ILE C 66 -60.65 27.95 34.61
CA ILE C 66 -61.57 28.88 35.27
C ILE C 66 -61.25 30.31 34.83
N ALA C 67 -59.96 30.63 34.56
CA ALA C 67 -59.53 31.94 34.06
C ALA C 67 -60.17 32.25 32.70
N VAL C 68 -60.30 31.22 31.84
CA VAL C 68 -60.90 31.33 30.49
C VAL C 68 -62.40 31.47 30.64
N LEU C 69 -63.01 30.76 31.62
CA LEU C 69 -64.45 30.84 31.90
C LEU C 69 -64.81 32.24 32.28
N LYS C 70 -63.95 32.88 33.11
CA LYS C 70 -64.14 34.25 33.62
C LYS C 70 -64.13 35.21 32.43
N HIS C 71 -63.22 35.00 31.46
CA HIS C 71 -63.15 35.79 30.22
C HIS C 71 -64.44 35.57 29.38
N ASN C 72 -64.82 34.28 29.19
CA ASN C 72 -65.97 33.89 28.41
C ASN C 72 -67.26 34.49 28.98
N LEU C 73 -67.48 34.37 30.31
CA LEU C 73 -68.68 34.90 30.98
C LEU C 73 -68.86 36.37 30.68
N ASN C 74 -67.76 37.15 30.75
CA ASN C 74 -67.73 38.60 30.50
C ASN C 74 -68.26 38.96 29.10
N ILE C 75 -67.87 38.18 28.08
CA ILE C 75 -68.27 38.33 26.68
C ILE C 75 -69.74 38.00 26.50
N VAL C 76 -70.16 36.83 27.01
CA VAL C 76 -71.53 36.34 26.86
C VAL C 76 -72.52 37.24 27.62
N ILE C 77 -72.11 37.84 28.78
CA ILE C 77 -73.01 38.78 29.49
C ILE C 77 -73.37 39.91 28.53
N LYS C 78 -72.38 40.48 27.79
CA LYS C 78 -72.61 41.55 26.81
C LYS C 78 -73.50 41.05 25.69
N ARG C 79 -73.19 39.85 25.12
CA ARG C 79 -73.97 39.24 24.02
C ARG C 79 -75.45 39.00 24.39
N SER C 80 -75.72 38.52 25.63
CA SER C 80 -77.08 38.22 26.11
C SER C 80 -77.82 39.48 26.60
N ASN C 81 -77.20 40.68 26.48
CA ASN C 81 -77.72 41.95 26.95
C ASN C 81 -78.01 41.86 28.48
N SER C 82 -77.04 41.31 29.22
CA SER C 82 -77.01 41.12 30.68
C SER C 82 -78.24 40.32 31.23
N THR C 83 -78.48 39.12 30.68
CA THR C 83 -79.55 38.21 31.10
C THR C 83 -79.07 37.43 32.31
N ALA C 84 -79.67 37.69 33.46
CA ALA C 84 -79.31 37.01 34.71
C ALA C 84 -79.92 35.61 34.78
N ALA C 85 -79.44 34.82 35.75
CA ALA C 85 -79.95 33.47 36.01
C ALA C 85 -81.31 33.57 36.69
N THR C 86 -82.17 32.60 36.41
CA THR C 86 -83.50 32.40 37.01
C THR C 86 -83.29 31.45 38.20
N ASN C 87 -83.94 31.76 39.32
CA ASN C 87 -83.81 30.97 40.54
C ASN C 87 -84.77 29.78 40.52
N GLU C 88 -84.23 28.58 40.75
CA GLU C 88 -85.00 27.33 40.76
C GLU C 88 -85.38 26.93 42.19
N VAL C 89 -86.42 26.11 42.35
CA VAL C 89 -86.84 25.66 43.66
C VAL C 89 -86.15 24.32 43.95
N PRO C 90 -85.36 24.25 45.04
CA PRO C 90 -84.64 22.99 45.36
C PRO C 90 -85.48 21.98 46.13
N GLU C 91 -85.27 20.68 45.81
CA GLU C 91 -85.93 19.52 46.41
C GLU C 91 -85.01 18.86 47.44
N VAL C 92 -85.39 18.95 48.73
CA VAL C 92 -84.60 18.44 49.85
C VAL C 92 -85.18 17.12 50.39
N THR C 93 -84.29 16.11 50.60
CA THR C 93 -84.59 14.78 51.10
C THR C 93 -83.57 14.37 52.17
N VAL C 94 -84.05 13.93 53.36
CA VAL C 94 -83.17 13.44 54.44
C VAL C 94 -83.45 11.95 54.62
N PHE C 95 -82.38 11.16 54.65
CA PHE C 95 -82.41 9.72 54.83
C PHE C 95 -81.08 9.24 55.42
N SER C 96 -81.09 8.10 56.10
CA SER C 96 -79.90 7.52 56.70
C SER C 96 -79.09 6.76 55.66
N LYS C 97 -77.76 6.63 55.92
CA LYS C 97 -76.78 5.92 55.09
C LYS C 97 -76.99 4.41 55.12
N SER C 98 -77.38 3.87 56.28
CA SER C 98 -77.63 2.45 56.52
C SER C 98 -78.80 2.31 57.55
N PRO C 99 -79.37 1.08 57.78
CA PRO C 99 -80.49 0.95 58.73
C PRO C 99 -80.16 1.43 60.16
N VAL C 100 -81.13 2.17 60.75
CA VAL C 100 -81.00 2.81 62.07
C VAL C 100 -81.05 1.78 63.20
N THR C 101 -79.95 1.73 63.97
CA THR C 101 -79.80 0.91 65.16
C THR C 101 -79.38 1.86 66.27
N LEU C 102 -80.17 1.90 67.34
CA LEU C 102 -79.97 2.76 68.48
C LEU C 102 -78.67 2.42 69.20
N GLY C 103 -77.77 3.41 69.23
CA GLY C 103 -76.45 3.31 69.83
C GLY C 103 -75.38 2.85 68.86
N GLN C 104 -75.66 2.90 67.54
CA GLN C 104 -74.74 2.45 66.50
C GLN C 104 -74.48 3.57 65.49
N PRO C 105 -73.23 4.12 65.49
CA PRO C 105 -72.88 5.22 64.58
C PRO C 105 -73.37 5.05 63.14
N ASN C 106 -74.07 6.08 62.65
CA ASN C 106 -74.69 6.14 61.33
C ASN C 106 -74.36 7.50 60.68
N THR C 107 -74.97 7.77 59.51
CA THR C 107 -74.81 9.02 58.78
C THR C 107 -76.15 9.45 58.21
N LEU C 108 -76.52 10.70 58.50
CA LEU C 108 -77.71 11.30 57.93
C LEU C 108 -77.30 11.97 56.62
N ILE C 109 -77.97 11.60 55.52
CA ILE C 109 -77.69 12.15 54.20
C ILE C 109 -78.81 13.13 53.82
N CYS C 110 -78.44 14.37 53.43
CA CYS C 110 -79.37 15.42 53.01
C CYS C 110 -79.12 15.77 51.55
N LEU C 111 -79.98 15.29 50.66
CA LEU C 111 -79.84 15.54 49.23
C LEU C 111 -80.63 16.80 48.85
N VAL C 112 -79.91 17.79 48.30
CA VAL C 112 -80.45 19.04 47.77
C VAL C 112 -80.32 18.95 46.24
N ASP C 113 -81.48 18.93 45.57
CA ASP C 113 -81.61 18.79 44.14
C ASP C 113 -82.28 20.02 43.54
N ASN C 114 -82.04 20.26 42.24
CA ASN C 114 -82.56 21.38 41.44
C ASN C 114 -82.05 22.71 42.01
N ILE C 115 -80.72 22.80 42.15
CA ILE C 115 -80.03 23.99 42.64
C ILE C 115 -79.65 24.85 41.42
N PHE C 116 -80.18 26.07 41.36
CA PHE C 116 -79.84 27.04 40.34
C PHE C 116 -80.20 28.47 40.77
N PRO C 117 -79.18 29.37 40.89
CA PRO C 117 -77.74 29.16 40.62
C PRO C 117 -77.03 28.30 41.67
N PRO C 118 -75.78 27.87 41.43
CA PRO C 118 -75.05 27.06 42.42
C PRO C 118 -74.54 27.89 43.62
N VAL C 119 -75.52 28.45 44.39
CA VAL C 119 -75.34 29.24 45.60
C VAL C 119 -76.32 28.65 46.62
N VAL C 120 -75.80 27.99 47.68
CA VAL C 120 -76.68 27.37 48.65
C VAL C 120 -76.05 27.35 50.04
N ASN C 121 -76.90 27.37 51.09
CA ASN C 121 -76.50 27.22 52.48
C ASN C 121 -77.25 26.00 53.04
N ILE C 122 -76.53 24.90 53.30
CA ILE C 122 -77.07 23.67 53.88
C ILE C 122 -76.48 23.52 55.28
N THR C 123 -77.34 23.48 56.29
CA THR C 123 -76.92 23.35 57.69
C THR C 123 -77.74 22.28 58.41
N TRP C 124 -77.18 21.75 59.51
CA TRP C 124 -77.80 20.70 60.33
C TRP C 124 -78.19 21.22 61.69
N LEU C 125 -79.34 20.77 62.19
CA LEU C 125 -79.85 21.13 63.52
C LEU C 125 -80.13 19.86 64.29
N SER C 126 -79.72 19.85 65.58
CA SER C 126 -79.98 18.77 66.54
C SER C 126 -80.73 19.41 67.70
N ASN C 127 -82.01 19.05 67.84
CA ASN C 127 -82.95 19.58 68.84
C ASN C 127 -83.00 21.14 68.77
N GLY C 128 -83.16 21.65 67.55
CA GLY C 128 -83.33 23.07 67.25
C GLY C 128 -82.08 23.94 67.15
N HIS C 129 -80.92 23.42 67.59
CA HIS C 129 -79.66 24.16 67.54
C HIS C 129 -78.74 23.67 66.44
N SER C 130 -77.96 24.59 65.83
CA SER C 130 -76.98 24.34 64.78
C SER C 130 -75.96 23.28 65.18
N VAL C 131 -75.47 22.51 64.18
CA VAL C 131 -74.47 21.46 64.35
C VAL C 131 -73.39 21.66 63.28
N THR C 132 -72.13 21.73 63.73
CA THR C 132 -70.96 21.87 62.86
C THR C 132 -70.07 20.62 62.98
N GLU C 133 -70.05 20.00 64.17
CA GLU C 133 -69.28 18.79 64.46
C GLU C 133 -69.83 17.59 63.66
N GLY C 134 -68.97 16.95 62.88
CA GLY C 134 -69.32 15.80 62.06
C GLY C 134 -70.08 16.11 60.79
N VAL C 135 -69.99 17.36 60.29
CA VAL C 135 -70.66 17.77 59.06
C VAL C 135 -69.64 17.87 57.94
N SER C 136 -70.07 17.47 56.74
CA SER C 136 -69.30 17.53 55.50
C SER C 136 -70.27 17.51 54.33
N GLU C 137 -69.84 18.02 53.16
CA GLU C 137 -70.70 17.99 51.98
C GLU C 137 -69.91 17.78 50.70
N THR C 138 -70.60 17.36 49.65
CA THR C 138 -70.03 17.17 48.32
C THR C 138 -69.92 18.55 47.68
N SER C 139 -69.32 18.61 46.48
CA SER C 139 -69.28 19.84 45.70
C SER C 139 -70.60 19.90 44.95
N PHE C 140 -70.83 20.93 44.12
CA PHE C 140 -72.02 20.94 43.29
C PHE C 140 -71.81 19.88 42.21
N LEU C 141 -72.74 18.94 42.09
CA LEU C 141 -72.67 17.87 41.13
C LEU C 141 -73.57 18.19 39.98
N SER C 142 -73.09 18.05 38.75
CA SER C 142 -73.82 18.46 37.55
C SER C 142 -75.03 17.59 37.23
N LYS C 143 -75.90 18.16 36.40
CA LYS C 143 -77.09 17.52 35.89
C LYS C 143 -77.21 17.83 34.41
N SER C 144 -77.83 16.91 33.66
CA SER C 144 -78.09 17.05 32.23
C SER C 144 -78.87 18.31 31.90
N ASP C 145 -79.81 18.74 32.81
CA ASP C 145 -80.65 19.95 32.64
C ASP C 145 -79.90 21.26 32.97
N HIS C 146 -78.61 21.14 33.35
CA HIS C 146 -77.65 22.22 33.67
C HIS C 146 -77.92 22.90 35.02
N SER C 147 -78.66 22.20 35.88
CA SER C 147 -78.83 22.56 37.27
C SER C 147 -77.83 21.67 38.05
N PHE C 148 -77.77 21.79 39.37
CA PHE C 148 -76.84 21.00 40.14
C PHE C 148 -77.52 20.27 41.26
N PHE C 149 -76.76 19.42 41.95
CA PHE C 149 -77.22 18.80 43.18
C PHE C 149 -76.05 18.72 44.17
N LYS C 150 -76.35 18.96 45.44
CA LYS C 150 -75.37 18.86 46.52
C LYS C 150 -75.86 17.88 47.55
N ILE C 151 -74.96 17.12 48.16
CA ILE C 151 -75.31 16.19 49.23
C ILE C 151 -74.56 16.61 50.49
N SER C 152 -75.26 16.69 51.64
CA SER C 152 -74.68 17.04 52.94
C SER C 152 -74.80 15.86 53.87
N TYR C 153 -73.75 15.64 54.68
CA TYR C 153 -73.71 14.51 55.60
C TYR C 153 -73.56 14.95 57.04
N LEU C 154 -74.06 14.12 57.98
CA LEU C 154 -73.94 14.33 59.41
C LEU C 154 -73.75 12.98 60.13
N THR C 155 -72.57 12.77 60.73
CA THR C 155 -72.30 11.56 61.50
C THR C 155 -72.98 11.75 62.88
N PHE C 156 -73.76 10.73 63.30
CA PHE C 156 -74.51 10.81 64.54
C PHE C 156 -74.67 9.43 65.21
N LEU C 157 -75.02 9.43 66.52
CA LEU C 157 -75.29 8.22 67.30
C LEU C 157 -76.79 8.20 67.55
N PRO C 158 -77.56 7.39 66.75
CA PRO C 158 -79.02 7.39 66.90
C PRO C 158 -79.45 7.17 68.34
N SER C 159 -80.46 7.93 68.78
CA SER C 159 -81.01 7.86 70.13
C SER C 159 -82.41 8.43 70.20
N ALA C 160 -83.21 7.98 71.18
CA ALA C 160 -84.52 8.56 71.47
C ALA C 160 -84.25 9.94 72.08
N ASP C 161 -85.14 10.93 71.84
CA ASP C 161 -85.05 12.35 72.24
C ASP C 161 -83.92 13.08 71.43
N GLU C 162 -83.60 12.56 70.24
CA GLU C 162 -82.60 13.13 69.36
C GLU C 162 -83.20 13.25 67.95
N ILE C 163 -83.77 14.43 67.68
CA ILE C 163 -84.41 14.77 66.40
C ILE C 163 -83.46 15.67 65.56
N TYR C 164 -83.55 15.57 64.21
CA TYR C 164 -82.70 16.33 63.30
C TYR C 164 -83.45 16.95 62.15
N ASP C 165 -83.00 18.14 61.77
CA ASP C 165 -83.53 18.89 60.65
C ASP C 165 -82.40 19.28 59.71
N CYS C 166 -82.68 19.27 58.41
CA CYS C 166 -81.74 19.74 57.40
C CYS C 166 -82.25 21.10 56.97
N LYS C 167 -81.52 22.18 57.29
CA LYS C 167 -81.91 23.55 56.92
C LYS C 167 -81.22 23.95 55.60
N VAL C 168 -82.02 24.31 54.58
CA VAL C 168 -81.53 24.70 53.26
C VAL C 168 -82.06 26.11 52.90
N GLU C 169 -81.11 27.01 52.61
CA GLU C 169 -81.33 28.40 52.21
C GLU C 169 -80.88 28.58 50.76
N HIS C 170 -81.81 29.08 49.93
CA HIS C 170 -81.65 29.33 48.50
C HIS C 170 -82.58 30.48 48.10
N TRP C 171 -82.17 31.31 47.11
CA TRP C 171 -82.95 32.44 46.59
C TRP C 171 -84.23 32.00 45.86
N GLY C 172 -84.27 30.75 45.43
CA GLY C 172 -85.42 30.15 44.76
C GLY C 172 -86.56 29.88 45.72
N LEU C 173 -86.24 29.82 47.05
CA LEU C 173 -87.18 29.61 48.16
C LEU C 173 -87.70 30.94 48.73
N ASP C 174 -88.92 30.89 49.29
CA ASP C 174 -89.56 32.05 49.92
C ASP C 174 -89.21 32.11 51.40
N GLU C 175 -88.70 30.99 51.96
CA GLU C 175 -88.31 30.81 53.36
C GLU C 175 -87.37 29.60 53.44
N PRO C 176 -86.44 29.54 54.45
CA PRO C 176 -85.53 28.39 54.56
C PRO C 176 -86.22 27.04 54.78
N LEU C 177 -86.00 26.11 53.84
CA LEU C 177 -86.55 24.76 53.87
C LEU C 177 -85.96 23.94 54.99
N LEU C 178 -86.85 23.35 55.79
CA LEU C 178 -86.50 22.49 56.90
C LEU C 178 -87.04 21.10 56.64
N LYS C 179 -86.13 20.16 56.34
CA LYS C 179 -86.51 18.77 56.10
C LYS C 179 -86.18 18.00 57.37
N HIS C 180 -87.24 17.58 58.08
CA HIS C 180 -87.18 16.88 59.36
C HIS C 180 -86.84 15.38 59.20
N TRP C 181 -86.24 14.83 60.27
CA TRP C 181 -85.84 13.43 60.40
C TRP C 181 -85.74 13.05 61.86
N GLU C 182 -86.40 11.95 62.22
CA GLU C 182 -86.35 11.33 63.54
C GLU C 182 -86.45 9.79 63.35
N PRO C 183 -85.81 9.00 64.26
CA PRO C 183 -85.86 7.54 64.11
C PRO C 183 -86.99 6.91 64.97
N ASP D 15 -86.87 40.38 45.69
CA ASP D 15 -85.69 40.69 46.48
C ASP D 15 -84.75 39.48 46.50
N SER D 16 -83.77 39.47 45.58
CA SER D 16 -82.75 38.43 45.41
C SER D 16 -81.54 38.99 44.62
N PRO D 17 -80.28 38.56 44.92
CA PRO D 17 -79.13 39.08 44.15
C PRO D 17 -79.09 38.59 42.71
N GLU D 18 -78.51 39.42 41.82
CA GLU D 18 -78.35 39.11 40.39
C GLU D 18 -77.12 38.21 40.22
N ASP D 19 -77.25 37.11 39.45
CA ASP D 19 -76.11 36.21 39.24
C ASP D 19 -76.01 35.76 37.80
N PHE D 20 -74.83 35.87 37.24
CA PHE D 20 -74.49 35.45 35.89
C PHE D 20 -73.57 34.26 36.01
N VAL D 21 -74.06 33.10 35.55
CA VAL D 21 -73.41 31.79 35.67
C VAL D 21 -72.88 31.28 34.29
N TYR D 22 -71.65 30.76 34.28
CA TYR D 22 -71.04 30.14 33.11
C TYR D 22 -70.54 28.74 33.49
N GLN D 23 -70.89 27.74 32.66
CA GLN D 23 -70.47 26.35 32.82
C GLN D 23 -69.78 25.82 31.56
N PHE D 24 -68.61 25.20 31.71
CA PHE D 24 -67.94 24.48 30.62
C PHE D 24 -67.88 23.00 31.04
N LYS D 25 -68.50 22.11 30.23
CA LYS D 25 -68.58 20.69 30.55
C LYS D 25 -67.95 19.86 29.46
N GLY D 26 -66.86 19.18 29.78
CA GLY D 26 -66.17 18.29 28.84
C GLY D 26 -66.52 16.86 29.17
N MET D 27 -67.47 16.26 28.42
CA MET D 27 -67.96 14.90 28.68
C MET D 27 -67.53 13.83 27.71
N CYS D 28 -67.35 12.62 28.25
CA CYS D 28 -66.95 11.39 27.54
C CYS D 28 -68.00 10.33 27.75
N TYR D 29 -68.35 9.61 26.69
CA TYR D 29 -69.34 8.52 26.71
C TYR D 29 -68.67 7.22 26.22
N PHE D 30 -68.55 6.21 27.11
CA PHE D 30 -67.89 4.94 26.79
C PHE D 30 -68.87 3.77 26.69
N THR D 31 -68.78 3.00 25.59
CA THR D 31 -69.67 1.87 25.36
C THR D 31 -68.87 0.72 24.78
N ASN D 32 -69.14 -0.52 25.26
CA ASN D 32 -68.50 -1.77 24.83
C ASN D 32 -66.97 -1.69 24.94
N GLY D 33 -66.49 -1.50 26.17
CA GLY D 33 -65.07 -1.37 26.48
C GLY D 33 -64.46 -0.12 25.90
N THR D 34 -63.40 -0.31 25.11
CA THR D 34 -62.66 0.79 24.47
C THR D 34 -63.09 1.00 22.98
N GLU D 35 -64.05 0.15 22.48
CA GLU D 35 -64.57 0.16 21.11
C GLU D 35 -65.26 1.48 20.74
N ARG D 36 -66.33 1.86 21.47
CA ARG D 36 -67.08 3.06 21.19
C ARG D 36 -66.76 4.14 22.21
N VAL D 37 -66.33 5.31 21.70
CA VAL D 37 -65.96 6.52 22.47
C VAL D 37 -66.47 7.74 21.72
N ARG D 38 -67.22 8.59 22.44
CA ARG D 38 -67.82 9.81 21.92
C ARG D 38 -67.62 10.92 22.94
N LEU D 39 -67.09 12.07 22.52
CA LEU D 39 -66.90 13.22 23.40
C LEU D 39 -67.89 14.32 23.03
N VAL D 40 -68.32 15.07 24.04
CA VAL D 40 -69.24 16.22 23.91
C VAL D 40 -68.75 17.30 24.85
N THR D 41 -68.36 18.47 24.31
CA THR D 41 -67.96 19.63 25.12
C THR D 41 -69.13 20.63 25.04
N ARG D 42 -69.66 21.06 26.20
CA ARG D 42 -70.82 21.95 26.30
C ARG D 42 -70.43 23.27 26.88
N TYR D 43 -70.84 24.37 26.20
CA TYR D 43 -70.63 25.74 26.63
C TYR D 43 -71.98 26.27 27.04
N ILE D 44 -72.14 26.52 28.37
CA ILE D 44 -73.42 26.88 28.97
C ILE D 44 -73.39 28.24 29.64
N TYR D 45 -74.36 29.11 29.26
CA TYR D 45 -74.63 30.42 29.83
C TYR D 45 -75.93 30.30 30.62
N ASN D 46 -75.83 30.38 31.96
CA ASN D 46 -76.85 30.11 32.98
C ASN D 46 -77.20 28.61 32.88
N ARG D 47 -78.37 28.26 32.33
CA ARG D 47 -78.79 26.86 32.13
C ARG D 47 -78.96 26.59 30.62
N GLU D 48 -78.60 27.58 29.79
CA GLU D 48 -78.72 27.51 28.34
C GLU D 48 -77.42 27.07 27.67
N GLU D 49 -77.42 25.87 27.07
CA GLU D 49 -76.28 25.38 26.31
C GLU D 49 -76.34 26.14 24.98
N TYR D 50 -75.37 27.04 24.72
CA TYR D 50 -75.40 27.88 23.51
C TYR D 50 -74.50 27.34 22.38
N ALA D 51 -73.44 26.58 22.72
CA ALA D 51 -72.50 25.96 21.75
C ALA D 51 -71.99 24.63 22.27
N ARG D 52 -71.61 23.74 21.33
CA ARG D 52 -71.09 22.40 21.65
C ARG D 52 -70.25 21.78 20.53
N PHE D 53 -69.44 20.78 20.90
CA PHE D 53 -68.65 19.98 19.99
C PHE D 53 -68.94 18.49 20.27
N ASP D 54 -69.47 17.79 19.25
CA ASP D 54 -69.75 16.34 19.24
C ASP D 54 -68.70 15.68 18.32
N SER D 55 -67.97 14.68 18.85
CA SER D 55 -66.94 13.94 18.11
C SER D 55 -67.55 13.20 16.90
N ASP D 56 -68.87 13.03 16.89
CA ASP D 56 -69.63 12.36 15.83
C ASP D 56 -70.00 13.31 14.67
N VAL D 57 -69.92 14.61 14.94
CA VAL D 57 -70.18 15.70 13.99
C VAL D 57 -68.85 16.21 13.49
N GLY D 58 -67.85 16.25 14.37
CA GLY D 58 -66.49 16.69 14.08
C GLY D 58 -66.22 18.19 14.01
N VAL D 59 -67.26 19.02 14.20
CA VAL D 59 -67.16 20.49 14.15
C VAL D 59 -68.07 21.12 15.20
N TYR D 60 -67.71 22.35 15.64
CA TYR D 60 -68.46 23.15 16.62
C TYR D 60 -69.80 23.55 16.07
N ARG D 61 -70.84 23.38 16.88
CA ARG D 61 -72.19 23.74 16.44
C ARG D 61 -72.84 24.70 17.42
N ALA D 62 -73.61 25.66 16.87
CA ALA D 62 -74.36 26.63 17.63
C ALA D 62 -75.67 25.98 18.04
N VAL D 63 -75.99 26.01 19.33
CA VAL D 63 -77.19 25.36 19.83
C VAL D 63 -78.35 26.39 19.85
N THR D 64 -78.08 27.63 20.33
CA THR D 64 -79.06 28.75 20.41
C THR D 64 -78.51 29.98 19.64
N PRO D 65 -79.28 31.08 19.38
CA PRO D 65 -78.72 32.21 18.60
C PRO D 65 -77.60 32.99 19.34
N LEU D 66 -77.18 32.47 20.51
CA LEU D 66 -76.10 33.00 21.33
C LEU D 66 -74.78 32.34 20.92
N GLY D 67 -74.89 31.21 20.20
CA GLY D 67 -73.78 30.38 19.73
C GLY D 67 -73.05 30.73 18.44
N PRO D 68 -73.72 31.18 17.33
CA PRO D 68 -72.98 31.52 16.09
C PRO D 68 -71.68 32.36 16.26
N PRO D 69 -71.58 33.43 17.11
CA PRO D 69 -70.28 34.15 17.21
C PRO D 69 -69.14 33.33 17.81
N ALA D 70 -69.44 32.22 18.53
CA ALA D 70 -68.40 31.40 19.16
C ALA D 70 -68.05 30.16 18.31
N ALA D 71 -69.05 29.39 17.84
CA ALA D 71 -68.84 28.20 17.02
C ALA D 71 -68.19 28.51 15.66
N GLU D 72 -68.64 29.58 14.95
CA GLU D 72 -68.07 29.99 13.65
C GLU D 72 -66.61 30.45 13.83
N TYR D 73 -66.31 31.15 14.94
CA TYR D 73 -64.96 31.62 15.27
C TYR D 73 -64.03 30.44 15.55
N TRP D 74 -64.47 29.50 16.40
CA TRP D 74 -63.69 28.33 16.77
C TRP D 74 -63.42 27.41 15.58
N ASN D 75 -64.37 27.26 14.64
CA ASN D 75 -64.17 26.42 13.45
C ASN D 75 -63.21 27.08 12.44
N SER D 76 -63.06 28.43 12.49
CA SER D 76 -62.16 29.15 11.60
C SER D 76 -60.69 29.01 12.03
N GLN D 77 -60.44 28.49 13.24
CA GLN D 77 -59.10 28.34 13.81
C GLN D 77 -58.67 26.88 13.81
N LYS D 78 -57.71 26.54 12.93
CA LYS D 78 -57.19 25.18 12.77
C LYS D 78 -56.77 24.53 14.09
N GLU D 79 -55.99 25.26 14.94
CA GLU D 79 -55.42 24.80 16.21
C GLU D 79 -56.53 24.48 17.23
N VAL D 80 -57.72 25.15 17.12
CA VAL D 80 -58.87 24.91 18.00
C VAL D 80 -59.54 23.59 17.57
N LEU D 81 -59.80 23.44 16.26
CA LEU D 81 -60.37 22.22 15.71
C LEU D 81 -59.46 21.00 15.91
N GLU D 82 -58.15 21.19 15.78
CA GLU D 82 -57.21 20.08 15.95
C GLU D 82 -57.20 19.64 17.41
N ARG D 83 -57.21 20.58 18.38
CA ARG D 83 -57.16 20.16 19.78
C ARG D 83 -58.41 19.42 20.19
N THR D 84 -59.57 20.00 19.99
CA THR D 84 -60.79 19.35 20.46
C THR D 84 -61.08 18.08 19.65
N ARG D 85 -60.62 17.99 18.40
CA ARG D 85 -60.71 16.72 17.68
C ARG D 85 -59.86 15.66 18.43
N ALA D 86 -58.58 16.00 18.72
CA ALA D 86 -57.59 15.14 19.40
C ALA D 86 -57.88 14.89 20.89
N GLU D 87 -58.85 15.59 21.49
CA GLU D 87 -59.19 15.40 22.90
C GLU D 87 -59.87 14.03 23.12
N LEU D 88 -60.30 13.33 22.04
CA LEU D 88 -60.91 12.00 22.12
C LEU D 88 -59.88 11.01 22.64
N ASP D 89 -58.61 11.27 22.27
CA ASP D 89 -57.42 10.52 22.64
C ASP D 89 -56.71 11.10 23.88
N THR D 90 -56.49 12.43 23.89
CA THR D 90 -55.75 13.09 24.97
C THR D 90 -56.63 13.22 26.26
N VAL D 91 -57.97 13.09 26.14
CA VAL D 91 -58.79 13.11 27.33
C VAL D 91 -59.48 11.77 27.55
N CYS D 92 -60.54 11.47 26.76
CA CYS D 92 -61.39 10.30 26.89
C CYS D 92 -60.62 8.99 26.95
N ARG D 93 -59.88 8.65 25.87
CA ARG D 93 -59.12 7.39 25.80
C ARG D 93 -58.04 7.29 26.88
N HIS D 94 -57.33 8.41 27.14
CA HIS D 94 -56.25 8.46 28.11
C HIS D 94 -56.79 8.12 29.47
N ASN D 95 -57.81 8.86 29.91
CA ASN D 95 -58.44 8.68 31.21
C ASN D 95 -59.16 7.34 31.38
N TYR D 96 -59.65 6.71 30.30
CA TYR D 96 -60.37 5.43 30.44
C TYR D 96 -59.41 4.33 30.89
N GLN D 97 -58.14 4.42 30.51
CA GLN D 97 -57.12 3.46 30.95
C GLN D 97 -56.83 3.66 32.45
N LEU D 98 -56.99 4.91 32.94
CA LEU D 98 -56.78 5.27 34.33
C LEU D 98 -57.95 4.78 35.19
N GLU D 99 -59.17 4.69 34.58
CA GLU D 99 -60.40 4.20 35.23
C GLU D 99 -60.37 2.69 35.34
N LEU D 100 -59.81 2.04 34.30
CA LEU D 100 -59.67 0.59 34.18
C LEU D 100 -58.92 0.01 35.37
N ARG D 101 -57.84 0.67 35.79
CA ARG D 101 -56.97 0.30 36.89
C ARG D 101 -57.56 0.66 38.27
N THR D 102 -58.51 1.63 38.34
CA THR D 102 -59.10 2.08 39.60
C THR D 102 -60.62 1.83 39.70
N THR D 103 -61.41 2.84 39.28
CA THR D 103 -62.86 2.94 39.38
C THR D 103 -63.56 1.69 38.84
N LEU D 104 -63.14 1.19 37.66
CA LEU D 104 -63.78 0.04 37.01
C LEU D 104 -63.45 -1.29 37.73
N GLN D 105 -62.42 -1.29 38.58
CA GLN D 105 -62.07 -2.46 39.36
C GLN D 105 -62.61 -2.32 40.78
N ARG D 106 -63.21 -1.16 41.12
CA ARG D 106 -63.82 -0.98 42.43
C ARG D 106 -65.10 -1.81 42.55
N ARG D 107 -65.09 -2.76 43.52
CA ARG D 107 -66.19 -3.66 43.89
C ARG D 107 -66.37 -3.67 45.41
N VAL D 108 -67.46 -3.06 45.92
CA VAL D 108 -67.84 -3.03 47.35
C VAL D 108 -69.07 -3.92 47.54
N GLU D 109 -68.94 -5.01 48.31
CA GLU D 109 -70.07 -5.92 48.49
C GLU D 109 -71.15 -5.33 49.42
N PRO D 110 -72.43 -5.60 49.09
CA PRO D 110 -73.53 -5.03 49.90
C PRO D 110 -73.62 -5.57 51.31
N THR D 111 -74.29 -4.80 52.19
CA THR D 111 -74.62 -5.23 53.54
C THR D 111 -76.12 -5.48 53.48
N VAL D 112 -76.54 -6.75 53.64
CA VAL D 112 -77.94 -7.15 53.51
C VAL D 112 -78.48 -7.57 54.87
N THR D 113 -79.61 -6.96 55.25
CA THR D 113 -80.34 -7.22 56.50
C THR D 113 -81.84 -7.12 56.28
N ILE D 114 -82.62 -7.87 57.07
CA ILE D 114 -84.08 -7.82 57.03
C ILE D 114 -84.55 -7.27 58.40
N SER D 115 -85.50 -6.32 58.41
CA SER D 115 -86.04 -5.73 59.62
C SER D 115 -87.51 -5.38 59.44
N PRO D 116 -88.45 -6.01 60.19
CA PRO D 116 -89.87 -5.72 60.00
C PRO D 116 -90.24 -4.30 60.47
N SER D 117 -90.34 -3.35 59.50
CA SER D 117 -90.67 -1.95 59.75
C SER D 117 -92.18 -1.78 59.93
N LEU D 127 -95.06 -5.22 57.16
CA LEU D 127 -94.15 -4.97 56.03
C LEU D 127 -92.70 -5.35 56.37
N LEU D 128 -92.18 -6.35 55.64
CA LEU D 128 -90.81 -6.87 55.77
C LEU D 128 -89.90 -6.13 54.79
N VAL D 129 -88.88 -5.40 55.29
CA VAL D 129 -87.99 -4.64 54.41
C VAL D 129 -86.54 -5.22 54.41
N CYS D 130 -86.08 -5.55 53.20
CA CYS D 130 -84.74 -6.04 52.91
C CYS D 130 -83.91 -4.84 52.46
N SER D 131 -82.98 -4.39 53.33
CA SER D 131 -82.14 -3.23 53.06
C SER D 131 -80.78 -3.68 52.53
N VAL D 132 -80.49 -3.30 51.27
CA VAL D 132 -79.25 -3.61 50.57
C VAL D 132 -78.48 -2.33 50.55
N THR D 133 -77.49 -2.21 51.44
CA THR D 133 -76.76 -0.94 51.59
C THR D 133 -75.26 -1.05 51.35
N ASP D 134 -74.67 0.10 50.96
CA ASP D 134 -73.25 0.43 50.77
C ASP D 134 -72.55 -0.50 49.76
N PHE D 135 -72.98 -0.44 48.49
CA PHE D 135 -72.41 -1.26 47.43
C PHE D 135 -71.97 -0.41 46.22
N TYR D 136 -71.03 -0.97 45.43
CA TYR D 136 -70.49 -0.34 44.23
C TYR D 136 -70.01 -1.40 43.23
N PRO D 137 -70.32 -1.31 41.91
CA PRO D 137 -71.12 -0.29 41.20
C PRO D 137 -72.64 -0.43 41.37
N ALA D 138 -73.42 0.25 40.48
CA ALA D 138 -74.88 0.36 40.47
C ALA D 138 -75.66 -0.94 40.26
N GLN D 139 -75.16 -1.84 39.40
CA GLN D 139 -75.77 -3.12 38.98
C GLN D 139 -76.22 -3.98 40.17
N ILE D 140 -77.54 -4.01 40.41
CA ILE D 140 -78.16 -4.73 41.51
C ILE D 140 -79.45 -5.42 41.06
N LYS D 141 -79.74 -6.57 41.67
CA LYS D 141 -80.96 -7.33 41.48
C LYS D 141 -81.33 -7.94 42.79
N VAL D 142 -82.53 -7.62 43.30
CA VAL D 142 -83.02 -8.14 44.58
C VAL D 142 -84.38 -8.85 44.40
N ARG D 143 -84.44 -10.11 44.83
CA ARG D 143 -85.63 -10.97 44.78
C ARG D 143 -85.97 -11.45 46.20
N TRP D 144 -87.27 -11.81 46.45
CA TRP D 144 -87.76 -12.30 47.74
C TRP D 144 -88.07 -13.80 47.70
N GLN D 149 -90.50 -21.34 50.04
CA GLN D 149 -91.35 -20.43 49.26
C GLN D 149 -90.78 -20.21 47.84
N GLU D 150 -91.43 -19.33 47.05
CA GLU D 150 -91.04 -18.93 45.70
C GLU D 150 -91.08 -17.38 45.58
N GLU D 151 -90.44 -16.80 44.52
CA GLU D 151 -90.41 -15.34 44.29
C GLU D 151 -91.84 -14.82 44.04
N THR D 152 -92.18 -13.65 44.62
CA THR D 152 -93.52 -13.05 44.53
C THR D 152 -93.58 -11.88 43.54
N THR D 153 -94.81 -11.43 43.22
CA THR D 153 -95.12 -10.30 42.34
C THR D 153 -96.19 -9.42 43.04
N GLY D 154 -95.70 -8.54 43.92
CA GLY D 154 -96.47 -7.60 44.73
C GLY D 154 -95.57 -6.86 45.70
N VAL D 155 -94.29 -6.61 45.29
CA VAL D 155 -93.23 -5.95 46.08
C VAL D 155 -93.08 -4.48 45.71
N VAL D 156 -92.96 -3.61 46.72
CA VAL D 156 -92.74 -2.18 46.53
C VAL D 156 -91.26 -1.89 46.80
N SER D 157 -90.52 -1.45 45.76
CA SER D 157 -89.07 -1.17 45.86
C SER D 157 -88.76 0.29 45.68
N THR D 158 -87.68 0.75 46.35
CA THR D 158 -87.17 2.12 46.24
C THR D 158 -86.40 2.21 44.93
N PRO D 159 -86.21 3.40 44.33
CA PRO D 159 -85.32 3.45 43.16
C PRO D 159 -83.87 3.34 43.66
N LEU D 160 -82.90 3.13 42.78
CA LEU D 160 -81.51 3.06 43.22
C LEU D 160 -81.11 4.37 43.92
N ILE D 161 -80.65 4.27 45.17
CA ILE D 161 -80.27 5.41 46.00
C ILE D 161 -78.79 5.67 45.90
N ARG D 162 -78.42 6.85 45.39
CA ARG D 162 -77.02 7.27 45.30
C ARG D 162 -76.69 8.05 46.56
N ASN D 163 -75.86 7.47 47.44
CA ASN D 163 -75.46 8.09 48.71
C ASN D 163 -74.48 9.27 48.50
N GLY D 164 -73.76 9.28 47.37
CA GLY D 164 -72.81 10.32 47.00
C GLY D 164 -71.41 10.14 47.52
N ASP D 165 -71.12 9.02 48.18
CA ASP D 165 -69.79 8.71 48.73
C ASP D 165 -69.16 7.48 48.03
N TRP D 166 -69.59 7.25 46.74
CA TRP D 166 -69.23 6.15 45.83
C TRP D 166 -69.89 4.83 46.29
N THR D 167 -70.99 4.92 47.04
CA THR D 167 -71.79 3.76 47.46
C THR D 167 -73.27 4.02 47.15
N PHE D 168 -74.00 2.94 46.86
CA PHE D 168 -75.42 2.97 46.58
C PHE D 168 -76.14 2.24 47.68
N GLN D 169 -77.47 2.36 47.65
CA GLN D 169 -78.45 1.78 48.56
C GLN D 169 -79.71 1.43 47.74
N ILE D 170 -80.46 0.42 48.17
CA ILE D 170 -81.73 -0.03 47.58
C ILE D 170 -82.48 -0.78 48.64
N LEU D 171 -83.73 -0.36 48.90
CA LEU D 171 -84.57 -0.99 49.92
C LEU D 171 -85.78 -1.60 49.26
N VAL D 172 -86.04 -2.88 49.51
CA VAL D 172 -87.17 -3.52 48.86
C VAL D 172 -88.08 -4.15 49.92
N MET D 173 -89.26 -3.53 50.08
CA MET D 173 -90.32 -3.90 51.02
C MET D 173 -91.17 -5.04 50.45
N LEU D 174 -91.88 -5.77 51.33
CA LEU D 174 -92.77 -6.88 50.99
C LEU D 174 -93.87 -6.97 52.07
N GLU D 175 -95.14 -7.11 51.63
CA GLU D 175 -96.29 -7.23 52.54
C GLU D 175 -96.33 -8.64 53.16
N MET D 176 -96.49 -8.69 54.51
CA MET D 176 -96.54 -9.88 55.39
C MET D 176 -95.35 -10.82 55.14
N ARG D 180 -97.05 -18.36 59.34
CA ARG D 180 -97.22 -19.75 59.75
C ARG D 180 -96.48 -20.12 61.08
N GLY D 181 -95.24 -19.67 61.33
CA GLY D 181 -94.41 -18.78 60.53
C GLY D 181 -93.44 -19.45 59.59
N ASP D 182 -93.71 -19.32 58.28
CA ASP D 182 -92.88 -19.84 57.20
C ASP D 182 -91.57 -19.00 57.07
N VAL D 183 -90.55 -19.55 56.36
CA VAL D 183 -89.22 -18.92 56.21
C VAL D 183 -89.17 -17.95 55.01
N TYR D 184 -88.95 -16.65 55.33
CA TYR D 184 -88.81 -15.55 54.37
C TYR D 184 -87.33 -15.33 54.03
N THR D 185 -86.99 -15.36 52.73
CA THR D 185 -85.60 -15.20 52.29
C THR D 185 -85.46 -14.10 51.25
N CYS D 186 -84.39 -13.28 51.42
CA CYS D 186 -84.03 -12.20 50.52
C CYS D 186 -82.79 -12.62 49.71
N HIS D 187 -82.87 -12.63 48.36
CA HIS D 187 -81.75 -13.04 47.53
C HIS D 187 -81.27 -11.90 46.70
N VAL D 188 -80.06 -11.42 47.01
CA VAL D 188 -79.43 -10.27 46.36
C VAL D 188 -78.26 -10.72 45.48
N GLU D 189 -78.16 -10.09 44.30
CA GLU D 189 -77.11 -10.31 43.31
C GLU D 189 -76.40 -9.00 42.98
N HIS D 190 -75.05 -9.04 42.96
CA HIS D 190 -74.20 -7.88 42.68
C HIS D 190 -72.85 -8.37 42.08
N PRO D 191 -72.18 -7.58 41.20
CA PRO D 191 -70.91 -8.04 40.58
C PRO D 191 -69.78 -8.40 41.55
N SER D 192 -69.73 -7.80 42.77
CA SER D 192 -68.70 -8.07 43.76
C SER D 192 -68.75 -9.50 44.33
N LEU D 193 -69.95 -10.11 44.32
CA LEU D 193 -70.21 -11.43 44.89
C LEU D 193 -69.99 -12.55 43.89
N GLN D 194 -69.31 -13.62 44.37
CA GLN D 194 -69.04 -14.84 43.59
C GLN D 194 -70.28 -15.74 43.62
N ASN D 195 -71.09 -15.58 44.66
CA ASN D 195 -72.35 -16.28 44.90
C ASN D 195 -73.35 -15.30 45.54
N PRO D 196 -74.65 -15.34 45.15
CA PRO D 196 -75.62 -14.38 45.74
C PRO D 196 -75.77 -14.55 47.25
N ILE D 197 -75.88 -13.43 47.97
CA ILE D 197 -76.03 -13.42 49.43
C ILE D 197 -77.53 -13.62 49.78
N ILE D 198 -77.81 -14.63 50.63
CA ILE D 198 -79.16 -14.94 51.09
C ILE D 198 -79.25 -14.61 52.58
N VAL D 199 -80.33 -13.91 52.98
CA VAL D 199 -80.63 -13.50 54.37
C VAL D 199 -82.00 -14.06 54.71
N GLU D 200 -82.10 -14.81 55.82
CA GLU D 200 -83.35 -15.46 56.22
C GLU D 200 -84.04 -14.81 57.43
N TRP D 201 -85.36 -15.06 57.54
CA TRP D 201 -86.27 -14.63 58.61
C TRP D 201 -87.04 -15.88 59.12
N ARG D 202 -86.93 -16.19 60.43
CA ARG D 202 -87.55 -17.33 61.10
C ARG D 202 -89.05 -17.50 60.85
N ASP E 1 -43.63 17.66 33.26
CA ASP E 1 -42.85 16.65 34.00
C ASP E 1 -41.92 15.85 33.04
N ALA E 2 -42.49 15.27 31.96
CA ALA E 2 -41.77 14.50 30.93
C ALA E 2 -40.88 15.42 30.08
N LYS E 3 -39.57 15.12 30.01
CA LYS E 3 -38.58 15.90 29.26
C LYS E 3 -38.09 15.13 28.01
N THR E 4 -37.44 15.86 27.11
CA THR E 4 -36.91 15.31 25.86
C THR E 4 -35.40 15.28 25.90
N THR E 5 -34.79 14.48 25.02
CA THR E 5 -33.34 14.41 24.89
C THR E 5 -33.07 14.53 23.44
N GLN E 6 -31.96 15.20 23.11
CA GLN E 6 -31.51 15.45 21.74
C GLN E 6 -29.99 15.38 21.62
N PRO E 7 -29.40 15.20 20.39
CA PRO E 7 -27.94 15.40 20.26
C PRO E 7 -27.62 16.90 20.47
N ASN E 8 -26.45 17.23 21.02
CA ASN E 8 -26.10 18.63 21.26
C ASN E 8 -25.82 19.36 19.95
N SER E 9 -25.23 18.65 18.98
CA SER E 9 -24.95 19.20 17.67
C SER E 9 -25.01 18.15 16.60
N MET E 10 -25.20 18.62 15.36
CA MET E 10 -25.21 17.82 14.15
C MET E 10 -24.67 18.63 13.00
N GLU E 11 -23.74 18.03 12.20
CA GLU E 11 -23.19 18.67 11.01
C GLU E 11 -23.67 17.92 9.79
N SER E 12 -24.39 18.62 8.93
CA SER E 12 -24.98 18.12 7.71
C SER E 12 -24.38 18.80 6.50
N ASN E 13 -24.42 18.10 5.37
CA ASN E 13 -23.97 18.60 4.08
C ASN E 13 -25.12 19.23 3.35
N GLU E 14 -24.85 20.38 2.76
CA GLU E 14 -25.79 21.14 1.95
C GLU E 14 -26.39 20.29 0.87
N GLU E 15 -27.70 20.46 0.61
CA GLU E 15 -28.46 19.74 -0.43
C GLU E 15 -28.83 18.29 -0.03
N GLU E 16 -28.42 17.85 1.15
CA GLU E 16 -28.73 16.52 1.64
C GLU E 16 -29.83 16.57 2.69
N PRO E 17 -30.68 15.52 2.83
CA PRO E 17 -31.71 15.55 3.89
C PRO E 17 -31.14 15.62 5.31
N VAL E 18 -31.89 16.21 6.24
CA VAL E 18 -31.49 16.37 7.63
C VAL E 18 -32.52 15.69 8.49
N HIS E 19 -32.10 14.81 9.39
CA HIS E 19 -33.00 14.09 10.27
C HIS E 19 -32.57 14.35 11.67
N LEU E 20 -33.27 15.29 12.33
CA LEU E 20 -32.95 15.69 13.68
C LEU E 20 -33.76 14.85 14.66
N PRO E 21 -33.11 13.96 15.43
CA PRO E 21 -33.88 13.08 16.32
C PRO E 21 -34.17 13.70 17.67
N CYS E 22 -35.25 13.18 18.27
CA CYS E 22 -35.69 13.56 19.60
C CYS E 22 -36.03 12.29 20.33
N ASN E 23 -35.76 12.24 21.63
CA ASN E 23 -36.08 11.09 22.41
C ASN E 23 -36.96 11.49 23.60
N HIS E 24 -38.03 10.73 23.86
CA HIS E 24 -39.00 11.03 24.90
C HIS E 24 -39.78 9.76 25.27
N SER E 25 -39.09 8.80 25.89
CA SER E 25 -39.66 7.48 26.24
C SER E 25 -40.72 7.60 27.27
N THR E 26 -40.59 8.60 28.14
CA THR E 26 -41.43 8.94 29.27
C THR E 26 -42.68 9.78 28.83
N ILE E 27 -42.86 10.01 27.50
CA ILE E 27 -44.01 10.79 26.96
C ILE E 27 -45.36 10.28 27.49
N SER E 28 -46.29 11.20 27.68
CA SER E 28 -47.63 10.86 28.12
C SER E 28 -48.60 10.84 26.94
N GLY E 29 -49.75 10.21 27.15
CA GLY E 29 -50.81 10.17 26.16
C GLY E 29 -51.34 11.56 25.88
N THR E 30 -51.19 12.49 26.86
CA THR E 30 -51.65 13.89 26.79
C THR E 30 -50.62 14.86 26.14
N ASP E 31 -49.37 14.41 25.88
CA ASP E 31 -48.32 15.28 25.34
C ASP E 31 -48.26 15.34 23.79
N TYR E 32 -48.10 16.56 23.28
CA TYR E 32 -47.88 16.84 21.86
C TYR E 32 -46.38 17.08 21.70
N ILE E 33 -45.84 16.83 20.50
CA ILE E 33 -44.43 17.02 20.17
C ILE E 33 -44.32 18.28 19.31
N HIS E 34 -43.49 19.25 19.75
CA HIS E 34 -43.27 20.52 19.07
C HIS E 34 -41.81 20.73 18.76
N TRP E 35 -41.54 21.36 17.64
CA TRP E 35 -40.21 21.74 17.25
C TRP E 35 -40.24 23.23 16.96
N TYR E 36 -39.27 23.92 17.53
CA TYR E 36 -39.01 25.35 17.41
C TYR E 36 -37.61 25.49 16.96
N ARG E 37 -37.31 26.56 16.24
CA ARG E 37 -35.97 26.82 15.71
C ARG E 37 -35.53 28.21 16.15
N GLN E 38 -34.22 28.43 16.27
CA GLN E 38 -33.68 29.73 16.61
C GLN E 38 -32.36 29.96 15.91
N LEU E 39 -32.34 31.02 15.12
CA LEU E 39 -31.18 31.52 14.42
C LEU E 39 -30.53 32.56 15.30
N PRO E 40 -29.22 32.79 15.23
CA PRO E 40 -28.66 33.84 16.10
C PRO E 40 -28.87 35.24 15.45
N SER E 41 -29.18 36.29 16.26
CA SER E 41 -29.45 36.24 17.70
C SER E 41 -30.96 36.57 17.88
N GLN E 42 -31.74 36.09 16.89
CA GLN E 42 -33.17 36.23 16.73
C GLN E 42 -33.96 35.38 17.74
N GLY E 43 -35.27 35.66 17.84
CA GLY E 43 -36.14 34.92 18.73
C GLY E 43 -36.51 33.53 18.23
N PRO E 44 -36.90 32.58 19.10
CA PRO E 44 -37.35 31.26 18.59
C PRO E 44 -38.57 31.42 17.67
N GLU E 45 -38.69 30.50 16.74
CA GLU E 45 -39.81 30.46 15.80
C GLU E 45 -40.24 29.01 15.60
N TYR E 46 -41.57 28.82 15.56
CA TYR E 46 -42.27 27.56 15.45
C TYR E 46 -41.96 26.94 14.09
N VAL E 47 -41.79 25.58 14.05
CA VAL E 47 -41.54 24.83 12.83
C VAL E 47 -42.75 23.91 12.50
N ILE E 48 -42.99 22.90 13.37
CA ILE E 48 -44.02 21.85 13.27
C ILE E 48 -44.39 21.30 14.66
N HIS E 49 -45.52 20.60 14.72
CA HIS E 49 -46.00 19.91 15.91
C HIS E 49 -46.90 18.73 15.49
N GLY E 50 -47.03 17.77 16.39
CA GLY E 50 -47.89 16.63 16.16
C GLY E 50 -48.20 15.88 17.43
N LEU E 51 -49.06 14.84 17.31
CA LEU E 51 -49.46 14.01 18.43
C LEU E 51 -48.99 12.56 18.25
N THR E 52 -49.50 11.84 17.22
CA THR E 52 -49.22 10.45 16.89
C THR E 52 -48.90 10.27 15.42
N SER E 53 -49.72 10.90 14.57
CA SER E 53 -49.64 10.84 13.11
C SER E 53 -48.47 11.67 12.58
N ASN E 54 -47.75 11.17 11.50
CA ASN E 54 -46.69 11.93 10.85
C ASN E 54 -47.31 13.17 10.22
N VAL E 55 -46.59 14.30 10.30
CA VAL E 55 -47.06 15.62 9.85
C VAL E 55 -46.14 16.15 8.80
N ASN E 56 -46.68 16.86 7.81
CA ASN E 56 -45.90 17.48 6.73
C ASN E 56 -46.39 18.88 6.48
N ASN E 57 -45.48 19.84 6.41
CA ASN E 57 -45.80 21.23 6.10
C ASN E 57 -44.75 21.82 5.11
N ARG E 58 -44.70 23.16 4.95
CA ARG E 58 -43.76 23.81 4.03
C ARG E 58 -42.35 23.78 4.63
N MET E 59 -42.20 24.19 5.90
CA MET E 59 -40.93 24.25 6.63
C MET E 59 -40.23 22.88 6.77
N ALA E 60 -40.98 21.83 7.13
CA ALA E 60 -40.44 20.51 7.43
C ALA E 60 -41.52 19.43 7.48
N SER E 61 -41.09 18.18 7.81
CA SER E 61 -41.91 17.01 8.09
C SER E 61 -41.57 16.51 9.49
N LEU E 62 -42.50 15.83 10.13
CA LEU E 62 -42.33 15.31 11.49
C LEU E 62 -42.74 13.89 11.53
N ALA E 63 -41.82 13.01 11.90
CA ALA E 63 -42.06 11.56 11.98
C ALA E 63 -42.16 11.16 13.42
N ILE E 64 -43.29 10.63 13.84
CA ILE E 64 -43.41 10.19 15.23
C ILE E 64 -43.39 8.67 15.22
N ALA E 65 -42.50 8.05 16.05
CA ALA E 65 -42.40 6.57 16.18
C ALA E 65 -43.72 5.99 16.65
N GLU E 66 -44.02 4.74 16.24
CA GLU E 66 -45.27 4.03 16.56
C GLU E 66 -45.56 4.00 18.06
N ASP E 67 -44.53 3.75 18.91
CA ASP E 67 -44.62 3.72 20.38
C ASP E 67 -44.65 5.14 21.02
N ARG E 68 -44.47 6.19 20.16
CA ARG E 68 -44.39 7.62 20.48
C ARG E 68 -43.21 7.95 21.42
N LYS E 69 -42.20 7.03 21.51
CA LYS E 69 -41.07 7.18 22.42
C LYS E 69 -39.93 7.99 21.82
N SER E 70 -40.06 8.39 20.55
CA SER E 70 -39.11 9.23 19.82
C SER E 70 -39.80 9.86 18.60
N SER E 71 -39.15 10.87 18.06
CA SER E 71 -39.62 11.58 16.87
C SER E 71 -38.40 12.06 16.09
N THR E 72 -38.61 12.63 14.91
CA THR E 72 -37.59 13.15 14.01
C THR E 72 -38.13 14.38 13.28
N LEU E 73 -37.29 15.40 13.13
CA LEU E 73 -37.59 16.58 12.33
C LEU E 73 -36.87 16.36 11.02
N ILE E 74 -37.63 16.41 9.93
CA ILE E 74 -37.06 16.17 8.62
C ILE E 74 -37.04 17.45 7.78
N LEU E 75 -35.83 17.84 7.37
CA LEU E 75 -35.52 18.87 6.38
C LEU E 75 -35.14 18.04 5.15
N HIS E 76 -35.96 18.10 4.09
CA HIS E 76 -35.81 17.22 2.92
C HIS E 76 -34.60 17.55 2.05
N ARG E 77 -34.06 18.76 2.20
CA ARG E 77 -32.90 19.25 1.47
C ARG E 77 -32.29 20.37 2.27
N ALA E 78 -31.09 20.16 2.90
CA ALA E 78 -30.44 21.20 3.69
C ALA E 78 -30.01 22.36 2.85
N THR E 79 -30.10 23.53 3.47
CA THR E 79 -29.74 24.84 2.98
C THR E 79 -28.81 25.45 4.01
N LEU E 80 -27.91 26.36 3.63
CA LEU E 80 -27.05 27.03 4.62
C LEU E 80 -27.91 27.83 5.66
N ARG E 81 -29.11 28.34 5.23
CA ARG E 81 -30.07 29.10 6.05
C ARG E 81 -30.73 28.26 7.13
N ASP E 82 -30.50 26.92 7.08
CA ASP E 82 -31.06 25.95 8.01
C ASP E 82 -30.22 25.85 9.26
N ALA E 83 -28.97 26.31 9.23
CA ALA E 83 -28.09 26.32 10.39
C ALA E 83 -28.74 27.17 11.45
N ALA E 84 -29.11 26.50 12.56
CA ALA E 84 -29.83 27.05 13.70
C ALA E 84 -29.86 26.04 14.82
N VAL E 85 -30.42 26.45 15.99
CA VAL E 85 -30.65 25.60 17.16
C VAL E 85 -32.11 25.19 17.13
N TYR E 86 -32.35 23.87 17.05
CA TYR E 86 -33.62 23.15 16.95
C TYR E 86 -33.99 22.57 18.29
N TYR E 87 -35.14 23.03 18.81
CA TYR E 87 -35.68 22.59 20.09
C TYR E 87 -36.92 21.67 19.91
N CYS E 88 -36.83 20.45 20.45
CA CYS E 88 -37.94 19.49 20.57
C CYS E 88 -38.52 19.68 22.00
N ILE E 89 -39.75 20.19 22.07
CA ILE E 89 -40.47 20.55 23.29
C ILE E 89 -41.76 19.72 23.40
N LEU E 90 -42.09 19.23 24.62
CA LEU E 90 -43.36 18.51 24.91
C LEU E 90 -44.38 19.49 25.43
N ARG E 91 -45.62 19.36 24.93
CA ARG E 91 -46.67 20.30 25.26
C ARG E 91 -47.92 19.60 25.70
N ASP E 92 -48.52 20.15 26.76
CA ASP E 92 -49.72 19.65 27.38
C ASP E 92 -50.54 20.76 27.90
N ARG E 93 -51.75 20.91 27.33
CA ARG E 93 -52.71 21.91 27.72
C ARG E 93 -51.98 23.24 27.96
N SER E 94 -52.16 23.87 29.10
CA SER E 94 -51.57 25.16 29.40
C SER E 94 -50.19 25.11 30.13
N ASN E 95 -49.53 23.95 30.25
CA ASN E 95 -48.23 23.92 30.94
C ASN E 95 -47.21 24.81 30.17
N GLN E 96 -46.15 25.27 30.85
CA GLN E 96 -45.12 26.15 30.29
C GLN E 96 -44.17 25.42 29.37
N PHE E 97 -43.61 26.15 28.40
CA PHE E 97 -42.54 25.66 27.50
C PHE E 97 -41.28 25.42 28.27
N TYR E 98 -40.60 24.35 27.94
CA TYR E 98 -39.27 24.05 28.43
C TYR E 98 -38.47 23.79 27.18
N PHE E 99 -37.58 24.74 26.82
CA PHE E 99 -36.84 24.65 25.57
C PHE E 99 -35.76 23.58 25.61
N GLY E 100 -35.06 23.53 26.75
CA GLY E 100 -33.94 22.61 26.90
C GLY E 100 -32.76 23.09 26.10
N THR E 101 -31.79 22.22 25.95
CA THR E 101 -30.56 22.53 25.32
C THR E 101 -30.63 22.54 23.76
N GLY E 102 -31.53 21.76 23.15
CA GLY E 102 -31.67 21.64 21.70
C GLY E 102 -30.48 21.01 20.99
N THR E 103 -30.54 20.97 19.61
CA THR E 103 -29.46 20.52 18.69
C THR E 103 -28.94 21.71 17.85
N SER E 104 -27.63 22.01 17.95
CA SER E 104 -27.08 23.03 17.08
C SER E 104 -26.78 22.42 15.70
N LEU E 105 -27.58 22.78 14.67
CA LEU E 105 -27.35 22.28 13.32
C LEU E 105 -26.49 23.26 12.55
N THR E 106 -25.42 22.73 11.98
CA THR E 106 -24.38 23.33 11.17
C THR E 106 -24.54 22.66 9.81
N VAL E 107 -24.64 23.46 8.75
CA VAL E 107 -24.79 22.99 7.35
C VAL E 107 -23.56 23.43 6.52
N ILE E 108 -22.85 22.47 5.96
CA ILE E 108 -21.56 22.66 5.28
C ILE E 108 -21.69 22.64 3.75
N PRO E 109 -21.17 23.64 3.00
CA PRO E 109 -21.24 23.59 1.52
C PRO E 109 -20.27 22.58 0.92
N ASN E 110 -20.64 21.93 -0.21
CA ASN E 110 -19.67 21.05 -0.88
C ASN E 110 -18.92 21.91 -1.90
N ILE E 111 -17.59 22.05 -1.70
CA ILE E 111 -16.68 22.83 -2.55
C ILE E 111 -16.27 21.91 -3.74
N GLN E 112 -16.88 22.18 -4.93
CA GLN E 112 -16.71 21.34 -6.14
C GLN E 112 -15.29 21.39 -6.70
N ASN E 113 -14.72 22.60 -6.87
CA ASN E 113 -13.35 22.71 -7.37
C ASN E 113 -12.51 23.54 -6.39
N PRO E 114 -11.89 22.84 -5.40
CA PRO E 114 -11.03 23.55 -4.42
C PRO E 114 -9.82 24.16 -5.12
N ASP E 115 -9.41 25.33 -4.67
CA ASP E 115 -8.28 26.07 -5.24
C ASP E 115 -7.59 26.79 -4.06
N PRO E 116 -7.14 26.05 -3.00
CA PRO E 116 -6.57 26.71 -1.81
C PRO E 116 -5.46 27.68 -2.15
N ALA E 117 -5.55 28.90 -1.57
CA ALA E 117 -4.60 29.98 -1.77
C ALA E 117 -4.67 31.06 -0.69
N VAL E 118 -3.50 31.68 -0.38
CA VAL E 118 -3.34 32.75 0.61
C VAL E 118 -2.95 34.02 -0.16
N TYR E 119 -3.78 35.07 -0.05
CA TYR E 119 -3.55 36.33 -0.74
C TYR E 119 -3.38 37.48 0.24
N GLN E 120 -2.70 38.57 -0.22
CA GLN E 120 -2.48 39.80 0.54
C GLN E 120 -3.30 40.94 -0.10
N LEU E 121 -4.10 41.65 0.72
CA LEU E 121 -4.99 42.74 0.35
C LEU E 121 -4.60 44.02 1.08
N ARG E 122 -4.23 45.11 0.36
CA ARG E 122 -3.88 46.37 1.02
C ARG E 122 -5.16 47.22 1.23
N ASP E 123 -5.15 48.06 2.31
CA ASP E 123 -6.26 48.93 2.73
C ASP E 123 -6.55 50.02 1.69
N SER E 124 -7.85 50.26 1.39
CA SER E 124 -8.34 51.26 0.44
C SER E 124 -8.00 52.73 0.85
N LYS E 125 -7.74 52.99 2.16
CA LYS E 125 -7.41 54.32 2.68
C LYS E 125 -5.88 54.48 2.83
N SER E 126 -5.23 53.62 3.65
CA SER E 126 -3.78 53.66 3.86
C SER E 126 -3.12 52.39 3.33
N SER E 127 -2.11 52.54 2.44
CA SER E 127 -1.38 51.43 1.77
C SER E 127 -0.64 50.48 2.75
N ASP E 128 -0.05 51.05 3.83
CA ASP E 128 0.75 50.37 4.86
C ASP E 128 -0.02 49.29 5.68
N LYS E 129 -1.37 49.32 5.70
CA LYS E 129 -2.17 48.33 6.44
C LYS E 129 -2.42 47.09 5.57
N SER E 130 -2.17 45.88 6.13
CA SER E 130 -2.26 44.62 5.39
C SER E 130 -2.97 43.46 6.13
N VAL E 131 -3.85 42.78 5.37
CA VAL E 131 -4.66 41.63 5.75
C VAL E 131 -4.33 40.44 4.82
N CYS E 132 -4.30 39.21 5.38
CA CYS E 132 -4.06 37.97 4.61
C CYS E 132 -5.37 37.23 4.45
N LEU E 133 -5.59 36.60 3.28
CA LEU E 133 -6.83 35.85 3.03
C LEU E 133 -6.56 34.40 2.63
N PHE E 134 -6.96 33.47 3.51
CA PHE E 134 -6.95 32.05 3.20
C PHE E 134 -8.30 31.73 2.63
N THR E 135 -8.34 31.31 1.35
CA THR E 135 -9.61 31.03 0.68
C THR E 135 -9.54 29.86 -0.30
N ASP E 136 -10.73 29.41 -0.75
CA ASP E 136 -11.04 28.39 -1.76
C ASP E 136 -10.66 26.95 -1.35
N PHE E 137 -10.58 26.71 -0.04
CA PHE E 137 -10.28 25.39 0.52
C PHE E 137 -11.58 24.59 0.75
N ASP E 138 -11.52 23.24 0.76
CA ASP E 138 -12.71 22.43 1.05
C ASP E 138 -13.03 22.46 2.55
N SER E 139 -14.32 22.31 2.87
CA SER E 139 -14.90 22.43 4.20
C SER E 139 -14.36 21.36 5.22
N GLN E 140 -13.38 20.54 4.81
CA GLN E 140 -12.74 19.58 5.70
C GLN E 140 -11.35 20.14 6.18
N THR E 141 -10.93 21.34 5.66
CA THR E 141 -9.73 22.08 6.09
C THR E 141 -10.06 22.76 7.42
N ASN E 142 -9.15 22.69 8.40
CA ASN E 142 -9.39 23.32 9.72
C ASN E 142 -8.42 24.46 9.91
N VAL E 143 -8.98 25.63 10.24
CA VAL E 143 -8.21 26.85 10.43
C VAL E 143 -7.91 27.00 11.91
N SER E 144 -6.64 26.85 12.26
CA SER E 144 -6.18 26.98 13.64
C SER E 144 -5.82 28.43 13.90
N GLN E 145 -6.05 28.89 15.14
CA GLN E 145 -5.76 30.26 15.59
C GLN E 145 -4.25 30.54 15.62
N SER E 146 -3.87 31.81 15.85
CA SER E 146 -2.47 32.21 15.86
C SER E 146 -1.73 31.85 17.14
N LYS E 147 -0.46 31.40 16.98
CA LYS E 147 0.46 31.08 18.08
C LYS E 147 1.25 32.36 18.45
N ASP E 148 0.64 33.54 18.18
CA ASP E 148 1.15 34.87 18.43
C ASP E 148 0.06 35.74 19.05
N SER E 149 0.45 36.69 19.90
CA SER E 149 -0.47 37.62 20.56
C SER E 149 -0.82 38.79 19.64
N ASP E 150 0.15 39.24 18.81
CA ASP E 150 0.05 40.35 17.86
C ASP E 150 -0.68 39.96 16.55
N VAL E 151 -1.03 38.65 16.36
CA VAL E 151 -1.69 38.11 15.17
C VAL E 151 -3.11 37.62 15.49
N TYR E 152 -4.08 38.04 14.67
CA TYR E 152 -5.48 37.65 14.78
C TYR E 152 -5.88 36.89 13.54
N ILE E 153 -6.49 35.70 13.73
CA ILE E 153 -6.94 34.82 12.69
C ILE E 153 -8.39 34.50 12.97
N THR E 154 -9.27 34.73 11.98
CA THR E 154 -10.69 34.45 12.15
C THR E 154 -10.98 33.02 11.79
N ASP E 155 -12.14 32.52 12.19
CA ASP E 155 -12.53 31.17 11.81
C ASP E 155 -13.11 31.21 10.40
N LYS E 156 -13.22 30.03 9.74
CA LYS E 156 -13.78 29.95 8.39
C LYS E 156 -15.23 30.52 8.39
N CYS E 157 -15.64 31.01 7.23
CA CYS E 157 -16.91 31.65 6.98
C CYS E 157 -17.27 31.35 5.50
N VAL E 158 -18.54 30.91 5.21
CA VAL E 158 -19.04 30.50 3.88
C VAL E 158 -19.91 31.58 3.20
N LEU E 159 -19.48 31.99 1.96
CA LEU E 159 -20.15 32.95 1.09
C LEU E 159 -20.75 32.22 -0.10
N ASP E 160 -21.93 32.68 -0.56
CA ASP E 160 -22.60 32.05 -1.70
C ASP E 160 -22.79 33.04 -2.83
N MET E 161 -22.04 32.86 -3.93
CA MET E 161 -22.15 33.62 -5.16
C MET E 161 -23.21 32.92 -6.03
N ARG E 162 -24.47 32.95 -5.54
CA ARG E 162 -25.70 32.33 -6.07
C ARG E 162 -25.77 32.24 -7.62
N SER E 163 -25.70 33.40 -8.33
CA SER E 163 -25.79 33.51 -9.81
C SER E 163 -24.70 32.66 -10.49
N MET E 164 -23.46 32.70 -9.96
CA MET E 164 -22.29 31.95 -10.43
C MET E 164 -22.37 30.47 -10.06
N ASP E 165 -23.35 30.06 -9.19
CA ASP E 165 -23.51 28.69 -8.64
C ASP E 165 -22.19 28.31 -8.00
N PHE E 166 -21.73 29.17 -7.08
CA PHE E 166 -20.41 29.06 -6.47
C PHE E 166 -20.44 29.50 -5.00
N LYS E 167 -19.77 28.73 -4.13
CA LYS E 167 -19.66 29.05 -2.70
C LYS E 167 -18.22 28.97 -2.30
N SER E 168 -17.80 29.74 -1.31
CA SER E 168 -16.39 29.61 -0.88
C SER E 168 -16.20 29.85 0.62
N ASN E 169 -15.21 29.15 1.15
CA ASN E 169 -14.77 29.26 2.52
C ASN E 169 -13.59 30.21 2.56
N SER E 170 -13.49 31.03 3.62
CA SER E 170 -12.34 31.90 3.80
C SER E 170 -12.13 32.29 5.28
N ALA E 171 -10.87 32.50 5.63
CA ALA E 171 -10.44 32.97 6.92
C ALA E 171 -9.47 34.13 6.69
N VAL E 172 -9.55 35.14 7.56
CA VAL E 172 -8.78 36.38 7.49
C VAL E 172 -7.79 36.43 8.68
N ALA E 173 -6.53 36.80 8.39
CA ALA E 173 -5.50 36.99 9.41
C ALA E 173 -4.88 38.36 9.26
N TRP E 174 -4.58 39.02 10.38
CA TRP E 174 -3.93 40.32 10.37
C TRP E 174 -3.08 40.53 11.62
N SER E 175 -2.16 41.51 11.53
CA SER E 175 -1.22 41.88 12.60
C SER E 175 -0.76 43.34 12.44
N ASN E 176 -0.25 43.89 13.57
CA ASN E 176 0.31 45.26 13.69
C ASN E 176 1.77 45.31 13.23
N LYS E 177 2.47 44.16 13.28
CA LYS E 177 3.88 43.97 12.92
C LYS E 177 4.16 44.31 11.44
N SER E 178 5.34 44.90 11.17
CA SER E 178 5.80 45.29 9.82
C SER E 178 6.28 44.07 9.03
N ASP E 179 6.94 43.12 9.73
CA ASP E 179 7.47 41.87 9.18
C ASP E 179 6.38 40.74 9.17
N PHE E 180 5.09 41.12 8.97
CA PHE E 180 3.98 40.17 8.91
C PHE E 180 3.75 39.73 7.47
N ALA E 181 4.26 38.53 7.14
CA ALA E 181 4.16 37.95 5.81
C ALA E 181 3.02 36.96 5.73
N CYS E 182 2.35 36.93 4.57
CA CYS E 182 1.24 36.01 4.29
C CYS E 182 1.74 34.60 4.03
N ALA E 183 2.99 34.44 3.52
CA ALA E 183 3.63 33.14 3.23
C ALA E 183 3.80 32.28 4.51
N ASN E 184 3.80 32.95 5.69
CA ASN E 184 3.89 32.33 7.00
C ASN E 184 2.92 33.08 7.93
N ALA E 185 1.59 32.96 7.64
CA ALA E 185 0.48 33.58 8.39
C ALA E 185 -0.43 32.54 8.98
N PHE E 186 -0.66 31.45 8.22
CA PHE E 186 -1.54 30.34 8.59
C PHE E 186 -0.74 29.02 8.78
N ASN E 187 0.54 29.14 9.20
CA ASN E 187 1.43 28.00 9.42
C ASN E 187 1.01 27.09 10.62
N ASN E 188 0.24 27.61 11.61
CA ASN E 188 -0.26 26.77 12.72
C ASN E 188 -1.32 25.83 12.17
N SER E 189 -2.14 26.35 11.24
CA SER E 189 -3.22 25.64 10.57
C SER E 189 -2.67 24.54 9.65
N ILE E 190 -3.47 23.50 9.40
CA ILE E 190 -3.14 22.39 8.53
C ILE E 190 -3.56 22.78 7.08
N ILE E 191 -2.78 23.67 6.48
CA ILE E 191 -3.03 24.19 5.14
C ILE E 191 -2.70 23.10 4.11
N PRO E 192 -3.54 22.92 3.04
CA PRO E 192 -3.27 21.87 2.04
C PRO E 192 -1.87 21.96 1.41
N GLU E 193 -1.35 20.83 0.88
CA GLU E 193 -0.02 20.77 0.24
C GLU E 193 -0.01 21.62 -1.04
N ASP E 194 -1.08 21.51 -1.84
CA ASP E 194 -1.27 22.19 -3.12
C ASP E 194 -1.62 23.71 -2.99
N THR E 195 -1.60 24.29 -1.76
CA THR E 195 -1.96 25.70 -1.51
C THR E 195 -1.01 26.66 -2.26
N PHE E 196 -1.61 27.56 -3.06
CA PHE E 196 -0.93 28.53 -3.91
C PHE E 196 -0.48 29.77 -3.11
N PHE E 197 0.81 30.18 -3.28
CA PHE E 197 1.38 31.35 -2.61
C PHE E 197 1.98 32.36 -3.63
N PRO E 198 1.23 33.42 -4.00
CA PRO E 198 1.78 34.43 -4.93
C PRO E 198 2.83 35.34 -4.26
N ASP F 1 -42.21 40.46 11.56
CA ASP F 1 -42.17 39.02 11.26
C ASP F 1 -43.32 38.33 11.97
N SER F 2 -43.19 38.10 13.31
CA SER F 2 -44.18 37.41 14.16
C SER F 2 -45.31 38.33 14.68
N GLY F 3 -45.15 39.65 14.56
CA GLY F 3 -46.15 40.59 15.05
C GLY F 3 -45.95 41.00 16.49
N VAL F 4 -44.95 40.41 17.19
CA VAL F 4 -44.59 40.76 18.57
C VAL F 4 -43.42 41.78 18.49
N THR F 5 -43.60 42.94 19.14
CA THR F 5 -42.56 43.98 19.17
C THR F 5 -42.00 44.09 20.60
N GLN F 6 -40.72 44.46 20.72
CA GLN F 6 -39.99 44.62 21.98
C GLN F 6 -39.11 45.84 21.92
N THR F 7 -39.07 46.63 23.00
CA THR F 7 -38.24 47.84 23.12
C THR F 7 -37.58 47.89 24.53
N PRO F 8 -36.32 48.38 24.68
CA PRO F 8 -35.39 48.78 23.61
C PRO F 8 -34.78 47.52 22.98
N LYS F 9 -34.25 47.61 21.73
CA LYS F 9 -33.63 46.47 21.02
C LYS F 9 -32.39 45.99 21.82
N HIS F 10 -31.67 46.94 22.44
CA HIS F 10 -30.50 46.66 23.25
C HIS F 10 -30.40 47.72 24.37
N LEU F 11 -29.67 47.39 25.45
CA LEU F 11 -29.53 48.26 26.60
C LEU F 11 -28.29 47.92 27.43
N ILE F 12 -27.45 48.95 27.70
CA ILE F 12 -26.24 48.88 28.53
C ILE F 12 -26.52 49.70 29.77
N THR F 13 -26.42 49.06 30.97
CA THR F 13 -26.60 49.72 32.27
C THR F 13 -25.56 49.23 33.28
N ALA F 14 -25.39 49.99 34.37
CA ALA F 14 -24.43 49.66 35.43
C ALA F 14 -25.09 48.81 36.51
N THR F 15 -24.29 48.21 37.41
CA THR F 15 -24.77 47.38 38.50
C THR F 15 -25.57 48.22 39.53
N GLY F 16 -26.55 47.59 40.16
CA GLY F 16 -27.41 48.24 41.14
C GLY F 16 -28.54 49.08 40.58
N GLN F 17 -28.56 49.30 39.25
CA GLN F 17 -29.59 50.09 38.57
C GLN F 17 -30.86 49.26 38.32
N ARG F 18 -31.94 49.92 37.87
CA ARG F 18 -33.20 49.28 37.51
C ARG F 18 -33.47 49.55 36.04
N VAL F 19 -34.07 48.58 35.36
CA VAL F 19 -34.40 48.71 33.95
C VAL F 19 -35.81 48.21 33.72
N THR F 20 -36.52 48.79 32.76
CA THR F 20 -37.87 48.37 32.38
C THR F 20 -37.85 48.00 30.90
N LEU F 21 -38.16 46.72 30.58
CA LEU F 21 -38.22 46.26 29.20
C LEU F 21 -39.68 46.16 28.78
N ARG F 22 -40.04 46.77 27.65
CA ARG F 22 -41.41 46.80 27.14
C ARG F 22 -41.60 45.75 26.08
N CYS F 23 -42.84 45.28 25.94
CA CYS F 23 -43.25 44.21 25.03
C CYS F 23 -44.71 44.38 24.58
N SER F 24 -44.91 44.54 23.28
CA SER F 24 -46.25 44.68 22.73
C SER F 24 -46.61 43.37 22.03
N PRO F 25 -47.56 42.59 22.61
CA PRO F 25 -47.95 41.32 21.97
C PRO F 25 -48.67 41.53 20.62
N ARG F 26 -49.12 40.45 19.98
CA ARG F 26 -49.85 40.57 18.73
C ARG F 26 -51.24 41.07 19.08
N SER F 27 -51.90 41.77 18.15
CA SER F 27 -53.28 42.23 18.38
C SER F 27 -54.17 41.02 18.54
N GLY F 28 -54.95 41.02 19.60
CA GLY F 28 -55.86 39.94 19.91
C GLY F 28 -55.30 38.90 20.85
N ASP F 29 -53.96 38.92 21.09
CA ASP F 29 -53.32 37.93 21.99
C ASP F 29 -53.52 38.37 23.44
N LEU F 30 -54.18 37.50 24.22
CA LEU F 30 -54.54 37.78 25.61
C LEU F 30 -53.51 37.29 26.60
N SER F 31 -52.53 36.49 26.12
CA SER F 31 -51.46 35.91 26.94
C SER F 31 -50.07 36.50 26.56
N VAL F 32 -49.22 36.87 27.57
CA VAL F 32 -47.82 37.33 27.41
C VAL F 32 -46.90 36.39 28.21
N TYR F 33 -45.66 36.17 27.70
CA TYR F 33 -44.60 35.34 28.26
C TYR F 33 -43.25 36.07 28.30
N TRP F 34 -42.41 35.77 29.29
CA TRP F 34 -41.08 36.33 29.40
C TRP F 34 -40.12 35.19 29.57
N TYR F 35 -39.06 35.21 28.74
CA TYR F 35 -37.95 34.29 28.77
C TYR F 35 -36.64 35.06 28.90
N GLN F 36 -35.63 34.39 29.45
CA GLN F 36 -34.28 34.92 29.56
C GLN F 36 -33.32 33.88 28.99
N GLN F 37 -32.56 34.29 27.97
CA GLN F 37 -31.55 33.46 27.34
C GLN F 37 -30.18 34.03 27.72
N SER F 38 -29.46 33.28 28.56
CA SER F 38 -28.13 33.55 29.09
C SER F 38 -27.20 32.40 28.69
N LEU F 39 -25.90 32.64 28.39
CA LEU F 39 -24.93 31.57 28.03
C LEU F 39 -24.77 30.58 29.18
N ASP F 40 -24.91 31.08 30.42
CA ASP F 40 -24.75 30.30 31.64
C ASP F 40 -25.89 29.29 31.89
N GLN F 41 -27.19 29.71 31.74
CA GLN F 41 -28.33 28.84 32.03
C GLN F 41 -29.33 28.64 30.83
N GLY F 42 -28.97 29.10 29.62
CA GLY F 42 -29.77 28.95 28.41
C GLY F 42 -31.09 29.70 28.39
N LEU F 43 -32.07 29.21 27.59
CA LEU F 43 -33.41 29.76 27.44
C LEU F 43 -34.33 29.31 28.59
N GLN F 44 -34.62 30.23 29.52
CA GLN F 44 -35.45 29.94 30.69
C GLN F 44 -36.68 30.81 30.72
N PHE F 45 -37.78 30.19 31.14
CA PHE F 45 -39.07 30.83 31.27
C PHE F 45 -39.13 31.54 32.61
N LEU F 46 -39.55 32.80 32.57
CA LEU F 46 -39.66 33.62 33.74
C LEU F 46 -41.08 33.68 34.24
N ILE F 47 -42.02 34.22 33.42
CA ILE F 47 -43.41 34.47 33.83
C ILE F 47 -44.37 34.61 32.63
N GLN F 48 -45.65 34.32 32.88
CA GLN F 48 -46.76 34.40 31.93
C GLN F 48 -47.93 35.15 32.58
N TYR F 49 -48.53 36.10 31.85
CA TYR F 49 -49.71 36.83 32.25
C TYR F 49 -50.81 36.59 31.26
N TYR F 50 -52.05 36.54 31.71
CA TYR F 50 -53.22 36.35 30.87
C TYR F 50 -54.35 37.27 31.39
N ASN F 51 -54.94 38.11 30.50
CA ASN F 51 -55.98 39.05 30.87
C ASN F 51 -55.56 39.90 32.07
N GLY F 52 -54.32 40.38 32.05
CA GLY F 52 -53.74 41.24 33.08
C GLY F 52 -53.42 40.59 34.40
N GLU F 53 -53.56 39.26 34.51
CA GLU F 53 -53.31 38.57 35.77
C GLU F 53 -52.26 37.47 35.59
N GLU F 54 -51.38 37.30 36.61
CA GLU F 54 -50.32 36.28 36.60
C GLU F 54 -50.92 34.90 36.44
N ARG F 55 -50.36 34.14 35.51
CA ARG F 55 -50.86 32.81 35.17
C ARG F 55 -49.83 31.71 35.44
N ALA F 56 -48.55 31.98 35.21
CA ALA F 56 -47.45 31.03 35.42
C ALA F 56 -46.16 31.73 35.80
N LYS F 57 -45.37 31.11 36.65
CA LYS F 57 -44.12 31.61 37.17
C LYS F 57 -43.08 30.55 36.97
N GLY F 58 -41.91 30.96 36.52
CA GLY F 58 -40.75 30.11 36.36
C GLY F 58 -39.84 30.39 37.55
N ASN F 59 -38.53 30.21 37.38
CA ASN F 59 -37.64 30.53 38.50
C ASN F 59 -37.21 31.99 38.40
N ILE F 60 -38.18 32.88 38.64
CA ILE F 60 -38.01 34.32 38.58
C ILE F 60 -37.55 34.85 39.97
N LEU F 61 -36.60 35.82 39.96
CA LEU F 61 -36.04 36.42 41.17
C LEU F 61 -36.93 37.53 41.71
N GLU F 62 -36.91 37.77 43.03
CA GLU F 62 -37.73 38.83 43.67
C GLU F 62 -37.48 40.19 43.02
N ARG F 63 -36.22 40.41 42.58
CA ARG F 63 -35.69 41.60 41.90
C ARG F 63 -36.46 41.85 40.59
N PHE F 64 -36.86 40.75 39.91
CA PHE F 64 -37.66 40.78 38.69
C PHE F 64 -39.17 40.81 39.00
N SER F 65 -39.92 41.62 38.26
CA SER F 65 -41.38 41.70 38.38
C SER F 65 -41.95 42.04 37.00
N ALA F 66 -43.14 41.51 36.69
CA ALA F 66 -43.79 41.81 35.42
C ALA F 66 -45.23 42.22 35.59
N GLN F 67 -45.74 43.01 34.65
CA GLN F 67 -47.12 43.45 34.62
C GLN F 67 -47.66 43.33 33.22
N GLN F 68 -48.92 43.01 33.13
CA GLN F 68 -49.68 43.03 31.90
C GLN F 68 -50.78 44.03 32.18
N PHE F 69 -50.93 45.00 31.29
CA PHE F 69 -51.80 46.16 31.36
C PHE F 69 -53.15 45.98 30.63
N PRO F 70 -54.16 46.88 30.77
CA PRO F 70 -55.44 46.66 30.05
C PRO F 70 -55.27 46.70 28.52
N ASP F 71 -54.25 47.43 28.06
CA ASP F 71 -53.82 47.55 26.67
C ASP F 71 -53.39 46.19 26.13
N LEU F 72 -52.89 45.33 27.06
CA LEU F 72 -52.32 43.97 26.98
C LEU F 72 -50.79 44.02 26.78
N HIS F 73 -50.19 45.23 26.64
CA HIS F 73 -48.74 45.33 26.53
C HIS F 73 -48.13 44.93 27.87
N SER F 74 -46.98 44.28 27.83
CA SER F 74 -46.31 43.79 29.04
C SER F 74 -45.09 44.67 29.38
N GLU F 75 -44.62 44.57 30.63
CA GLU F 75 -43.44 45.27 31.11
C GLU F 75 -42.67 44.42 32.09
N LEU F 76 -41.39 44.15 31.79
CA LEU F 76 -40.56 43.40 32.72
C LEU F 76 -39.61 44.40 33.36
N ASN F 77 -39.75 44.55 34.69
CA ASN F 77 -38.97 45.46 35.52
C ASN F 77 -37.92 44.68 36.26
N LEU F 78 -36.66 45.02 36.02
CA LEU F 78 -35.51 44.39 36.63
C LEU F 78 -34.89 45.39 37.58
N SER F 79 -34.85 45.08 38.89
CA SER F 79 -34.25 45.99 39.88
C SER F 79 -32.94 45.39 40.41
N SER F 80 -32.08 46.26 41.00
CA SER F 80 -30.77 45.96 41.56
C SER F 80 -30.07 44.97 40.68
N LEU F 81 -29.65 45.46 39.52
CA LEU F 81 -29.00 44.65 38.52
C LEU F 81 -27.64 44.16 38.94
N GLU F 82 -27.43 42.88 38.68
CA GLU F 82 -26.20 42.14 38.90
C GLU F 82 -25.64 41.83 37.53
N LEU F 83 -24.33 41.53 37.46
CA LEU F 83 -23.64 41.23 36.20
C LEU F 83 -24.22 40.00 35.51
N GLY F 84 -24.68 39.04 36.30
CA GLY F 84 -25.29 37.79 35.84
C GLY F 84 -26.62 37.97 35.11
N ASP F 85 -27.30 39.11 35.32
CA ASP F 85 -28.57 39.46 34.68
C ASP F 85 -28.35 39.85 33.22
N SER F 86 -27.08 39.94 32.78
CA SER F 86 -26.73 40.23 31.39
C SER F 86 -27.16 39.02 30.57
N ALA F 87 -28.11 39.26 29.63
CA ALA F 87 -28.71 38.24 28.78
C ALA F 87 -29.65 38.84 27.73
N LEU F 88 -30.37 37.94 27.03
CA LEU F 88 -31.39 38.24 26.04
C LEU F 88 -32.73 38.01 26.71
N TYR F 89 -33.61 39.00 26.59
CA TYR F 89 -34.92 38.88 27.18
C TYR F 89 -35.93 38.88 26.08
N PHE F 90 -36.62 37.75 25.97
CA PHE F 90 -37.64 37.57 24.96
C PHE F 90 -38.99 37.58 25.54
N CYS F 91 -39.90 38.19 24.85
CA CYS F 91 -41.29 38.10 25.24
C CYS F 91 -42.02 37.41 24.10
N ALA F 92 -43.11 36.74 24.45
CA ALA F 92 -43.93 36.02 23.51
C ALA F 92 -45.41 36.25 23.81
N SER F 93 -46.27 35.99 22.83
CA SER F 93 -47.70 36.10 23.00
C SER F 93 -48.38 34.93 22.31
N SER F 94 -49.60 34.67 22.71
CA SER F 94 -50.48 33.63 22.19
C SER F 94 -51.94 34.04 22.51
N THR F 95 -52.88 33.58 21.67
CA THR F 95 -54.30 33.88 21.75
C THR F 95 -54.88 33.56 23.15
N THR F 96 -54.71 32.32 23.61
CA THR F 96 -55.24 31.78 24.85
C THR F 96 -54.12 31.55 25.87
N PRO F 97 -54.40 31.06 27.11
CA PRO F 97 -53.28 30.73 28.04
C PRO F 97 -52.35 29.60 27.55
N GLY F 98 -52.75 28.94 26.46
CA GLY F 98 -52.00 27.85 25.86
C GLY F 98 -52.76 26.55 25.79
N THR F 99 -52.50 25.76 24.74
CA THR F 99 -53.06 24.43 24.45
C THR F 99 -51.96 23.58 23.81
N GLY F 100 -52.16 22.28 23.68
CA GLY F 100 -51.15 21.40 23.08
C GLY F 100 -50.89 21.65 21.61
N THR F 101 -51.70 22.49 20.95
CA THR F 101 -51.58 22.78 19.51
C THR F 101 -51.27 24.26 19.24
N GLU F 102 -51.45 25.13 20.23
CA GLU F 102 -51.29 26.59 20.14
C GLU F 102 -49.85 27.05 20.04
N THR F 103 -49.57 27.97 19.06
CA THR F 103 -48.25 28.55 18.82
C THR F 103 -48.00 29.71 19.73
N GLN F 104 -46.70 29.89 20.09
CA GLN F 104 -46.16 31.05 20.78
C GLN F 104 -45.39 31.80 19.74
N TYR F 105 -45.63 33.11 19.64
CA TYR F 105 -45.00 34.05 18.70
C TYR F 105 -44.02 34.90 19.50
N PHE F 106 -42.77 34.91 19.12
CA PHE F 106 -41.71 35.59 19.88
C PHE F 106 -41.28 36.93 19.31
N GLY F 107 -40.92 37.82 20.23
CA GLY F 107 -40.37 39.15 19.96
C GLY F 107 -38.91 39.04 19.59
N PRO F 108 -38.29 40.12 19.03
CA PRO F 108 -36.88 40.02 18.61
C PRO F 108 -35.88 39.97 19.77
N GLY F 109 -36.34 40.29 20.97
CA GLY F 109 -35.54 40.29 22.18
C GLY F 109 -34.89 41.61 22.50
N THR F 110 -34.43 41.75 23.78
CA THR F 110 -33.69 42.90 24.28
C THR F 110 -32.34 42.41 24.79
N ARG F 111 -31.25 42.92 24.21
CA ARG F 111 -29.94 42.51 24.70
C ARG F 111 -29.63 43.37 25.90
N LEU F 112 -29.55 42.76 27.08
CA LEU F 112 -29.19 43.56 28.25
C LEU F 112 -27.78 43.22 28.68
N LEU F 113 -26.93 44.25 28.80
CA LEU F 113 -25.57 44.09 29.30
C LEU F 113 -25.38 44.94 30.56
N VAL F 114 -25.21 44.27 31.69
CA VAL F 114 -24.95 44.90 32.97
C VAL F 114 -23.42 44.94 33.11
N LEU F 115 -22.85 46.14 33.38
CA LEU F 115 -21.41 46.34 33.52
C LEU F 115 -21.10 46.94 34.90
N GLU F 116 -19.81 46.88 35.32
CA GLU F 116 -19.40 47.45 36.60
C GLU F 116 -19.37 48.98 36.50
N ASP F 117 -18.94 49.49 35.31
CA ASP F 117 -18.88 50.90 34.88
C ASP F 117 -18.80 50.94 33.34
N LEU F 118 -19.34 51.99 32.72
CA LEU F 118 -19.43 52.16 31.27
C LEU F 118 -18.14 52.70 30.64
N LYS F 119 -17.10 52.90 31.45
CA LYS F 119 -15.79 53.46 31.06
C LYS F 119 -15.05 52.63 29.97
N ASN F 120 -15.36 51.33 29.86
CA ASN F 120 -14.72 50.39 28.92
C ASN F 120 -15.46 50.25 27.56
N VAL F 121 -16.56 50.99 27.37
CA VAL F 121 -17.37 50.93 26.14
C VAL F 121 -16.67 51.70 25.02
N PHE F 122 -16.50 51.05 23.85
CA PHE F 122 -15.82 51.63 22.69
C PHE F 122 -16.51 51.38 21.36
N PRO F 123 -16.52 52.36 20.43
CA PRO F 123 -17.07 52.12 19.08
C PRO F 123 -16.00 51.45 18.19
N PRO F 124 -16.35 50.76 17.08
CA PRO F 124 -15.30 50.13 16.30
C PRO F 124 -14.64 51.06 15.31
N GLU F 125 -13.47 50.63 14.80
CA GLU F 125 -12.77 51.29 13.69
C GLU F 125 -13.00 50.37 12.51
N VAL F 126 -13.54 50.89 11.39
CA VAL F 126 -13.84 50.07 10.22
C VAL F 126 -12.80 50.35 9.11
N ALA F 127 -12.42 49.30 8.32
CA ALA F 127 -11.46 49.36 7.21
C ALA F 127 -11.83 48.39 6.10
N VAL F 128 -11.65 48.80 4.82
CA VAL F 128 -11.91 47.95 3.67
C VAL F 128 -10.57 47.64 3.00
N PHE F 129 -10.33 46.36 2.66
CA PHE F 129 -9.09 45.90 2.03
C PHE F 129 -9.40 45.44 0.62
N GLU F 130 -8.86 46.18 -0.36
CA GLU F 130 -9.08 46.00 -1.79
C GLU F 130 -8.58 44.63 -2.29
N PRO F 131 -9.29 44.03 -3.28
CA PRO F 131 -8.89 42.72 -3.80
C PRO F 131 -7.45 42.60 -4.32
N SER F 132 -6.77 41.48 -3.96
CA SER F 132 -5.41 41.16 -4.40
C SER F 132 -5.38 40.94 -5.91
N GLU F 133 -4.44 41.59 -6.61
CA GLU F 133 -4.38 41.39 -8.06
C GLU F 133 -3.91 39.97 -8.40
N ALA F 134 -3.31 39.28 -7.42
CA ALA F 134 -2.89 37.89 -7.55
C ALA F 134 -4.09 36.96 -7.62
N GLU F 135 -5.16 37.25 -6.86
CA GLU F 135 -6.43 36.51 -6.83
C GLU F 135 -7.16 36.69 -8.17
N ILE F 136 -7.29 37.95 -8.64
CA ILE F 136 -7.92 38.31 -9.91
C ILE F 136 -7.30 37.50 -11.10
N SER F 137 -5.95 37.47 -11.22
CA SER F 137 -5.24 36.77 -12.30
C SER F 137 -5.34 35.24 -12.21
N HIS F 138 -5.52 34.73 -10.98
CA HIS F 138 -5.58 33.30 -10.71
C HIS F 138 -6.99 32.70 -10.75
N THR F 139 -7.96 33.38 -10.10
CA THR F 139 -9.32 32.87 -9.96
C THR F 139 -10.35 33.56 -10.85
N GLN F 140 -10.02 34.79 -11.35
CA GLN F 140 -10.89 35.70 -12.11
C GLN F 140 -12.08 36.11 -11.22
N LYS F 141 -11.79 36.19 -9.90
CA LYS F 141 -12.69 36.61 -8.82
C LYS F 141 -11.97 37.66 -7.96
N ALA F 142 -12.72 38.47 -7.23
CA ALA F 142 -12.17 39.51 -6.39
C ALA F 142 -12.85 39.51 -5.02
N THR F 143 -12.05 39.31 -3.94
CA THR F 143 -12.58 39.31 -2.58
C THR F 143 -12.18 40.61 -1.89
N LEU F 144 -13.17 41.34 -1.35
CA LEU F 144 -12.99 42.54 -0.53
C LEU F 144 -13.13 42.09 0.89
N VAL F 145 -12.26 42.57 1.79
CA VAL F 145 -12.30 42.23 3.22
C VAL F 145 -12.64 43.49 4.03
N CYS F 146 -13.43 43.31 5.07
CA CYS F 146 -13.78 44.36 6.00
C CYS F 146 -13.33 43.98 7.40
N LEU F 147 -12.85 44.97 8.16
CA LEU F 147 -12.36 44.78 9.52
C LEU F 147 -12.92 45.83 10.46
N ALA F 148 -13.86 45.41 11.29
CA ALA F 148 -14.41 46.19 12.40
C ALA F 148 -13.58 45.82 13.61
N THR F 149 -12.88 46.79 14.20
CA THR F 149 -11.92 46.52 15.28
C THR F 149 -12.02 47.46 16.51
N GLY F 150 -11.63 46.90 17.66
CA GLY F 150 -11.56 47.57 18.96
C GLY F 150 -12.84 48.12 19.51
N PHE F 151 -13.91 47.32 19.51
CA PHE F 151 -15.23 47.74 19.98
C PHE F 151 -15.63 47.00 21.26
N TYR F 152 -16.46 47.64 22.10
CA TYR F 152 -16.98 47.05 23.34
C TYR F 152 -18.35 47.64 23.69
N PRO F 153 -19.41 46.83 23.92
CA PRO F 153 -19.47 45.35 23.83
C PRO F 153 -19.56 44.82 22.39
N ASP F 154 -19.85 43.52 22.21
CA ASP F 154 -19.95 42.89 20.89
C ASP F 154 -21.36 42.98 20.25
N HIS F 155 -22.11 44.07 20.50
CA HIS F 155 -23.41 44.21 19.84
C HIS F 155 -23.25 45.15 18.65
N VAL F 156 -22.94 44.52 17.49
CA VAL F 156 -22.73 45.18 16.19
C VAL F 156 -23.43 44.42 15.04
N GLU F 157 -23.85 45.17 14.00
CA GLU F 157 -24.46 44.60 12.81
C GLU F 157 -23.69 45.07 11.59
N LEU F 158 -22.96 44.16 10.95
CA LEU F 158 -22.17 44.46 9.76
C LEU F 158 -22.95 44.10 8.46
N SER F 159 -22.97 45.03 7.48
CA SER F 159 -23.62 44.87 6.17
C SER F 159 -22.73 45.41 5.00
N TRP F 160 -22.90 44.85 3.79
CA TRP F 160 -22.19 45.22 2.56
C TRP F 160 -23.14 45.90 1.57
N TRP F 161 -22.71 47.07 1.03
CA TRP F 161 -23.50 47.92 0.15
C TRP F 161 -22.80 48.18 -1.20
N VAL F 162 -23.30 47.53 -2.26
CA VAL F 162 -22.77 47.65 -3.61
C VAL F 162 -23.65 48.59 -4.44
N ASN F 163 -23.09 49.75 -4.81
CA ASN F 163 -23.70 50.79 -5.65
C ASN F 163 -24.94 51.42 -4.98
N GLY F 164 -24.86 51.55 -3.65
CA GLY F 164 -25.90 52.11 -2.79
C GLY F 164 -26.92 51.14 -2.26
N LYS F 165 -26.86 49.86 -2.71
CA LYS F 165 -27.82 48.82 -2.33
C LYS F 165 -27.16 47.69 -1.52
N GLU F 166 -27.93 47.12 -0.56
CA GLU F 166 -27.41 46.04 0.26
C GLU F 166 -27.35 44.76 -0.56
N VAL F 167 -26.26 44.01 -0.41
CA VAL F 167 -26.07 42.74 -1.10
C VAL F 167 -26.05 41.61 -0.06
N HIS F 168 -26.36 40.38 -0.50
CA HIS F 168 -26.39 39.20 0.36
C HIS F 168 -25.66 38.01 -0.32
N SER F 169 -25.47 38.08 -1.63
CA SER F 169 -24.75 37.05 -2.37
C SER F 169 -23.28 37.42 -2.38
N GLY F 170 -22.44 36.44 -2.07
CA GLY F 170 -21.00 36.62 -1.97
C GLY F 170 -20.55 37.30 -0.70
N VAL F 171 -21.49 37.50 0.26
CA VAL F 171 -21.26 38.14 1.57
C VAL F 171 -20.97 37.08 2.62
N CYS F 172 -20.10 37.42 3.61
CA CYS F 172 -19.64 36.53 4.66
C CYS F 172 -19.12 37.24 5.91
N THR F 173 -19.97 37.43 6.93
CA THR F 173 -19.54 37.99 8.21
C THR F 173 -19.24 36.84 9.23
N ASP F 174 -18.18 37.00 10.07
CA ASP F 174 -17.84 36.04 11.13
C ASP F 174 -19.06 35.82 12.02
N PRO F 175 -19.36 34.55 12.38
CA PRO F 175 -20.57 34.29 13.18
C PRO F 175 -20.47 34.85 14.60
N GLN F 176 -19.22 34.89 15.13
CA GLN F 176 -18.91 35.38 16.46
C GLN F 176 -17.74 36.33 16.38
N PRO F 177 -17.75 37.45 17.16
CA PRO F 177 -16.58 38.33 17.17
C PRO F 177 -15.43 37.70 17.93
N LEU F 178 -14.22 38.11 17.63
CA LEU F 178 -13.00 37.64 18.25
C LEU F 178 -12.60 38.58 19.39
N LYS F 179 -12.08 38.03 20.53
CA LYS F 179 -11.51 38.80 21.65
C LYS F 179 -10.09 39.23 21.28
N GLU F 180 -9.81 40.53 21.25
CA GLU F 180 -8.48 41.03 20.90
C GLU F 180 -7.43 40.64 21.96
N GLN F 181 -7.85 40.64 23.24
CA GLN F 181 -7.03 40.23 24.37
C GLN F 181 -7.76 39.05 25.04
N PRO F 182 -7.62 37.80 24.52
CA PRO F 182 -8.36 36.65 25.09
C PRO F 182 -8.25 36.45 26.60
N ALA F 183 -7.23 37.06 27.24
CA ALA F 183 -6.97 36.99 28.68
C ALA F 183 -7.95 37.86 29.50
N LEU F 184 -8.05 39.17 29.15
CA LEU F 184 -8.87 40.20 29.81
C LEU F 184 -10.40 39.91 29.80
N ASN F 185 -11.09 40.20 30.93
CA ASN F 185 -12.54 40.03 31.07
C ASN F 185 -13.31 41.21 30.42
N ASP F 186 -12.62 42.36 30.18
CA ASP F 186 -13.11 43.62 29.62
C ASP F 186 -12.53 43.93 28.19
N SER F 187 -11.97 42.89 27.53
CA SER F 187 -11.31 42.96 26.22
C SER F 187 -12.21 43.50 25.12
N ARG F 188 -11.60 44.22 24.17
CA ARG F 188 -12.28 44.76 23.01
C ARG F 188 -12.32 43.68 21.92
N TYR F 189 -13.27 43.79 20.98
CA TYR F 189 -13.45 42.78 19.96
C TYR F 189 -13.08 43.26 18.53
N ALA F 190 -13.00 42.29 17.61
CA ALA F 190 -12.79 42.46 16.19
C ALA F 190 -13.79 41.59 15.44
N LEU F 191 -14.22 42.04 14.27
CA LEU F 191 -15.14 41.29 13.43
C LEU F 191 -14.73 41.48 11.98
N SER F 192 -14.73 40.40 11.19
CA SER F 192 -14.40 40.55 9.78
C SER F 192 -15.50 39.98 8.89
N SER F 193 -15.68 40.62 7.73
CA SER F 193 -16.65 40.27 6.70
C SER F 193 -15.96 40.25 5.35
N ARG F 194 -16.44 39.41 4.44
CA ARG F 194 -15.85 39.29 3.10
C ARG F 194 -16.95 39.42 2.06
N LEU F 195 -16.66 40.15 0.95
CA LEU F 195 -17.55 40.30 -0.19
C LEU F 195 -16.80 39.87 -1.44
N ARG F 196 -17.33 38.87 -2.18
CA ARG F 196 -16.65 38.37 -3.37
C ARG F 196 -17.46 38.63 -4.62
N VAL F 197 -16.85 39.34 -5.55
CA VAL F 197 -17.40 39.75 -6.84
C VAL F 197 -16.53 39.13 -7.97
N SER F 198 -16.92 39.35 -9.23
CA SER F 198 -16.11 38.87 -10.34
C SER F 198 -14.96 39.82 -10.55
N ALA F 199 -13.88 39.35 -11.16
CA ALA F 199 -12.73 40.20 -11.44
C ALA F 199 -13.16 41.45 -12.24
N THR F 200 -14.01 41.29 -13.27
CA THR F 200 -14.51 42.38 -14.13
C THR F 200 -15.51 43.30 -13.41
N PHE F 201 -16.07 42.88 -12.26
CA PHE F 201 -16.98 43.73 -11.51
C PHE F 201 -16.14 44.71 -10.71
N TRP F 202 -15.11 44.19 -9.97
CA TRP F 202 -14.17 45.00 -9.17
C TRP F 202 -13.36 45.95 -10.06
N GLN F 203 -12.99 45.49 -11.27
CA GLN F 203 -12.17 46.20 -12.25
C GLN F 203 -12.95 47.28 -13.00
N ASN F 204 -14.03 47.75 -12.40
CA ASN F 204 -14.86 48.81 -12.94
C ASN F 204 -14.85 49.97 -11.92
N PRO F 205 -14.26 51.13 -12.27
CA PRO F 205 -14.19 52.25 -11.31
C PRO F 205 -15.54 52.91 -11.00
N ARG F 206 -16.58 52.52 -11.76
CA ARG F 206 -17.94 53.03 -11.62
C ARG F 206 -18.65 52.35 -10.47
N ASN F 207 -18.07 51.24 -9.94
CA ASN F 207 -18.67 50.44 -8.88
C ASN F 207 -18.14 50.82 -7.49
N HIS F 208 -19.07 51.20 -6.59
CA HIS F 208 -18.81 51.62 -5.22
C HIS F 208 -19.11 50.46 -4.26
N PHE F 209 -18.23 50.23 -3.28
CA PHE F 209 -18.45 49.16 -2.30
C PHE F 209 -18.30 49.71 -0.93
N ARG F 210 -19.30 49.51 -0.07
CA ARG F 210 -19.24 50.06 1.26
C ARG F 210 -19.50 48.99 2.32
N CYS F 211 -18.61 48.94 3.31
CA CYS F 211 -18.76 48.09 4.47
C CYS F 211 -19.39 48.95 5.58
N GLN F 212 -20.63 48.62 5.99
CA GLN F 212 -21.35 49.36 7.03
C GLN F 212 -21.42 48.57 8.33
N VAL F 213 -21.04 49.22 9.45
CA VAL F 213 -21.08 48.59 10.77
C VAL F 213 -21.99 49.40 11.70
N GLN F 214 -23.09 48.79 12.18
CA GLN F 214 -24.05 49.38 13.15
C GLN F 214 -23.60 49.03 14.55
N PHE F 215 -23.24 50.05 15.33
CA PHE F 215 -22.78 49.84 16.70
C PHE F 215 -23.86 50.22 17.69
N TYR F 216 -24.06 49.34 18.67
CA TYR F 216 -25.03 49.54 19.75
C TYR F 216 -24.26 49.87 21.02
N GLY F 217 -24.31 51.15 21.41
CA GLY F 217 -23.59 51.65 22.56
C GLY F 217 -24.44 52.37 23.58
N LEU F 218 -23.89 53.45 24.14
CA LEU F 218 -24.50 54.26 25.19
C LEU F 218 -25.67 55.10 24.67
N SER F 219 -26.53 55.56 25.60
CA SER F 219 -27.70 56.40 25.34
C SER F 219 -27.29 57.87 25.26
N GLU F 220 -28.21 58.74 24.81
CA GLU F 220 -27.95 60.18 24.78
C GLU F 220 -28.13 60.77 26.21
N ASN F 221 -28.93 60.08 27.06
CA ASN F 221 -29.21 60.44 28.46
C ASN F 221 -28.14 59.88 29.43
N ASP F 222 -27.14 59.13 28.90
CA ASP F 222 -26.06 58.54 29.68
C ASP F 222 -24.93 59.56 29.89
N GLU F 223 -24.41 59.61 31.13
CA GLU F 223 -23.35 60.49 31.59
C GLU F 223 -21.98 60.01 31.12
N TRP F 224 -21.07 60.96 30.79
CA TRP F 224 -19.73 60.65 30.28
C TRP F 224 -18.69 61.55 30.92
N THR F 225 -17.65 60.94 31.52
CA THR F 225 -16.54 61.63 32.21
C THR F 225 -15.26 61.63 31.34
N GLN F 226 -14.97 60.50 30.65
CA GLN F 226 -13.76 60.29 29.83
C GLN F 226 -13.53 61.40 28.78
N ASP F 227 -12.24 61.76 28.57
CA ASP F 227 -11.83 62.83 27.64
C ASP F 227 -11.84 62.39 26.15
N ARG F 228 -12.63 61.34 25.81
CA ARG F 228 -12.83 60.84 24.45
C ARG F 228 -14.33 60.94 24.16
N ALA F 229 -14.72 60.97 22.86
CA ALA F 229 -16.13 61.09 22.45
C ALA F 229 -16.99 59.94 22.99
N LYS F 230 -18.17 60.29 23.56
CA LYS F 230 -19.13 59.33 24.15
C LYS F 230 -19.45 58.20 23.14
N PRO F 231 -19.20 56.92 23.50
CA PRO F 231 -19.45 55.81 22.56
C PRO F 231 -20.95 55.47 22.43
N VAL F 232 -21.70 56.42 21.88
CA VAL F 232 -23.15 56.33 21.64
C VAL F 232 -23.41 55.37 20.49
N THR F 233 -24.63 54.82 20.40
CA THR F 233 -25.09 53.99 19.31
C THR F 233 -24.84 54.78 18.00
N GLN F 234 -24.10 54.19 17.03
CA GLN F 234 -23.73 54.88 15.79
C GLN F 234 -23.40 53.91 14.64
N ILE F 235 -23.34 54.46 13.41
CA ILE F 235 -22.94 53.72 12.22
C ILE F 235 -21.51 54.14 11.86
N VAL F 236 -20.61 53.15 11.66
CA VAL F 236 -19.22 53.38 11.27
C VAL F 236 -19.04 52.66 9.94
N SER F 237 -18.55 53.39 8.93
CA SER F 237 -18.40 52.85 7.59
C SER F 237 -16.98 52.95 7.05
N ALA F 238 -16.71 52.15 6.00
CA ALA F 238 -15.50 52.08 5.20
C ALA F 238 -15.90 51.77 3.76
N GLU F 239 -15.42 52.60 2.82
CA GLU F 239 -15.78 52.41 1.41
C GLU F 239 -14.55 52.19 0.55
N ALA F 240 -14.79 51.77 -0.70
CA ALA F 240 -13.80 51.56 -1.74
C ALA F 240 -14.47 51.58 -3.12
N TRP F 241 -13.79 52.21 -4.08
CA TRP F 241 -14.24 52.28 -5.46
C TRP F 241 -13.46 51.26 -6.27
N GLY F 242 -13.97 50.86 -7.42
CA GLY F 242 -13.30 49.90 -8.29
C GLY F 242 -11.99 50.40 -8.89
N ARG F 243 -11.08 49.45 -9.18
CA ARG F 243 -9.76 49.73 -9.75
C ARG F 243 -9.64 49.09 -11.12
N ALA F 244 -9.39 49.90 -12.17
CA ALA F 244 -9.22 49.49 -13.56
C ALA F 244 -7.93 48.68 -13.77
N ASP G 1 50.73 -34.04 -20.32
CA ASP G 1 51.45 -35.03 -19.52
C ASP G 1 52.40 -35.92 -20.40
N ALA G 2 51.86 -36.53 -21.47
CA ALA G 2 52.60 -37.36 -22.44
C ALA G 2 53.55 -36.48 -23.28
N LYS G 3 54.85 -36.84 -23.29
CA LYS G 3 55.91 -36.12 -24.02
C LYS G 3 56.41 -36.93 -25.24
N THR G 4 57.13 -36.22 -26.13
CA THR G 4 57.67 -36.78 -27.36
C THR G 4 59.18 -36.86 -27.28
N THR G 5 59.78 -37.70 -28.17
CA THR G 5 61.23 -37.80 -28.27
C THR G 5 61.54 -37.70 -29.73
N GLN G 6 62.68 -37.04 -30.04
CA GLN G 6 63.17 -36.80 -31.39
C GLN G 6 64.68 -36.88 -31.50
N PRO G 7 65.27 -37.02 -32.72
CA PRO G 7 66.74 -36.90 -32.81
C PRO G 7 67.13 -35.42 -32.58
N ASN G 8 68.29 -35.16 -31.98
CA ASN G 8 68.70 -33.78 -31.71
C ASN G 8 69.04 -33.02 -32.98
N SER G 9 69.61 -33.73 -33.96
CA SER G 9 69.94 -33.18 -35.26
C SER G 9 69.85 -34.21 -36.36
N MET G 10 69.68 -33.71 -37.59
CA MET G 10 69.67 -34.49 -38.81
C MET G 10 70.28 -33.67 -39.95
N GLU G 11 71.17 -34.28 -40.74
CA GLU G 11 71.77 -33.67 -41.90
C GLU G 11 71.26 -34.38 -43.16
N SER G 12 70.62 -33.61 -44.02
CA SER G 12 70.05 -34.10 -45.25
C SER G 12 70.72 -33.45 -46.46
N ASN G 13 70.63 -34.13 -47.62
CA ASN G 13 71.10 -33.63 -48.88
C ASN G 13 69.96 -32.93 -49.61
N GLU G 14 70.26 -31.79 -50.18
CA GLU G 14 69.37 -31.00 -50.98
C GLU G 14 68.77 -31.81 -52.09
N GLU G 15 67.47 -31.60 -52.38
CA GLU G 15 66.68 -32.27 -53.44
C GLU G 15 66.26 -33.71 -53.06
N GLU G 16 66.65 -34.19 -51.89
CA GLU G 16 66.31 -35.53 -51.42
C GLU G 16 65.21 -35.44 -50.36
N PRO G 17 64.34 -36.47 -50.25
CA PRO G 17 63.29 -36.44 -49.20
C PRO G 17 63.85 -36.39 -47.78
N VAL G 18 63.10 -35.79 -46.86
CA VAL G 18 63.50 -35.67 -45.45
C VAL G 18 62.42 -36.32 -44.62
N HIS G 19 62.81 -37.23 -43.73
CA HIS G 19 61.87 -37.94 -42.89
C HIS G 19 62.28 -37.71 -41.47
N LEU G 20 61.59 -36.78 -40.80
CA LEU G 20 61.87 -36.41 -39.44
C LEU G 20 61.03 -37.25 -38.52
N PRO G 21 61.64 -38.17 -37.73
CA PRO G 21 60.83 -39.03 -36.86
C PRO G 21 60.52 -38.42 -35.51
N CYS G 22 59.42 -38.91 -34.93
CA CYS G 22 58.97 -38.53 -33.61
C CYS G 22 58.56 -39.79 -32.89
N ASN G 23 58.79 -39.84 -31.59
CA ASN G 23 58.41 -41.00 -30.83
C ASN G 23 57.52 -40.57 -29.65
N HIS G 24 56.41 -41.29 -29.42
CA HIS G 24 55.43 -40.96 -28.39
C HIS G 24 54.60 -42.20 -28.05
N SER G 25 55.24 -43.18 -27.41
CA SER G 25 54.60 -44.46 -27.07
C SER G 25 53.48 -44.30 -26.07
N THR G 26 53.64 -43.33 -25.20
CA THR G 26 52.77 -42.95 -24.10
C THR G 26 51.57 -42.06 -24.58
N ILE G 27 51.39 -41.82 -25.90
CA ILE G 27 50.29 -41.03 -26.45
C ILE G 27 48.93 -41.54 -25.95
N SER G 28 48.00 -40.58 -25.76
CA SER G 28 46.63 -40.86 -25.35
C SER G 28 45.68 -40.86 -26.55
N GLY G 29 44.51 -41.45 -26.35
CA GLY G 29 43.46 -41.43 -27.37
C GLY G 29 43.00 -40.02 -27.67
N THR G 30 43.16 -39.10 -26.70
CA THR G 30 42.76 -37.68 -26.82
C THR G 30 43.86 -36.76 -27.43
N ASP G 31 45.10 -37.26 -27.64
CA ASP G 31 46.24 -36.47 -28.14
C ASP G 31 46.39 -36.41 -29.67
N TYR G 32 46.52 -35.17 -30.21
CA TYR G 32 46.80 -34.92 -31.64
C TYR G 32 48.29 -34.71 -31.76
N ILE G 33 48.85 -34.97 -32.96
CA ILE G 33 50.27 -34.82 -33.25
C ILE G 33 50.44 -33.56 -34.11
N HIS G 34 51.30 -32.62 -33.65
CA HIS G 34 51.58 -31.35 -34.32
C HIS G 34 53.05 -31.17 -34.56
N TRP G 35 53.37 -30.57 -35.67
CA TRP G 35 54.72 -30.21 -36.04
C TRP G 35 54.74 -28.74 -36.32
N TYR G 36 55.71 -28.07 -35.71
CA TYR G 36 56.00 -26.64 -35.81
C TYR G 36 57.43 -26.55 -36.22
N ARG G 37 57.78 -25.49 -36.93
CA ARG G 37 59.13 -25.27 -37.41
C ARG G 37 59.60 -23.90 -36.94
N GLN G 38 60.91 -23.72 -36.76
CA GLN G 38 61.46 -22.44 -36.38
C GLN G 38 62.81 -22.21 -37.03
N LEU G 39 62.88 -21.15 -37.80
CA LEU G 39 64.10 -20.70 -38.47
C LEU G 39 64.75 -19.70 -37.54
N PRO G 40 66.07 -19.52 -37.56
CA PRO G 40 66.64 -18.50 -36.65
C PRO G 40 66.50 -17.10 -37.28
N SER G 41 66.20 -16.05 -36.49
CA SER G 41 65.86 -16.09 -35.05
C SER G 41 64.37 -15.70 -34.93
N GLN G 42 63.60 -16.13 -35.96
CA GLN G 42 62.18 -15.94 -36.18
C GLN G 42 61.32 -16.76 -35.22
N GLY G 43 60.03 -16.48 -35.20
CA GLY G 43 59.08 -17.18 -34.35
C GLY G 43 58.70 -18.55 -34.86
N PRO G 44 58.24 -19.50 -34.00
CA PRO G 44 57.79 -20.80 -34.55
C PRO G 44 56.62 -20.62 -35.49
N GLU G 45 56.49 -21.53 -36.42
CA GLU G 45 55.40 -21.52 -37.40
C GLU G 45 54.93 -22.95 -37.62
N TYR G 46 53.61 -23.11 -37.70
CA TYR G 46 52.88 -24.35 -37.86
C TYR G 46 53.19 -24.95 -39.21
N VAL G 47 53.35 -26.31 -39.26
CA VAL G 47 53.61 -27.07 -40.47
C VAL G 47 52.37 -27.95 -40.85
N ILE G 48 52.08 -28.96 -39.98
CA ILE G 48 51.03 -29.97 -40.13
C ILE G 48 50.60 -30.53 -38.74
N HIS G 49 49.42 -31.18 -38.71
CA HIS G 49 48.90 -31.86 -37.56
C HIS G 49 47.99 -33.00 -37.99
N GLY G 50 47.81 -33.97 -37.09
CA GLY G 50 46.93 -35.10 -37.36
C GLY G 50 46.58 -35.85 -36.11
N LEU G 51 45.70 -36.88 -36.24
CA LEU G 51 45.23 -37.69 -35.12
C LEU G 51 45.68 -39.15 -35.29
N THR G 52 45.17 -39.84 -36.35
CA THR G 52 45.45 -41.24 -36.65
C THR G 52 45.77 -41.45 -38.14
N SER G 53 44.99 -40.79 -39.00
CA SER G 53 45.11 -40.87 -40.47
C SER G 53 46.31 -40.07 -40.98
N ASN G 54 47.03 -40.59 -42.04
CA ASN G 54 48.14 -39.85 -42.66
C ASN G 54 47.57 -38.58 -43.33
N VAL G 55 48.31 -37.45 -43.19
CA VAL G 55 47.89 -36.13 -43.63
C VAL G 55 48.84 -35.60 -44.66
N ASN G 56 48.33 -34.87 -45.66
CA ASN G 56 49.15 -34.25 -46.71
C ASN G 56 48.69 -32.83 -46.93
N ASN G 57 49.66 -31.91 -46.98
CA ASN G 57 49.38 -30.51 -47.22
C ASN G 57 50.49 -29.90 -48.10
N ARG G 58 50.46 -28.57 -48.33
CA ARG G 58 51.41 -27.93 -49.24
C ARG G 58 52.82 -27.98 -48.67
N MET G 59 52.99 -27.60 -47.40
CA MET G 59 54.26 -27.58 -46.69
C MET G 59 54.93 -28.96 -46.57
N ALA G 60 54.14 -30.01 -46.22
CA ALA G 60 54.66 -31.33 -45.90
C ALA G 60 53.55 -32.40 -45.85
N SER G 61 53.96 -33.64 -45.51
CA SER G 61 53.10 -34.80 -45.24
C SER G 61 53.39 -35.32 -43.83
N LEU G 62 52.44 -36.03 -43.24
CA LEU G 62 52.57 -36.54 -41.88
C LEU G 62 52.11 -37.95 -41.85
N ALA G 63 53.00 -38.85 -41.46
CA ALA G 63 52.72 -40.30 -41.39
C ALA G 63 52.57 -40.70 -39.94
N ILE G 64 51.42 -41.21 -39.56
CA ILE G 64 51.24 -41.63 -38.18
C ILE G 64 51.21 -43.16 -38.17
N ALA G 65 52.03 -43.80 -37.31
CA ALA G 65 52.06 -45.28 -37.20
C ALA G 65 50.70 -45.81 -36.75
N GLU G 66 50.32 -47.01 -37.18
CA GLU G 66 49.05 -47.69 -36.88
C GLU G 66 48.76 -47.73 -35.38
N ASP G 67 49.76 -48.03 -34.52
CA ASP G 67 49.65 -48.07 -33.05
C ASP G 67 49.68 -46.65 -32.41
N ARG G 68 49.92 -45.61 -33.26
CA ARG G 68 50.05 -44.18 -32.94
C ARG G 68 51.22 -43.89 -31.98
N LYS G 69 52.20 -44.85 -31.89
CA LYS G 69 53.31 -44.74 -30.95
C LYS G 69 54.49 -43.95 -31.52
N SER G 70 54.40 -43.55 -32.79
CA SER G 70 55.38 -42.75 -33.50
C SER G 70 54.75 -42.09 -34.72
N SER G 71 55.43 -41.08 -35.23
CA SER G 71 55.02 -40.36 -36.43
C SER G 71 56.27 -39.89 -37.18
N THR G 72 56.10 -39.31 -38.38
CA THR G 72 57.17 -38.82 -39.24
C THR G 72 56.68 -37.58 -39.97
N LEU G 73 57.55 -36.57 -40.10
CA LEU G 73 57.30 -35.37 -40.90
C LEU G 73 58.04 -35.58 -42.19
N ILE G 74 57.33 -35.53 -43.30
CA ILE G 74 57.90 -35.76 -44.60
C ILE G 74 57.97 -34.47 -45.42
N LEU G 75 59.20 -34.11 -45.79
CA LEU G 75 59.55 -33.08 -46.76
C LEU G 75 59.92 -33.89 -47.99
N HIS G 76 59.12 -33.80 -49.06
CA HIS G 76 59.27 -34.65 -50.24
C HIS G 76 60.51 -34.34 -51.07
N ARG G 77 61.07 -33.13 -50.89
CA ARG G 77 62.24 -32.65 -51.60
C ARG G 77 62.87 -31.56 -50.76
N ALA G 78 64.03 -31.81 -50.13
CA ALA G 78 64.71 -30.81 -49.31
C ALA G 78 65.19 -29.66 -50.13
N THR G 79 65.14 -28.50 -49.50
CA THR G 79 65.52 -27.17 -49.97
C THR G 79 66.46 -26.62 -48.93
N LEU G 80 67.38 -25.71 -49.29
CA LEU G 80 68.25 -25.09 -48.29
C LEU G 80 67.41 -24.29 -47.24
N ARG G 81 66.23 -23.75 -47.66
CA ARG G 81 65.28 -22.98 -46.83
C ARG G 81 64.62 -23.83 -45.75
N ASP G 82 64.81 -25.16 -45.83
CA ASP G 82 64.21 -26.13 -44.93
C ASP G 82 65.02 -26.30 -43.69
N ALA G 83 66.30 -25.89 -43.69
CA ALA G 83 67.15 -25.95 -42.50
C ALA G 83 66.50 -25.06 -41.43
N ALA G 84 66.06 -25.72 -40.36
CA ALA G 84 65.34 -25.15 -39.23
C ALA G 84 65.25 -26.18 -38.12
N VAL G 85 64.70 -25.76 -36.94
CA VAL G 85 64.42 -26.63 -35.80
C VAL G 85 62.92 -27.01 -35.89
N TYR G 86 62.67 -28.32 -35.98
CA TYR G 86 61.37 -28.99 -36.13
C TYR G 86 60.94 -29.58 -34.81
N TYR G 87 59.79 -29.08 -34.31
CA TYR G 87 59.20 -29.52 -33.06
C TYR G 87 57.95 -30.39 -33.27
N CYS G 88 57.98 -31.62 -32.74
CA CYS G 88 56.85 -32.56 -32.66
C CYS G 88 56.23 -32.36 -31.26
N ILE G 89 55.02 -31.80 -31.21
CA ILE G 89 54.29 -31.43 -30.00
C ILE G 89 52.98 -32.20 -29.95
N LEU G 90 52.58 -32.67 -28.74
CA LEU G 90 51.28 -33.35 -28.51
C LEU G 90 50.28 -32.31 -28.01
N ARG G 91 49.10 -32.30 -28.62
CA ARG G 91 48.04 -31.36 -28.30
C ARG G 91 46.76 -32.05 -27.92
N ASP G 92 46.10 -31.53 -26.89
CA ASP G 92 44.85 -32.02 -26.34
C ASP G 92 44.04 -30.84 -25.81
N ARG G 93 42.85 -30.69 -26.39
CA ARG G 93 41.92 -29.68 -26.01
C ARG G 93 42.68 -28.37 -25.78
N SER G 94 42.49 -27.74 -24.63
CA SER G 94 43.11 -26.46 -24.32
C SER G 94 44.43 -26.54 -23.56
N ASN G 95 45.07 -27.73 -23.40
CA ASN G 95 46.34 -27.81 -22.67
C ASN G 95 47.42 -26.96 -23.38
N GLN G 96 48.47 -26.53 -22.64
CA GLN G 96 49.52 -25.68 -23.16
C GLN G 96 50.51 -26.45 -23.98
N PHE G 97 51.14 -25.76 -24.97
CA PHE G 97 52.21 -26.29 -25.82
C PHE G 97 53.42 -26.55 -25.00
N TYR G 98 54.10 -27.65 -25.30
CA TYR G 98 55.42 -27.99 -24.79
C TYR G 98 56.25 -28.26 -26.03
N PHE G 99 57.17 -27.35 -26.35
CA PHE G 99 57.95 -27.44 -27.58
C PHE G 99 59.01 -28.54 -27.51
N GLY G 100 59.70 -28.61 -26.36
CA GLY G 100 60.77 -29.57 -26.19
C GLY G 100 61.99 -29.17 -27.00
N THR G 101 62.99 -30.06 -27.14
CA THR G 101 64.22 -29.64 -27.81
C THR G 101 64.19 -29.71 -29.33
N GLY G 102 63.29 -30.50 -29.93
CA GLY G 102 63.17 -30.66 -31.38
C GLY G 102 64.36 -31.33 -32.09
N THR G 103 64.34 -31.29 -33.48
CA THR G 103 65.43 -31.76 -34.37
C THR G 103 66.04 -30.59 -35.20
N SER G 104 67.33 -30.30 -34.99
CA SER G 104 67.92 -29.28 -35.83
C SER G 104 68.24 -29.88 -37.21
N LEU G 105 67.45 -29.52 -38.23
CA LEU G 105 67.69 -30.01 -39.58
C LEU G 105 68.66 -29.07 -40.33
N THR G 106 69.73 -29.63 -40.88
CA THR G 106 70.66 -28.91 -41.73
C THR G 106 70.60 -29.55 -43.10
N VAL G 107 70.50 -28.72 -44.16
CA VAL G 107 70.43 -29.21 -45.55
C VAL G 107 71.75 -28.88 -46.25
N ILE G 108 72.38 -29.87 -46.89
CA ILE G 108 73.65 -29.61 -47.58
C ILE G 108 73.48 -29.67 -49.12
N PRO G 109 74.01 -28.63 -49.85
CA PRO G 109 73.88 -28.62 -51.33
C PRO G 109 74.89 -29.49 -52.06
N ASN G 110 74.44 -30.18 -53.11
CA ASN G 110 75.37 -30.97 -53.91
C ASN G 110 76.01 -29.99 -54.88
N ILE G 111 77.34 -29.79 -54.73
CA ILE G 111 78.16 -28.91 -55.56
C ILE G 111 78.54 -29.73 -56.83
N GLN G 112 77.88 -29.41 -57.97
CA GLN G 112 78.02 -30.15 -59.23
C GLN G 112 79.43 -30.05 -59.84
N ASN G 113 79.96 -28.81 -59.96
CA ASN G 113 81.30 -28.65 -60.49
C ASN G 113 82.17 -27.88 -59.49
N PRO G 114 82.83 -28.62 -58.55
CA PRO G 114 83.73 -27.97 -57.59
C PRO G 114 84.92 -27.33 -58.31
N ASP G 115 85.33 -26.16 -57.84
CA ASP G 115 86.44 -25.41 -58.43
C ASP G 115 87.17 -24.73 -57.26
N PRO G 116 87.65 -25.51 -56.23
CA PRO G 116 88.24 -24.90 -55.04
C PRO G 116 89.35 -23.92 -55.36
N ALA G 117 89.27 -22.74 -54.72
CA ALA G 117 90.21 -21.64 -54.91
C ALA G 117 90.20 -20.65 -53.75
N VAL G 118 91.36 -19.98 -53.54
CA VAL G 118 91.55 -18.95 -52.53
C VAL G 118 91.92 -17.66 -53.26
N TYR G 119 91.11 -16.61 -53.10
CA TYR G 119 91.35 -15.33 -53.77
C TYR G 119 91.54 -14.19 -52.75
N GLN G 120 92.21 -13.10 -53.18
CA GLN G 120 92.44 -11.89 -52.39
C GLN G 120 91.63 -10.72 -53.00
N LEU G 121 90.84 -10.04 -52.15
CA LEU G 121 89.93 -8.93 -52.48
C LEU G 121 90.32 -7.68 -51.71
N ARG G 122 90.69 -6.59 -52.41
CA ARG G 122 91.06 -5.33 -51.72
C ARG G 122 89.81 -4.48 -51.47
N ASP G 123 89.84 -3.67 -50.37
CA ASP G 123 88.75 -2.79 -49.92
C ASP G 123 88.47 -1.66 -50.94
N SER G 124 87.16 -1.38 -51.20
CA SER G 124 86.68 -0.33 -52.12
C SER G 124 87.07 1.11 -51.68
N LYS G 125 87.34 1.33 -50.37
CA LYS G 125 87.71 2.64 -49.83
C LYS G 125 89.25 2.76 -49.71
N SER G 126 89.90 1.87 -48.92
CA SER G 126 91.35 1.87 -48.73
C SER G 126 91.98 0.59 -49.30
N SER G 127 92.97 0.73 -50.21
CA SER G 127 93.66 -0.37 -50.90
C SER G 127 94.40 -1.35 -49.94
N ASP G 128 95.02 -0.80 -48.86
CA ASP G 128 95.82 -1.50 -47.84
C ASP G 128 95.04 -2.59 -47.05
N LYS G 129 93.69 -2.55 -47.01
CA LYS G 129 92.87 -3.54 -46.28
C LYS G 129 92.58 -4.76 -47.18
N SER G 130 92.81 -5.99 -46.64
CA SER G 130 92.70 -7.23 -47.42
C SER G 130 92.00 -8.39 -46.70
N VAL G 131 91.13 -9.06 -47.48
CA VAL G 131 90.29 -10.21 -47.13
C VAL G 131 90.63 -11.38 -48.08
N CYS G 132 90.67 -12.63 -47.57
CA CYS G 132 90.89 -13.85 -48.36
C CYS G 132 89.57 -14.58 -48.54
N LEU G 133 89.33 -15.16 -49.73
CA LEU G 133 88.09 -15.90 -49.98
C LEU G 133 88.36 -17.34 -50.43
N PHE G 134 88.00 -18.32 -49.59
CA PHE G 134 88.09 -19.71 -49.98
C PHE G 134 86.72 -20.05 -50.49
N THR G 135 86.61 -20.30 -51.79
CA THR G 135 85.30 -20.52 -52.42
C THR G 135 85.26 -21.72 -53.40
N ASP G 136 84.01 -22.07 -53.80
CA ASP G 136 83.64 -23.09 -54.77
C ASP G 136 84.10 -24.49 -54.38
N PHE G 137 84.34 -24.72 -53.09
CA PHE G 137 84.75 -26.06 -52.65
C PHE G 137 83.49 -26.91 -52.50
N ASP G 138 83.66 -28.24 -52.54
CA ASP G 138 82.53 -29.16 -52.36
C ASP G 138 82.13 -29.17 -50.87
N SER G 139 80.92 -29.66 -50.59
CA SER G 139 80.35 -29.70 -49.25
C SER G 139 81.09 -30.69 -48.33
N GLN G 140 81.91 -31.60 -48.91
CA GLN G 140 82.70 -32.55 -48.11
C GLN G 140 83.89 -31.83 -47.43
N THR G 141 84.26 -30.61 -47.90
CA THR G 141 85.34 -29.81 -47.34
C THR G 141 84.82 -29.16 -46.06
N ASN G 142 85.67 -29.13 -45.02
CA ASN G 142 85.39 -28.52 -43.72
C ASN G 142 86.40 -27.43 -43.43
N VAL G 143 85.86 -26.25 -43.07
CA VAL G 143 86.67 -25.08 -42.83
C VAL G 143 86.95 -24.96 -41.33
N SER G 144 88.21 -25.19 -40.95
CA SER G 144 88.65 -25.08 -39.57
C SER G 144 89.04 -23.65 -39.27
N GLN G 145 88.83 -23.19 -38.02
CA GLN G 145 89.14 -21.84 -37.56
C GLN G 145 90.66 -21.59 -37.54
N SER G 146 91.06 -20.33 -37.28
CA SER G 146 92.48 -19.97 -37.28
C SER G 146 93.21 -20.36 -36.01
N LYS G 147 94.45 -20.85 -36.17
CA LYS G 147 95.38 -21.18 -35.08
C LYS G 147 96.22 -19.93 -34.75
N ASP G 148 95.63 -18.74 -34.98
CA ASP G 148 96.16 -17.41 -34.73
C ASP G 148 95.08 -16.54 -34.06
N SER G 149 95.49 -15.62 -33.19
CA SER G 149 94.60 -14.70 -32.48
C SER G 149 94.23 -13.49 -33.37
N ASP G 150 95.19 -13.04 -34.18
CA ASP G 150 95.08 -11.88 -35.10
C ASP G 150 94.34 -12.20 -36.41
N VAL G 151 93.99 -13.50 -36.65
CA VAL G 151 93.31 -13.97 -37.86
C VAL G 151 91.92 -14.51 -37.51
N TYR G 152 90.92 -14.06 -38.30
CA TYR G 152 89.52 -14.44 -38.20
C TYR G 152 89.11 -15.16 -39.46
N ILE G 153 88.51 -16.33 -39.31
CA ILE G 153 88.04 -17.19 -40.37
C ILE G 153 86.59 -17.51 -40.08
N THR G 154 85.71 -17.26 -41.06
CA THR G 154 84.28 -17.52 -40.87
C THR G 154 83.99 -18.95 -41.25
N ASP G 155 82.82 -19.43 -40.87
CA ASP G 155 82.41 -20.77 -41.26
C ASP G 155 81.87 -20.73 -42.70
N LYS G 156 81.79 -21.91 -43.36
CA LYS G 156 81.25 -21.99 -44.71
C LYS G 156 79.83 -21.44 -44.75
N CYS G 157 79.48 -20.96 -45.92
CA CYS G 157 78.22 -20.29 -46.19
C CYS G 157 77.84 -20.58 -47.67
N VAL G 158 76.62 -21.11 -47.93
CA VAL G 158 76.10 -21.46 -49.27
C VAL G 158 75.21 -20.35 -49.87
N LEU G 159 75.59 -19.85 -51.07
CA LEU G 159 74.82 -18.85 -51.83
C LEU G 159 74.19 -19.51 -53.04
N ASP G 160 72.99 -19.05 -53.43
CA ASP G 160 72.30 -19.62 -54.59
C ASP G 160 72.09 -18.59 -55.68
N MET G 161 72.83 -18.74 -56.79
CA MET G 161 72.73 -17.94 -58.02
C MET G 161 71.67 -18.62 -58.90
N ARG G 162 70.42 -18.59 -58.41
CA ARG G 162 69.19 -19.19 -58.94
C ARG G 162 69.12 -19.28 -60.50
N SER G 163 69.20 -18.13 -61.21
CA SER G 163 69.12 -18.03 -62.68
C SER G 163 70.19 -18.90 -63.38
N MET G 164 71.43 -18.86 -62.83
CA MET G 164 72.59 -19.62 -63.31
C MET G 164 72.49 -21.11 -62.93
N ASP G 165 71.51 -21.50 -62.06
CA ASP G 165 71.35 -22.86 -61.50
C ASP G 165 72.67 -23.25 -60.88
N PHE G 166 73.14 -22.40 -59.96
CA PHE G 166 74.45 -22.51 -59.36
C PHE G 166 74.42 -22.11 -57.90
N LYS G 167 74.99 -23.00 -57.06
CA LYS G 167 75.21 -22.83 -55.62
C LYS G 167 76.67 -22.84 -55.38
N SER G 168 77.16 -22.04 -54.43
CA SER G 168 78.58 -22.12 -54.07
C SER G 168 78.82 -21.93 -52.56
N ASN G 169 79.82 -22.64 -52.05
CA ASN G 169 80.31 -22.55 -50.68
C ASN G 169 81.45 -21.57 -50.62
N SER G 170 81.56 -20.83 -49.50
CA SER G 170 82.63 -19.87 -49.24
C SER G 170 82.77 -19.59 -47.75
N ALA G 171 84.00 -19.30 -47.37
CA ALA G 171 84.44 -18.85 -46.07
C ALA G 171 85.39 -17.69 -46.36
N VAL G 172 85.40 -16.73 -45.45
CA VAL G 172 86.18 -15.50 -45.51
C VAL G 172 87.16 -15.48 -44.32
N ALA G 173 88.42 -15.11 -44.60
CA ALA G 173 89.48 -14.96 -43.59
C ALA G 173 90.10 -13.58 -43.71
N TRP G 174 90.40 -12.96 -42.57
CA TRP G 174 91.05 -11.66 -42.56
C TRP G 174 91.92 -11.49 -41.30
N SER G 175 92.84 -10.51 -41.36
CA SER G 175 93.78 -10.16 -40.29
C SER G 175 94.24 -8.72 -40.41
N ASN G 176 94.76 -8.18 -39.27
CA ASN G 176 95.32 -6.82 -39.12
C ASN G 176 96.78 -6.75 -39.61
N LYS G 177 97.49 -7.90 -39.58
CA LYS G 177 98.89 -8.08 -39.99
C LYS G 177 99.13 -7.69 -41.47
N SER G 178 100.31 -7.08 -41.74
CA SER G 178 100.74 -6.65 -43.08
C SER G 178 101.22 -7.86 -43.91
N ASP G 179 101.89 -8.82 -43.24
CA ASP G 179 102.42 -10.05 -43.83
C ASP G 179 101.36 -11.18 -43.86
N PHE G 180 100.06 -10.81 -44.04
CA PHE G 180 98.95 -11.77 -44.08
C PHE G 180 98.71 -12.19 -45.53
N ALA G 181 99.21 -13.39 -45.88
CA ALA G 181 99.10 -13.96 -47.22
C ALA G 181 97.95 -14.94 -47.32
N CYS G 182 97.28 -14.93 -48.48
CA CYS G 182 96.16 -15.81 -48.78
C CYS G 182 96.64 -17.24 -49.09
N ALA G 183 97.89 -17.37 -49.61
CA ALA G 183 98.50 -18.67 -49.95
C ALA G 183 98.69 -19.58 -48.72
N ASN G 184 98.68 -18.95 -47.51
CA ASN G 184 98.79 -19.61 -46.22
C ASN G 184 97.84 -18.91 -45.24
N ALA G 185 96.52 -19.07 -45.46
CA ALA G 185 95.45 -18.44 -44.65
C ALA G 185 94.48 -19.47 -44.12
N PHE G 186 94.28 -20.53 -44.90
CA PHE G 186 93.38 -21.63 -44.57
C PHE G 186 94.17 -22.96 -44.41
N ASN G 187 95.47 -22.89 -44.07
CA ASN G 187 96.36 -24.05 -43.95
C ASN G 187 95.98 -24.97 -42.75
N ASN G 188 95.22 -24.45 -41.74
CA ASN G 188 94.75 -25.24 -40.59
C ASN G 188 93.50 -26.09 -41.00
N SER G 189 92.85 -25.68 -42.09
CA SER G 189 91.68 -26.34 -42.68
C SER G 189 92.18 -27.41 -43.69
N ILE G 190 91.35 -28.44 -43.94
CA ILE G 190 91.68 -29.52 -44.87
C ILE G 190 91.27 -29.09 -46.32
N ILE G 191 92.10 -28.21 -46.92
CA ILE G 191 91.87 -27.68 -48.25
C ILE G 191 92.16 -28.77 -49.31
N PRO G 192 91.31 -28.88 -50.37
CA PRO G 192 91.55 -29.91 -51.41
C PRO G 192 92.93 -29.80 -52.07
N GLU G 193 93.43 -30.91 -52.65
CA GLU G 193 94.74 -30.96 -53.32
C GLU G 193 94.75 -30.07 -54.57
N ASP G 194 93.66 -30.15 -55.36
CA ASP G 194 93.46 -29.42 -56.61
C ASP G 194 93.13 -27.90 -56.42
N THR G 195 93.17 -27.36 -55.17
CA THR G 195 92.86 -25.95 -54.85
C THR G 195 93.79 -24.97 -55.60
N PHE G 196 93.18 -24.04 -56.36
CA PHE G 196 93.86 -23.05 -57.18
C PHE G 196 94.34 -21.84 -56.37
N PHE G 197 95.62 -21.45 -56.54
CA PHE G 197 96.20 -20.30 -55.85
C PHE G 197 96.81 -19.25 -56.83
N PRO G 198 96.06 -18.17 -57.16
CA PRO G 198 96.61 -17.14 -58.06
C PRO G 198 97.67 -16.27 -57.37
N ASP H 1 53.56 -11.40 -41.78
CA ASP H 1 53.69 -12.85 -42.02
C ASP H 1 52.48 -13.57 -41.40
N SER H 2 52.48 -13.76 -40.05
CA SER H 2 51.43 -14.43 -39.27
C SER H 2 50.32 -13.50 -38.81
N GLY H 3 50.52 -12.19 -38.92
CA GLY H 3 49.52 -11.21 -38.47
C GLY H 3 49.67 -10.80 -37.01
N VAL H 4 50.61 -11.41 -36.27
CA VAL H 4 50.90 -11.07 -34.88
C VAL H 4 52.08 -10.08 -34.90
N THR H 5 51.91 -8.92 -34.24
CA THR H 5 52.97 -7.90 -34.12
C THR H 5 53.45 -7.82 -32.66
N GLN H 6 54.74 -7.50 -32.47
CA GLN H 6 55.41 -7.36 -31.18
C GLN H 6 56.32 -6.15 -31.18
N THR H 7 56.34 -5.38 -30.07
CA THR H 7 57.19 -4.21 -29.87
C THR H 7 57.78 -4.21 -28.44
N PRO H 8 59.06 -3.78 -28.23
CA PRO H 8 60.04 -3.35 -29.24
C PRO H 8 60.67 -4.60 -29.86
N LYS H 9 61.26 -4.51 -31.08
CA LYS H 9 61.92 -5.64 -31.75
C LYS H 9 63.15 -6.14 -30.90
N HIS H 10 64.00 -5.21 -30.44
CA HIS H 10 65.21 -5.48 -29.63
C HIS H 10 65.16 -4.61 -28.39
N LEU H 11 65.75 -5.04 -27.31
CA LEU H 11 65.77 -4.25 -26.09
C LEU H 11 67.06 -4.52 -25.28
N ILE H 12 67.77 -3.44 -24.92
CA ILE H 12 68.97 -3.49 -24.09
C ILE H 12 68.67 -2.69 -22.83
N THR H 13 68.80 -3.33 -21.65
CA THR H 13 68.58 -2.71 -20.35
C THR H 13 69.60 -3.24 -19.33
N ALA H 14 69.77 -2.51 -18.23
CA ALA H 14 70.69 -2.88 -17.17
C ALA H 14 69.98 -3.73 -16.14
N THR H 15 70.74 -4.36 -15.22
CA THR H 15 70.21 -5.21 -14.16
C THR H 15 69.37 -4.38 -13.15
N GLY H 16 68.36 -5.00 -12.59
CA GLY H 16 67.47 -4.37 -11.61
C GLY H 16 66.37 -3.52 -12.21
N GLN H 17 66.42 -3.23 -13.52
CA GLN H 17 65.42 -2.41 -14.24
C GLN H 17 64.15 -3.21 -14.57
N ARG H 18 63.11 -2.50 -15.03
CA ARG H 18 61.82 -3.08 -15.44
C ARG H 18 61.61 -2.78 -16.91
N VAL H 19 60.98 -3.73 -17.62
CA VAL H 19 60.67 -3.56 -19.03
C VAL H 19 59.25 -4.01 -19.26
N THR H 20 58.56 -3.35 -20.19
CA THR H 20 57.21 -3.71 -20.56
C THR H 20 57.19 -4.03 -22.06
N LEU H 21 56.91 -5.32 -22.40
CA LEU H 21 56.84 -5.83 -23.77
C LEU H 21 55.38 -5.84 -24.26
N ARG H 22 55.13 -5.28 -25.44
CA ARG H 22 53.78 -5.21 -26.01
C ARG H 22 53.62 -6.25 -27.13
N CYS H 23 52.37 -6.68 -27.34
CA CYS H 23 51.98 -7.71 -28.31
C CYS H 23 50.56 -7.49 -28.82
N SER H 24 50.42 -7.32 -30.13
CA SER H 24 49.12 -7.15 -30.75
C SER H 24 48.75 -8.45 -31.49
N PRO H 25 47.75 -9.21 -30.97
CA PRO H 25 47.37 -10.45 -31.65
C PRO H 25 46.72 -10.22 -33.02
N ARG H 26 46.26 -11.28 -33.67
CA ARG H 26 45.64 -11.10 -34.98
C ARG H 26 44.24 -10.58 -34.78
N SER H 27 43.72 -9.85 -35.77
CA SER H 27 42.35 -9.40 -35.72
C SER H 27 41.47 -10.63 -35.59
N GLY H 28 40.56 -10.59 -34.64
CA GLY H 28 39.63 -11.68 -34.38
C GLY H 28 40.12 -12.68 -33.36
N ASP H 29 41.45 -12.68 -33.07
CA ASP H 29 42.03 -13.64 -32.13
C ASP H 29 41.75 -13.17 -30.73
N LEU H 30 41.26 -14.07 -29.88
CA LEU H 30 40.78 -13.77 -28.53
C LEU H 30 41.67 -14.28 -27.41
N SER H 31 42.64 -15.14 -27.76
CA SER H 31 43.61 -15.75 -26.85
C SER H 31 45.04 -15.21 -27.16
N VAL H 32 45.88 -14.94 -26.12
CA VAL H 32 47.27 -14.46 -26.27
C VAL H 32 48.19 -15.32 -25.35
N TYR H 33 49.37 -15.68 -25.86
CA TYR H 33 50.38 -16.53 -25.23
C TYR H 33 51.72 -15.85 -25.12
N TRP H 34 52.48 -16.14 -24.07
CA TRP H 34 53.83 -15.62 -23.97
C TRP H 34 54.77 -16.80 -23.72
N TYR H 35 55.86 -16.81 -24.49
CA TYR H 35 56.95 -17.77 -24.43
C TYR H 35 58.28 -17.07 -24.26
N GLN H 36 59.25 -17.76 -23.64
CA GLN H 36 60.60 -17.28 -23.49
C GLN H 36 61.55 -18.35 -24.03
N GLN H 37 62.37 -17.97 -25.00
CA GLN H 37 63.36 -18.83 -25.62
C GLN H 37 64.72 -18.33 -25.21
N SER H 38 65.39 -19.07 -24.38
CA SER H 38 66.74 -18.79 -23.90
C SER H 38 67.66 -19.92 -24.37
N LEU H 39 68.99 -19.73 -24.25
CA LEU H 39 69.98 -20.76 -24.54
C LEU H 39 69.96 -21.81 -23.42
N ASP H 40 69.75 -21.34 -22.18
CA ASP H 40 69.77 -22.13 -20.98
C ASP H 40 68.59 -23.11 -20.86
N GLN H 41 67.34 -22.67 -21.13
CA GLN H 41 66.12 -23.47 -20.94
C GLN H 41 65.30 -23.73 -22.19
N GLY H 42 65.71 -23.20 -23.32
CA GLY H 42 64.96 -23.38 -24.57
C GLY H 42 63.66 -22.61 -24.60
N LEU H 43 62.68 -23.06 -25.43
CA LEU H 43 61.36 -22.45 -25.62
C LEU H 43 60.40 -22.89 -24.51
N GLN H 44 60.09 -21.97 -23.60
CA GLN H 44 59.23 -22.24 -22.47
C GLN H 44 58.03 -21.33 -22.50
N PHE H 45 56.88 -21.91 -22.13
CA PHE H 45 55.61 -21.22 -22.04
C PHE H 45 55.51 -20.50 -20.71
N LEU H 46 55.13 -19.22 -20.75
CA LEU H 46 54.95 -18.42 -19.54
C LEU H 46 53.49 -18.28 -19.19
N ILE H 47 52.70 -17.59 -20.03
CA ILE H 47 51.31 -17.31 -19.66
C ILE H 47 50.42 -17.18 -20.85
N GLN H 48 49.13 -17.51 -20.65
CA GLN H 48 48.02 -17.40 -21.60
C GLN H 48 46.85 -16.65 -20.96
N TYR H 49 46.33 -15.66 -21.70
CA TYR H 49 45.15 -14.86 -21.38
C TYR H 49 44.14 -15.12 -22.48
N TYR H 50 42.87 -15.06 -22.13
CA TYR H 50 41.71 -15.20 -23.01
C TYR H 50 40.63 -14.24 -22.56
N ASN H 51 40.13 -13.37 -23.47
CA ASN H 51 39.11 -12.37 -23.16
C ASN H 51 39.48 -11.56 -21.91
N GLY H 52 40.75 -11.16 -21.85
CA GLY H 52 41.32 -10.34 -20.79
C GLY H 52 41.53 -11.01 -19.46
N GLU H 53 41.32 -12.33 -19.38
CA GLU H 53 41.48 -13.04 -18.11
C GLU H 53 42.47 -14.17 -18.23
N GLU H 54 43.29 -14.40 -17.17
CA GLU H 54 44.34 -15.44 -17.13
C GLU H 54 43.71 -16.78 -17.36
N ARG H 55 44.29 -17.56 -18.27
CA ARG H 55 43.74 -18.86 -18.66
C ARG H 55 44.72 -20.02 -18.36
N ALA H 56 46.03 -19.79 -18.52
CA ALA H 56 47.07 -20.79 -18.29
C ALA H 56 48.37 -20.12 -17.84
N LYS H 57 49.10 -20.80 -16.96
CA LYS H 57 50.35 -20.37 -16.36
C LYS H 57 51.35 -21.47 -16.53
N GLY H 58 52.55 -21.10 -16.92
CA GLY H 58 53.69 -22.01 -17.04
C GLY H 58 54.56 -21.77 -15.83
N ASN H 59 55.87 -21.97 -15.95
CA ASN H 59 56.71 -21.69 -14.79
C ASN H 59 57.21 -20.23 -14.87
N ILE H 60 56.27 -19.29 -14.72
CA ILE H 60 56.51 -17.83 -14.73
C ILE H 60 56.92 -17.36 -13.28
N LEU H 61 57.93 -16.46 -13.17
CA LEU H 61 58.39 -15.94 -11.87
C LEU H 61 57.46 -14.83 -11.38
N GLU H 62 57.33 -14.64 -10.06
CA GLU H 62 56.46 -13.61 -9.49
C GLU H 62 56.77 -12.20 -10.06
N ARG H 63 58.07 -11.91 -10.40
CA ARG H 63 58.55 -10.63 -10.95
C ARG H 63 58.21 -10.49 -12.44
N PHE H 64 57.51 -11.48 -13.00
CA PHE H 64 56.97 -11.53 -14.34
C PHE H 64 55.49 -11.48 -14.22
N SER H 65 54.84 -10.61 -14.98
CA SER H 65 53.38 -10.50 -14.94
C SER H 65 52.84 -10.06 -16.29
N ALA H 66 51.62 -10.48 -16.62
CA ALA H 66 51.01 -10.13 -17.91
C ALA H 66 49.57 -9.67 -17.76
N GLN H 67 49.03 -9.10 -18.83
CA GLN H 67 47.69 -8.54 -18.89
C GLN H 67 47.19 -8.55 -20.31
N GLN H 68 45.87 -8.58 -20.50
CA GLN H 68 45.24 -8.51 -21.80
C GLN H 68 44.10 -7.50 -21.70
N PHE H 69 44.19 -6.40 -22.44
CA PHE H 69 43.26 -5.27 -22.39
C PHE H 69 41.93 -5.57 -23.16
N PRO H 70 40.91 -4.66 -23.10
CA PRO H 70 39.66 -4.91 -23.86
C PRO H 70 39.85 -5.04 -25.38
N ASP H 71 40.92 -4.41 -25.93
CA ASP H 71 41.23 -4.48 -27.36
C ASP H 71 42.04 -5.76 -27.66
N LEU H 72 42.22 -6.61 -26.61
CA LEU H 72 42.85 -7.94 -26.64
C LEU H 72 44.35 -7.91 -26.84
N HIS H 73 44.97 -6.72 -26.92
CA HIS H 73 46.42 -6.64 -26.95
C HIS H 73 46.94 -7.00 -25.55
N SER H 74 48.18 -7.42 -25.50
CA SER H 74 48.74 -7.88 -24.25
C SER H 74 50.07 -7.19 -23.92
N GLU H 75 50.41 -7.23 -22.65
CA GLU H 75 51.60 -6.63 -22.10
C GLU H 75 52.31 -7.53 -21.14
N LEU H 76 53.57 -7.82 -21.39
CA LEU H 76 54.38 -8.62 -20.48
C LEU H 76 55.32 -7.66 -19.78
N ASN H 77 55.19 -7.60 -18.44
CA ASN H 77 55.98 -6.75 -17.58
C ASN H 77 57.03 -7.61 -16.86
N LEU H 78 58.31 -7.26 -17.01
CA LEU H 78 59.46 -7.99 -16.43
C LEU H 78 60.22 -7.07 -15.49
N SER H 79 60.03 -7.24 -14.18
CA SER H 79 60.67 -6.38 -13.18
C SER H 79 61.89 -7.06 -12.57
N SER H 80 62.74 -6.29 -11.85
CA SER H 80 63.96 -6.73 -11.13
C SER H 80 64.80 -7.66 -12.04
N LEU H 81 65.14 -7.15 -13.23
CA LEU H 81 65.88 -7.88 -14.25
C LEU H 81 67.24 -8.39 -13.79
N GLU H 82 67.50 -9.62 -14.19
CA GLU H 82 68.71 -10.41 -13.94
C GLU H 82 69.32 -10.74 -15.29
N LEU H 83 70.61 -11.07 -15.34
CA LEU H 83 71.29 -11.38 -16.60
C LEU H 83 70.66 -12.59 -17.29
N GLY H 84 70.19 -13.56 -16.51
CA GLY H 84 69.52 -14.77 -16.98
C GLY H 84 68.20 -14.56 -17.72
N ASP H 85 67.57 -13.40 -17.52
CA ASP H 85 66.32 -13.00 -18.18
C ASP H 85 66.58 -12.61 -19.63
N SER H 86 67.88 -12.58 -20.04
CA SER H 86 68.30 -12.28 -21.42
C SER H 86 67.84 -13.43 -22.33
N ALA H 87 66.81 -13.18 -23.14
CA ALA H 87 66.22 -14.18 -24.02
C ALA H 87 65.41 -13.53 -25.13
N LEU H 88 64.69 -14.38 -25.85
CA LEU H 88 63.74 -14.05 -26.87
C LEU H 88 62.36 -14.24 -26.27
N TYR H 89 61.52 -13.23 -26.42
CA TYR H 89 60.18 -13.31 -25.87
C TYR H 89 59.22 -13.26 -27.01
N PHE H 90 58.50 -14.36 -27.15
CA PHE H 90 57.52 -14.49 -28.20
C PHE H 90 56.13 -14.43 -27.67
N CYS H 91 55.27 -13.77 -28.40
CA CYS H 91 53.87 -13.85 -28.10
C CYS H 91 53.18 -14.52 -29.27
N ALA H 92 52.10 -15.21 -29.01
CA ALA H 92 51.30 -15.92 -29.98
C ALA H 92 49.82 -15.58 -29.79
N SER H 93 49.00 -15.76 -30.83
CA SER H 93 47.55 -15.58 -30.70
C SER H 93 46.81 -16.74 -31.32
N SER H 94 45.59 -16.99 -30.82
CA SER H 94 44.71 -18.02 -31.36
C SER H 94 43.25 -17.58 -31.17
N THR H 95 42.37 -18.11 -32.00
CA THR H 95 40.95 -17.76 -32.06
C THR H 95 40.25 -18.04 -30.71
N THR H 96 40.37 -19.26 -30.22
CA THR H 96 39.76 -19.84 -29.02
C THR H 96 40.85 -20.06 -27.98
N PRO H 97 40.57 -20.45 -26.72
CA PRO H 97 41.68 -20.79 -25.81
C PRO H 97 42.58 -21.96 -26.29
N GLY H 98 42.20 -22.67 -27.35
CA GLY H 98 42.96 -23.78 -27.90
C GLY H 98 42.18 -25.07 -27.99
N THR H 99 42.42 -25.86 -29.04
CA THR H 99 41.84 -27.19 -29.32
C THR H 99 42.95 -28.06 -29.91
N GLY H 100 42.72 -29.37 -30.05
CA GLY H 100 43.73 -30.26 -30.60
C GLY H 100 44.04 -30.03 -32.07
N THR H 101 43.23 -29.18 -32.76
CA THR H 101 43.42 -28.92 -34.20
C THR H 101 43.80 -27.45 -34.48
N GLU H 102 43.61 -26.56 -33.49
CA GLU H 102 43.82 -25.12 -33.59
C GLU H 102 45.29 -24.71 -33.66
N THR H 103 45.61 -23.81 -34.62
CA THR H 103 46.95 -23.24 -34.83
C THR H 103 47.18 -22.07 -33.90
N GLN H 104 48.44 -21.90 -33.48
CA GLN H 104 48.97 -20.75 -32.76
C GLN H 104 49.81 -20.03 -33.77
N TYR H 105 49.60 -18.71 -33.87
CA TYR H 105 50.28 -17.77 -34.76
C TYR H 105 51.25 -16.96 -33.94
N PHE H 106 52.55 -16.98 -34.29
CA PHE H 106 53.58 -16.34 -33.49
C PHE H 106 54.08 -14.98 -34.03
N GLY H 107 54.42 -14.08 -33.12
CA GLY H 107 55.02 -12.81 -33.46
C GLY H 107 56.52 -12.95 -33.74
N PRO H 108 57.17 -11.86 -34.12
CA PRO H 108 58.60 -11.96 -34.46
C PRO H 108 59.54 -12.04 -33.26
N GLY H 109 59.01 -11.75 -32.08
CA GLY H 109 59.78 -11.78 -30.84
C GLY H 109 60.44 -10.47 -30.45
N THR H 110 60.87 -10.38 -29.18
CA THR H 110 61.61 -9.27 -28.63
C THR H 110 62.93 -9.80 -28.08
N ARG H 111 64.06 -9.29 -28.59
CA ARG H 111 65.36 -9.72 -28.07
C ARG H 111 65.67 -8.84 -26.88
N LEU H 112 65.58 -9.43 -25.70
CA LEU H 112 65.94 -8.69 -24.49
C LEU H 112 67.31 -9.12 -24.05
N LEU H 113 68.18 -8.14 -23.85
CA LEU H 113 69.54 -8.31 -23.35
C LEU H 113 69.73 -7.49 -22.11
N VAL H 114 69.92 -8.20 -20.96
CA VAL H 114 70.17 -7.59 -19.64
C VAL H 114 71.68 -7.56 -19.41
N LEU H 115 72.27 -6.37 -19.27
CA LEU H 115 73.70 -6.20 -19.07
C LEU H 115 73.99 -5.64 -17.69
N GLU H 116 75.25 -5.72 -17.23
CA GLU H 116 75.65 -5.20 -15.92
C GLU H 116 75.71 -3.66 -16.00
N ASP H 117 76.18 -3.14 -17.17
CA ASP H 117 76.28 -1.74 -17.57
C ASP H 117 76.37 -1.66 -19.11
N LEU H 118 75.85 -0.57 -19.70
CA LEU H 118 75.77 -0.34 -21.14
C LEU H 118 77.07 0.20 -21.74
N LYS H 119 78.11 0.35 -20.91
CA LYS H 119 79.42 0.90 -21.28
C LYS H 119 80.15 0.09 -22.40
N ASN H 120 79.80 -1.19 -22.57
CA ASN H 120 80.43 -2.10 -23.53
C ASN H 120 79.68 -2.19 -24.89
N VAL H 121 78.55 -1.46 -25.06
CA VAL H 121 77.71 -1.42 -26.25
C VAL H 121 78.39 -0.59 -27.36
N PHE H 122 78.67 -1.21 -28.53
CA PHE H 122 79.35 -0.58 -29.67
C PHE H 122 78.68 -0.80 -30.98
N PRO H 123 78.67 0.21 -31.89
CA PRO H 123 78.12 -0.02 -33.22
C PRO H 123 79.18 -0.70 -34.11
N PRO H 124 78.85 -1.26 -35.29
CA PRO H 124 79.90 -1.88 -36.11
C PRO H 124 80.59 -0.94 -37.09
N GLU H 125 81.74 -1.35 -37.61
CA GLU H 125 82.45 -0.66 -38.71
C GLU H 125 82.23 -1.54 -39.91
N VAL H 126 81.71 -0.98 -41.02
CA VAL H 126 81.40 -1.77 -42.22
C VAL H 126 82.43 -1.46 -43.33
N ALA H 127 82.79 -2.49 -44.15
CA ALA H 127 83.72 -2.40 -45.29
C ALA H 127 83.33 -3.34 -46.42
N VAL H 128 83.47 -2.90 -47.70
CA VAL H 128 83.18 -3.72 -48.88
C VAL H 128 84.51 -4.03 -49.59
N PHE H 129 84.70 -5.30 -49.97
CA PHE H 129 85.92 -5.78 -50.62
C PHE H 129 85.58 -6.20 -52.04
N GLU H 130 86.14 -5.44 -53.01
CA GLU H 130 85.90 -5.61 -54.44
C GLU H 130 86.39 -6.97 -54.96
N PRO H 131 85.65 -7.56 -55.93
CA PRO H 131 86.03 -8.88 -56.47
C PRO H 131 87.46 -9.00 -57.02
N SER H 132 88.14 -10.14 -56.71
CA SER H 132 89.47 -10.47 -57.22
C SER H 132 89.44 -10.64 -58.73
N GLU H 133 90.39 -9.99 -59.45
CA GLU H 133 90.40 -10.14 -60.90
C GLU H 133 90.80 -11.57 -61.29
N ALA H 134 91.44 -12.30 -60.35
CA ALA H 134 91.85 -13.68 -60.53
C ALA H 134 90.64 -14.61 -60.61
N GLU H 135 89.58 -14.31 -59.81
CA GLU H 135 88.31 -15.04 -59.77
C GLU H 135 87.57 -14.84 -61.09
N ILE H 136 87.50 -13.56 -61.53
CA ILE H 136 86.83 -13.14 -62.77
C ILE H 136 87.39 -13.92 -64.00
N SER H 137 88.71 -13.96 -64.14
CA SER H 137 89.37 -14.62 -65.26
C SER H 137 89.23 -16.15 -65.22
N HIS H 138 89.08 -16.71 -64.02
CA HIS H 138 89.00 -18.15 -63.80
C HIS H 138 87.57 -18.73 -63.85
N THR H 139 86.58 -18.08 -63.19
CA THR H 139 85.21 -18.57 -63.09
C THR H 139 84.21 -17.78 -63.93
N GLN H 140 84.58 -16.54 -64.32
CA GLN H 140 83.73 -15.58 -65.04
C GLN H 140 82.58 -15.16 -64.10
N LYS H 141 82.91 -15.10 -62.80
CA LYS H 141 82.05 -14.69 -61.68
C LYS H 141 82.82 -13.69 -60.80
N ALA H 142 82.10 -12.88 -60.03
CA ALA H 142 82.68 -11.87 -59.14
C ALA H 142 82.03 -11.92 -57.75
N THR H 143 82.81 -12.22 -56.69
CA THR H 143 82.28 -12.22 -55.34
C THR H 143 82.70 -10.95 -54.61
N LEU H 144 81.74 -10.21 -54.06
CA LEU H 144 81.93 -9.03 -53.21
C LEU H 144 81.82 -9.51 -51.79
N VAL H 145 82.71 -9.05 -50.90
CA VAL H 145 82.68 -9.43 -49.48
C VAL H 145 82.39 -8.19 -48.63
N CYS H 146 81.61 -8.38 -47.58
CA CYS H 146 81.30 -7.35 -46.62
C CYS H 146 81.75 -7.76 -45.23
N LEU H 147 82.24 -6.80 -44.45
CA LEU H 147 82.75 -7.03 -43.11
C LEU H 147 82.24 -6.00 -42.12
N ALA H 148 81.28 -6.44 -41.30
CA ALA H 148 80.75 -5.68 -40.17
C ALA H 148 81.58 -6.12 -38.95
N THR H 149 82.29 -5.17 -38.33
CA THR H 149 83.23 -5.49 -37.24
C THR H 149 83.12 -4.60 -35.99
N GLY H 150 83.52 -5.19 -34.86
CA GLY H 150 83.60 -4.58 -33.53
C GLY H 150 82.31 -4.02 -32.97
N PHE H 151 81.22 -4.81 -33.02
CA PHE H 151 79.90 -4.39 -32.54
C PHE H 151 79.47 -5.20 -31.32
N TYR H 152 78.69 -4.56 -30.43
CA TYR H 152 78.17 -5.20 -29.22
C TYR H 152 76.82 -4.62 -28.85
N PRO H 153 75.75 -5.45 -28.66
CA PRO H 153 75.67 -6.92 -28.78
C PRO H 153 75.56 -7.38 -30.24
N ASP H 154 75.28 -8.69 -30.45
CA ASP H 154 75.17 -9.26 -31.80
C ASP H 154 73.75 -9.13 -32.42
N HIS H 155 73.08 -7.99 -32.13
CA HIS H 155 71.78 -7.55 -32.62
C HIS H 155 71.96 -6.74 -33.92
N VAL H 156 72.22 -7.43 -35.07
CA VAL H 156 72.44 -6.73 -36.36
C VAL H 156 71.73 -7.43 -37.52
N GLU H 157 71.34 -6.62 -38.53
CA GLU H 157 70.71 -7.14 -39.74
C GLU H 157 71.48 -6.64 -40.94
N LEU H 158 72.18 -7.55 -41.61
CA LEU H 158 72.99 -7.22 -42.79
C LEU H 158 72.19 -7.52 -44.08
N SER H 159 72.20 -6.56 -45.02
CA SER H 159 71.51 -6.67 -46.32
C SER H 159 72.38 -6.12 -47.48
N TRP H 160 72.17 -6.64 -48.72
CA TRP H 160 72.87 -6.24 -49.94
C TRP H 160 71.92 -5.52 -50.87
N TRP H 161 72.34 -4.34 -51.38
CA TRP H 161 71.53 -3.45 -52.22
C TRP H 161 72.20 -3.15 -53.57
N VAL H 162 71.69 -3.76 -54.64
CA VAL H 162 72.19 -3.62 -56.00
C VAL H 162 71.29 -2.65 -56.79
N ASN H 163 71.85 -1.49 -57.18
CA ASN H 163 71.18 -0.40 -57.92
C ASN H 163 69.93 0.10 -57.18
N GLY H 164 70.11 0.29 -55.87
CA GLY H 164 69.09 0.82 -54.97
C GLY H 164 68.07 -0.18 -54.46
N LYS H 165 68.11 -1.43 -54.95
CA LYS H 165 67.16 -2.47 -54.56
C LYS H 165 67.83 -3.63 -53.81
N GLU H 166 67.09 -4.22 -52.84
CA GLU H 166 67.62 -5.33 -52.06
C GLU H 166 67.64 -6.59 -52.90
N VAL H 167 68.72 -7.36 -52.79
CA VAL H 167 68.88 -8.61 -53.52
C VAL H 167 68.95 -9.78 -52.51
N HIS H 168 68.59 -11.00 -52.95
CA HIS H 168 68.63 -12.21 -52.11
C HIS H 168 69.28 -13.38 -52.87
N SER H 169 69.40 -13.29 -54.21
CA SER H 169 70.08 -14.30 -55.01
C SER H 169 71.56 -13.96 -55.05
N GLY H 170 72.39 -14.98 -54.83
CA GLY H 170 73.84 -14.85 -54.77
C GLY H 170 74.33 -14.24 -53.47
N VAL H 171 73.45 -14.14 -52.46
CA VAL H 171 73.81 -13.58 -51.18
C VAL H 171 73.99 -14.71 -50.17
N CYS H 172 74.92 -14.50 -49.24
CA CYS H 172 75.30 -15.43 -48.19
C CYS H 172 75.82 -14.68 -46.99
N THR H 173 75.07 -14.66 -45.89
CA THR H 173 75.53 -14.03 -44.65
C THR H 173 75.86 -15.12 -43.63
N ASP H 174 76.89 -14.90 -42.80
CA ASP H 174 77.20 -15.88 -41.76
C ASP H 174 75.98 -16.07 -40.86
N PRO H 175 75.63 -17.33 -40.54
CA PRO H 175 74.44 -17.58 -39.70
C PRO H 175 74.57 -17.07 -38.27
N GLN H 176 75.81 -17.07 -37.77
CA GLN H 176 76.16 -16.61 -36.44
C GLN H 176 77.33 -15.66 -36.52
N PRO H 177 77.34 -14.57 -35.72
CA PRO H 177 78.51 -13.69 -35.70
C PRO H 177 79.66 -14.35 -34.96
N LEU H 178 80.88 -13.94 -35.26
CA LEU H 178 81.99 -14.52 -34.54
C LEU H 178 82.49 -13.56 -33.45
N LYS H 179 83.01 -14.14 -32.34
CA LYS H 179 83.59 -13.43 -31.21
C LYS H 179 85.02 -13.00 -31.56
N GLU H 180 85.32 -11.70 -31.53
CA GLU H 180 86.65 -11.20 -31.89
C GLU H 180 87.68 -11.65 -30.86
N GLN H 181 87.28 -11.69 -29.56
CA GLN H 181 88.10 -12.17 -28.44
C GLN H 181 87.35 -13.35 -27.81
N PRO H 182 87.49 -14.57 -28.37
CA PRO H 182 86.73 -15.74 -27.86
C PRO H 182 86.84 -16.02 -26.37
N ALA H 183 87.85 -15.43 -25.70
CA ALA H 183 88.10 -15.57 -24.26
C ALA H 183 87.12 -14.72 -23.43
N LEU H 184 87.04 -13.40 -23.71
CA LEU H 184 86.22 -12.38 -23.01
C LEU H 184 84.69 -12.66 -23.04
N ASN H 185 84.01 -12.40 -21.89
CA ASN H 185 82.56 -12.57 -21.76
C ASN H 185 81.78 -11.35 -22.39
N ASP H 186 82.48 -10.22 -22.59
CA ASP H 186 82.01 -8.92 -23.10
C ASP H 186 82.58 -8.57 -24.50
N SER H 187 83.14 -9.57 -25.20
CA SER H 187 83.82 -9.45 -26.50
C SER H 187 82.91 -8.87 -27.58
N ARG H 188 83.53 -8.12 -28.50
CA ARG H 188 82.85 -7.53 -29.63
C ARG H 188 82.81 -8.57 -30.75
N TYR H 189 81.85 -8.42 -31.69
CA TYR H 189 81.68 -9.40 -32.76
C TYR H 189 82.06 -8.86 -34.15
N ALA H 190 82.12 -9.79 -35.10
CA ALA H 190 82.33 -9.57 -36.55
C ALA H 190 81.34 -10.40 -37.31
N LEU H 191 80.85 -9.86 -38.42
CA LEU H 191 79.93 -10.61 -39.27
C LEU H 191 80.23 -10.27 -40.71
N SER H 192 80.48 -11.30 -41.53
CA SER H 192 80.77 -11.20 -42.96
C SER H 192 79.63 -11.74 -43.79
N SER H 193 79.52 -11.21 -45.02
CA SER H 193 78.52 -11.62 -45.99
C SER H 193 79.12 -11.62 -47.39
N ARG H 194 78.57 -12.43 -48.30
CA ARG H 194 79.08 -12.45 -49.68
C ARG H 194 77.94 -12.18 -50.63
N LEU H 195 78.23 -11.54 -51.77
CA LEU H 195 77.30 -11.28 -52.88
C LEU H 195 78.04 -11.60 -54.18
N ARG H 196 77.53 -12.58 -54.93
CA ARG H 196 78.20 -13.04 -56.14
C ARG H 196 77.36 -12.74 -57.36
N VAL H 197 77.98 -11.99 -58.27
CA VAL H 197 77.42 -11.54 -59.54
C VAL H 197 78.26 -12.13 -60.70
N SER H 198 77.84 -11.90 -61.95
CA SER H 198 78.61 -12.37 -63.09
C SER H 198 79.77 -11.43 -63.29
N ALA H 199 80.84 -11.90 -63.96
CA ALA H 199 82.00 -11.07 -64.23
C ALA H 199 81.58 -9.79 -64.96
N THR H 200 80.70 -9.91 -65.98
CA THR H 200 80.22 -8.78 -66.79
C THR H 200 79.24 -7.86 -66.03
N PHE H 201 78.70 -8.31 -64.89
CA PHE H 201 77.82 -7.45 -64.10
C PHE H 201 78.69 -6.51 -63.28
N TRP H 202 79.69 -7.05 -62.56
CA TRP H 202 80.65 -6.27 -61.76
C TRP H 202 81.49 -5.33 -62.63
N GLN H 203 81.84 -5.78 -63.86
CA GLN H 203 82.67 -5.06 -64.82
C GLN H 203 81.91 -3.95 -65.52
N ASN H 204 80.84 -3.48 -64.90
CA ASN H 204 80.02 -2.39 -65.41
C ASN H 204 80.05 -1.26 -64.36
N PRO H 205 80.67 -0.10 -64.68
CA PRO H 205 80.76 1.00 -63.69
C PRO H 205 79.42 1.67 -63.36
N ARG H 206 78.36 1.33 -64.12
CA ARG H 206 77.02 1.84 -63.94
C ARG H 206 76.31 1.16 -62.78
N ASN H 207 76.85 0.04 -62.29
CA ASN H 207 76.28 -0.77 -61.21
C ASN H 207 76.83 -0.37 -59.84
N HIS H 208 75.91 -0.08 -58.92
CA HIS H 208 76.20 0.30 -57.54
C HIS H 208 75.89 -0.87 -56.62
N PHE H 209 76.79 -1.15 -55.67
CA PHE H 209 76.57 -2.23 -54.72
C PHE H 209 76.73 -1.70 -53.33
N ARG H 210 75.74 -1.92 -52.48
CA ARG H 210 75.85 -1.40 -51.12
C ARG H 210 75.60 -2.51 -50.10
N CYS H 211 76.51 -2.60 -49.13
CA CYS H 211 76.36 -3.49 -47.98
C CYS H 211 75.77 -2.64 -46.83
N GLN H 212 74.53 -2.95 -46.42
CA GLN H 212 73.84 -2.24 -45.35
C GLN H 212 73.78 -3.07 -44.07
N VAL H 213 74.18 -2.46 -42.94
CA VAL H 213 74.14 -3.14 -41.64
C VAL H 213 73.28 -2.34 -40.68
N GLN H 214 72.16 -2.95 -40.22
CA GLN H 214 71.23 -2.37 -39.23
C GLN H 214 71.67 -2.78 -37.86
N PHE H 215 72.04 -1.78 -37.02
CA PHE H 215 72.50 -2.00 -35.65
C PHE H 215 71.41 -1.67 -34.67
N TYR H 216 71.18 -2.61 -33.75
CA TYR H 216 70.20 -2.45 -32.68
C TYR H 216 70.97 -2.18 -31.39
N GLY H 217 70.94 -0.91 -30.96
CA GLY H 217 71.67 -0.46 -29.79
C GLY H 217 70.84 0.24 -28.75
N LEU H 218 71.42 1.28 -28.15
CA LEU H 218 70.81 2.07 -27.07
C LEU H 218 69.65 2.94 -27.56
N SER H 219 68.79 3.34 -26.61
CA SER H 219 67.61 4.18 -26.84
C SER H 219 68.00 5.64 -26.85
N GLU H 220 67.06 6.53 -27.25
CA GLU H 220 67.27 7.97 -27.22
C GLU H 220 67.09 8.48 -25.76
N ASN H 221 66.30 7.73 -24.93
CA ASN H 221 66.03 8.02 -23.52
C ASN H 221 67.10 7.43 -22.58
N ASP H 222 68.11 6.73 -23.16
CA ASP H 222 69.21 6.12 -22.40
C ASP H 222 70.32 7.13 -22.16
N GLU H 223 70.84 7.18 -20.91
CA GLU H 223 71.90 8.10 -20.50
C GLU H 223 73.28 7.59 -20.96
N TRP H 224 74.16 8.51 -21.39
CA TRP H 224 75.52 8.20 -21.87
C TRP H 224 76.54 9.19 -21.28
N THR H 225 77.53 8.65 -20.56
CA THR H 225 78.57 9.42 -19.90
C THR H 225 79.84 9.45 -20.76
N GLN H 226 80.20 8.31 -21.40
CA GLN H 226 81.41 8.11 -22.22
C GLN H 226 81.64 9.21 -23.28
N ASP H 227 82.92 9.63 -23.45
CA ASP H 227 83.33 10.68 -24.38
C ASP H 227 83.45 10.18 -25.85
N ARG H 228 82.70 9.11 -26.21
CA ARG H 228 82.55 8.58 -27.57
C ARG H 228 81.06 8.70 -27.93
N ALA H 229 80.71 8.73 -29.22
CA ALA H 229 79.31 8.88 -29.64
C ALA H 229 78.39 7.74 -29.09
N LYS H 230 77.21 8.10 -28.53
CA LYS H 230 76.23 7.15 -27.97
C LYS H 230 75.91 6.04 -29.00
N PRO H 231 76.14 4.74 -28.66
CA PRO H 231 75.88 3.66 -29.63
C PRO H 231 74.38 3.33 -29.78
N VAL H 232 73.62 4.32 -30.29
CA VAL H 232 72.19 4.24 -30.54
C VAL H 232 71.93 3.32 -31.72
N THR H 233 70.70 2.80 -31.83
CA THR H 233 70.23 2.02 -32.96
C THR H 233 70.50 2.87 -34.23
N GLN H 234 71.23 2.30 -35.21
CA GLN H 234 71.63 3.03 -36.42
C GLN H 234 71.95 2.10 -37.59
N ILE H 235 72.02 2.70 -38.80
CA ILE H 235 72.40 1.99 -40.02
C ILE H 235 73.84 2.39 -40.36
N VAL H 236 74.70 1.39 -40.61
CA VAL H 236 76.09 1.61 -41.01
C VAL H 236 76.26 0.92 -42.37
N SER H 237 76.75 1.67 -43.36
CA SER H 237 76.87 1.17 -44.72
C SER H 237 78.27 1.28 -45.29
N ALA H 238 78.50 0.49 -46.35
CA ALA H 238 79.70 0.43 -47.17
C ALA H 238 79.27 0.17 -48.63
N GLU H 239 79.73 1.00 -49.56
CA GLU H 239 79.34 0.87 -50.95
C GLU H 239 80.56 0.65 -51.85
N ALA H 240 80.29 0.28 -53.11
CA ALA H 240 81.26 0.07 -54.17
C ALA H 240 80.57 0.14 -55.53
N TRP H 241 81.24 0.78 -56.49
CA TRP H 241 80.76 0.89 -57.86
C TRP H 241 81.53 -0.12 -58.70
N GLY H 242 81.00 -0.48 -59.86
CA GLY H 242 81.65 -1.43 -60.75
C GLY H 242 82.97 -0.95 -61.36
N ARG H 243 83.86 -1.89 -61.68
CA ARG H 243 85.18 -1.62 -62.27
C ARG H 243 85.27 -2.24 -63.65
N ALA H 244 85.52 -1.40 -64.68
CA ALA H 244 85.65 -1.78 -66.10
C ALA H 244 86.92 -2.62 -66.36
N PRO I 2 -47.33 8.21 39.00
CA PRO I 2 -48.71 8.08 38.48
C PRO I 2 -48.99 9.09 37.37
N SER I 3 -49.52 8.56 36.26
CA SER I 3 -49.88 9.29 35.04
C SER I 3 -50.91 10.36 35.33
N GLY I 4 -50.64 11.56 34.85
CA GLY I 4 -51.49 12.71 35.06
C GLY I 4 -52.76 12.61 34.26
N GLU I 5 -53.91 12.90 34.90
CA GLU I 5 -55.23 12.85 34.29
C GLU I 5 -55.35 13.89 33.20
N GLY I 6 -55.97 13.50 32.10
CA GLY I 6 -56.24 14.44 31.01
C GLY I 6 -57.47 15.27 31.35
N SER I 7 -57.65 16.40 30.67
CA SER I 7 -58.81 17.27 30.86
C SER I 7 -59.07 18.12 29.61
N PHE I 8 -60.35 18.39 29.31
CA PHE I 8 -60.69 19.22 28.15
C PHE I 8 -60.36 20.67 28.45
N GLN I 9 -60.10 21.47 27.42
CA GLN I 9 -59.86 22.88 27.64
C GLN I 9 -60.96 23.70 27.01
N PRO I 10 -61.54 24.69 27.74
CA PRO I 10 -62.55 25.52 27.11
C PRO I 10 -61.93 26.33 25.96
N SER I 11 -62.66 26.43 24.85
CA SER I 11 -62.22 27.29 23.77
C SER I 11 -62.54 28.71 24.24
N GLN I 12 -61.66 29.65 23.92
CA GLN I 12 -61.75 31.03 24.38
C GLN I 12 -62.64 31.86 23.46
N GLU I 13 -63.66 32.54 24.03
CA GLU I 13 -64.59 33.40 23.29
C GLU I 13 -63.82 34.51 22.59
N ASN I 14 -64.22 34.91 21.36
CA ASN I 14 -63.51 35.95 20.62
C ASN I 14 -63.50 37.30 21.38
N PRO I 15 -62.29 37.83 21.68
CA PRO I 15 -62.22 39.13 22.40
C PRO I 15 -62.73 40.31 21.55
N GLN I 16 -62.54 40.26 20.19
CA GLN I 16 -62.98 41.32 19.27
C GLN I 16 -64.38 41.02 18.74
N ALA J 1 49.20 -45.31 -13.80
CA ALA J 1 48.51 -44.00 -13.81
C ALA J 1 47.15 -44.03 -14.60
N PRO J 2 46.04 -43.39 -14.10
CA PRO J 2 44.75 -43.49 -14.81
C PRO J 2 44.65 -42.53 -15.98
N SER J 3 44.17 -43.06 -17.10
CA SER J 3 43.97 -42.39 -18.37
C SER J 3 42.97 -41.22 -18.21
N GLY J 4 43.32 -40.06 -18.72
CA GLY J 4 42.51 -38.87 -18.59
C GLY J 4 41.26 -38.94 -19.44
N GLU J 5 40.11 -38.58 -18.85
CA GLU J 5 38.81 -38.58 -19.50
C GLU J 5 38.78 -37.54 -20.61
N GLY J 6 38.20 -37.90 -21.74
CA GLY J 6 37.99 -36.98 -22.85
C GLY J 6 36.77 -36.13 -22.57
N SER J 7 36.64 -34.99 -23.28
CA SER J 7 35.52 -34.06 -23.11
C SER J 7 35.31 -33.23 -24.38
N PHE J 8 34.06 -32.90 -24.71
CA PHE J 8 33.79 -32.05 -25.87
C PHE J 8 34.15 -30.59 -25.55
N GLN J 9 34.52 -29.82 -26.57
CA GLN J 9 34.82 -28.41 -26.39
C GLN J 9 33.76 -27.56 -27.08
N PRO J 10 33.23 -26.52 -26.41
CA PRO J 10 32.25 -25.67 -27.09
C PRO J 10 32.91 -24.88 -28.21
N SER J 11 32.24 -24.78 -29.35
CA SER J 11 32.74 -23.94 -30.41
C SER J 11 32.40 -22.50 -29.99
N GLN J 12 33.31 -21.58 -30.29
CA GLN J 12 33.26 -20.19 -29.88
C GLN J 12 32.45 -19.37 -30.87
N GLU J 13 31.46 -18.62 -30.35
CA GLU J 13 30.59 -17.74 -31.16
C GLU J 13 31.44 -16.67 -31.84
N ASN J 14 31.08 -16.26 -33.08
CA ASN J 14 31.87 -15.25 -33.81
C ASN J 14 31.91 -13.91 -33.07
N PRO J 15 33.13 -13.43 -32.73
CA PRO J 15 33.24 -12.14 -32.00
C PRO J 15 32.83 -10.93 -32.90
N GLN J 16 33.09 -11.01 -34.24
CA GLN J 16 32.74 -9.93 -35.19
C GLN J 16 31.35 -10.16 -35.77
#